data_2CKF
#
_entry.id   2CKF
#
_cell.length_a   92.644
_cell.length_b   112.730
_cell.length_c   190.626
_cell.angle_alpha   90.00
_cell.angle_beta   90.00
_cell.angle_gamma   90.00
#
_symmetry.space_group_name_H-M   'P 21 21 21'
#
loop_
_entity.id
_entity.type
_entity.pdbx_description
1 polymer 'RING-HYDROXYLATING DIOXYGENASE ALPHA SUBUNIT'
2 polymer 'RING-HYDROXYLATING DIOXYGENASE BETA SUBUNIT'
3 non-polymer 'FE2/S2 (INORGANIC) CLUSTER'
4 non-polymer 'FE (III) ION'
5 water water
#
loop_
_entity_poly.entity_id
_entity_poly.type
_entity_poly.pdbx_seq_one_letter_code
_entity_poly.pdbx_strand_id
1 'polypeptide(L)'
;MSGDTTLVDTVNASQSRQVFWDRDVYDLEIERIFSRAWLMLGHKSLLPKPGDFITTYMAEDKIILSHQSDGTFRAFINSC
THRGNQICHADSGNAKAFVCNYHGWVYGQDGSLVDVPLESRCYHNKLDKQELAAKSVRVETYKGFIFGCHDPEAPSLEDY
LGEFRFYLDTIWEGGGAGLELLGPPMKSLLHCNWKVPVENFVGDGYHVGWTHAAALGQIGGPLAGLAGNRADIPFDDLGL
QFTTRHGHGFGVIDNAAAAIHRKGDGWNKYLEDTRGEVRRKFGADRERLYVGHWNGAIFPNCSFLYGTNTFKIWHPRGPH
EIEVWTYTMVPSDADPATKSAIQREATRTFGTAGTLESDDGENMSSATYVNRGVITRDGMMNSTMGVGYEGPHPVYPGIV
GISFIGETSYRGFYRFWKEMIDAPDWASVKANDDNWDSVFTNRNFWNEKLNAAE
;
A,C,E
2 'polypeptide(L)'
;MSTEQVPVTPDVHYAVEAHYRAEVRLLQTGQYREWLHGMVAEDIHYWMPIYEQRFVRDRRPDPTPDDAAIYNDDFEELKQ
RVERLYSGQVWMEDPPSKIRYFVSNVEAFEAENGELDVLSNILVYRNRRQTEVTVHTLGREDKLRQDGNGFKVFRRKLIL
DARVTQDKNLYFFC
;
B,D,F
#
# COMPACT_ATOMS: atom_id res chain seq x y z
N MET A 1 -9.33 2.69 29.86
CA MET A 1 -10.78 2.49 30.20
C MET A 1 -11.07 2.45 31.70
N SER A 2 -10.05 2.77 32.49
CA SER A 2 -10.15 2.58 33.93
C SER A 2 -10.97 3.68 34.61
N GLY A 3 -11.05 4.87 34.01
CA GLY A 3 -11.71 6.00 34.67
C GLY A 3 -10.68 6.98 35.20
N ASP A 4 -9.44 6.50 35.29
CA ASP A 4 -8.28 7.29 35.68
C ASP A 4 -7.05 6.70 34.95
N THR A 5 -7.03 6.87 33.62
CA THR A 5 -5.98 6.29 32.80
C THR A 5 -4.56 6.68 33.24
N THR A 6 -3.69 5.68 33.28
CA THR A 6 -2.25 5.90 33.48
C THR A 6 -1.48 6.25 32.17
N LEU A 7 -2.20 6.30 31.06
CA LEU A 7 -1.60 6.69 29.80
C LEU A 7 -1.03 8.09 29.81
N VAL A 8 -1.62 8.97 30.63
CA VAL A 8 -1.07 10.30 30.79
C VAL A 8 -0.87 10.53 32.28
N ASP A 9 0.31 11.00 32.65
CA ASP A 9 0.65 11.32 34.04
C ASP A 9 0.74 12.84 34.16
N THR A 10 -0.23 13.40 34.86
CA THR A 10 -0.33 14.84 34.99
C THR A 10 0.45 15.30 36.24
N VAL A 11 0.83 14.39 37.10
CA VAL A 11 1.71 14.72 38.23
C VAL A 11 3.16 14.92 37.80
N ASN A 12 3.67 13.99 37.00
CA ASN A 12 5.04 14.05 36.52
C ASN A 12 5.21 14.52 35.06
N ALA A 13 4.13 14.96 34.41
CA ALA A 13 4.16 15.53 33.06
C ALA A 13 4.84 14.61 32.03
N SER A 14 4.24 13.44 31.86
CA SER A 14 4.73 12.44 30.88
C SER A 14 3.54 11.66 30.32
N GLN A 15 3.73 11.06 29.14
CA GLN A 15 2.62 10.33 28.48
C GLN A 15 3.20 9.04 27.93
N SER A 16 2.37 8.01 27.91
CA SER A 16 2.81 6.69 27.47
C SER A 16 2.97 6.74 25.94
N ARG A 17 4.02 6.09 25.43
CA ARG A 17 4.17 5.92 23.98
C ARG A 17 2.92 5.30 23.36
N GLN A 18 2.14 4.56 24.16
CA GLN A 18 0.93 3.93 23.62
C GLN A 18 -0.03 4.91 22.99
N VAL A 19 -0.04 6.14 23.49
CA VAL A 19 -0.94 7.15 22.94
C VAL A 19 -0.67 7.46 21.45
N PHE A 20 0.55 7.26 20.97
CA PHE A 20 0.84 7.49 19.53
C PHE A 20 0.60 6.22 18.68
N TRP A 21 0.28 5.08 19.30
CA TRP A 21 0.39 3.81 18.61
C TRP A 21 -0.87 2.92 18.72
N ASP A 22 -1.34 2.75 19.95
CA ASP A 22 -2.34 1.70 20.23
CA ASP A 22 -2.35 1.71 20.25
C ASP A 22 -3.72 1.97 19.61
N ARG A 23 -4.24 0.96 18.92
CA ARG A 23 -5.54 1.10 18.23
C ARG A 23 -6.72 1.29 19.17
N ASP A 24 -6.74 0.55 20.28
CA ASP A 24 -7.81 0.70 21.27
CA ASP A 24 -7.80 0.70 21.29
C ASP A 24 -7.88 2.13 21.85
N VAL A 25 -6.73 2.73 22.12
CA VAL A 25 -6.69 4.14 22.57
C VAL A 25 -7.30 5.04 21.48
N TYR A 26 -6.91 4.82 20.22
CA TYR A 26 -7.42 5.61 19.12
C TYR A 26 -8.94 5.52 18.98
N ASP A 27 -9.47 4.30 19.04
CA ASP A 27 -10.94 4.13 18.97
C ASP A 27 -11.64 4.85 20.11
N LEU A 28 -11.01 4.88 21.28
CA LEU A 28 -11.63 5.65 22.40
C LEU A 28 -11.56 7.14 22.13
N GLU A 29 -10.44 7.60 21.56
CA GLU A 29 -10.37 8.98 21.14
C GLU A 29 -11.48 9.36 20.17
N ILE A 30 -11.74 8.52 19.19
CA ILE A 30 -12.77 8.80 18.25
C ILE A 30 -14.10 8.99 19.03
N GLU A 31 -14.37 8.09 19.95
CA GLU A 31 -15.61 8.14 20.75
C GLU A 31 -15.68 9.34 21.74
N ARG A 32 -14.61 9.59 22.48
CA ARG A 32 -14.64 10.52 23.62
C ARG A 32 -14.00 11.87 23.32
N ILE A 33 -13.30 11.96 22.19
CA ILE A 33 -12.87 13.28 21.68
C ILE A 33 -13.54 13.71 20.39
N PHE A 34 -13.31 12.97 19.31
CA PHE A 34 -13.72 13.48 18.03
C PHE A 34 -15.21 13.45 17.86
N SER A 35 -15.88 12.51 18.52
CA SER A 35 -17.38 12.47 18.44
C SER A 35 -18.07 13.33 19.51
N ARG A 36 -17.28 13.98 20.34
CA ARG A 36 -17.81 14.84 21.44
C ARG A 36 -17.41 16.32 21.39
N ALA A 37 -16.26 16.65 20.79
CA ALA A 37 -15.70 18.03 20.85
C ALA A 37 -16.16 18.89 19.69
N TRP A 38 -15.94 20.21 19.72
CA TRP A 38 -16.17 21.06 18.53
C TRP A 38 -14.94 20.95 17.60
N LEU A 39 -15.16 20.60 16.34
CA LEU A 39 -14.08 20.45 15.35
C LEU A 39 -14.13 21.57 14.30
N MET A 40 -12.95 22.06 13.89
CA MET A 40 -12.84 23.09 12.87
C MET A 40 -13.30 22.60 11.51
N LEU A 41 -14.29 23.29 10.93
CA LEU A 41 -14.78 22.96 9.59
C LEU A 41 -14.24 23.94 8.57
N GLY A 42 -14.01 25.19 8.97
CA GLY A 42 -13.50 26.24 8.05
C GLY A 42 -13.91 27.64 8.46
N HIS A 43 -14.22 28.48 7.48
CA HIS A 43 -14.61 29.87 7.73
C HIS A 43 -15.68 30.28 6.74
N LYS A 44 -16.58 31.19 7.13
CA LYS A 44 -17.56 31.78 6.22
C LYS A 44 -16.90 32.24 4.92
N SER A 45 -15.64 32.71 5.01
CA SER A 45 -14.93 33.17 3.81
C SER A 45 -14.76 32.10 2.74
N LEU A 46 -14.83 30.81 3.12
CA LEU A 46 -14.63 29.73 2.16
C LEU A 46 -15.94 29.41 1.46
N LEU A 47 -17.05 29.94 1.98
CA LEU A 47 -18.37 29.71 1.35
C LEU A 47 -19.27 30.92 1.64
N PRO A 48 -18.85 32.07 1.12
CA PRO A 48 -19.31 33.37 1.56
C PRO A 48 -20.72 33.81 1.12
N LYS A 49 -21.27 33.12 0.12
CA LYS A 49 -22.59 33.50 -0.45
C LYS A 49 -23.60 32.38 -0.35
N PRO A 50 -24.89 32.73 -0.21
CA PRO A 50 -25.94 31.68 -0.17
C PRO A 50 -25.73 30.65 -1.26
N GLY A 51 -25.84 29.39 -0.88
CA GLY A 51 -25.65 28.25 -1.79
C GLY A 51 -24.21 27.77 -1.90
N ASP A 52 -23.24 28.59 -1.47
CA ASP A 52 -21.84 28.13 -1.52
C ASP A 52 -21.69 26.96 -0.55
N PHE A 53 -20.82 26.02 -0.87
CA PHE A 53 -20.56 24.87 0.04
C PHE A 53 -19.11 24.44 -0.07
N ILE A 54 -18.65 23.70 0.93
CA ILE A 54 -17.41 22.95 0.84
C ILE A 54 -17.67 21.54 1.38
N THR A 55 -16.83 20.61 0.97
CA THR A 55 -16.82 19.31 1.60
C THR A 55 -15.60 19.30 2.51
N THR A 56 -15.75 18.65 3.66
CA THR A 56 -14.62 18.56 4.60
C THR A 56 -14.72 17.31 5.46
N TYR A 57 -13.75 17.07 6.31
CA TYR A 57 -13.84 16.05 7.28
C TYR A 57 -14.11 16.54 8.68
N MET A 58 -14.76 15.66 9.45
CA MET A 58 -14.72 15.67 10.90
C MET A 58 -14.15 14.33 11.31
N ALA A 59 -12.86 14.34 11.62
CA ALA A 59 -12.08 13.13 11.87
C ALA A 59 -12.18 12.20 10.63
N GLU A 60 -12.80 11.03 10.76
CA GLU A 60 -12.93 10.09 9.60
C GLU A 60 -14.28 10.19 8.93
N ASP A 61 -15.15 11.10 9.37
CA ASP A 61 -16.44 11.29 8.73
C ASP A 61 -16.40 12.41 7.71
N LYS A 62 -16.87 12.12 6.49
CA LYS A 62 -17.08 13.18 5.49
C LYS A 62 -18.33 14.01 5.72
N ILE A 63 -18.20 15.33 5.62
CA ILE A 63 -19.39 16.19 5.70
C ILE A 63 -19.51 17.17 4.54
N ILE A 64 -20.73 17.70 4.35
CA ILE A 64 -21.00 18.82 3.45
C ILE A 64 -21.40 19.99 4.36
N LEU A 65 -20.82 21.15 4.11
CA LEU A 65 -21.10 22.37 4.86
C LEU A 65 -21.61 23.39 3.87
N SER A 66 -22.81 23.92 4.11
CA SER A 66 -23.52 24.75 3.15
C SER A 66 -24.03 26.06 3.76
N HIS A 67 -23.87 27.14 3.00
CA HIS A 67 -24.36 28.49 3.33
C HIS A 67 -25.83 28.47 2.88
N GLN A 68 -26.76 28.41 3.85
CA GLN A 68 -28.21 28.44 3.58
C GLN A 68 -28.73 29.75 2.96
N SER A 69 -29.89 29.68 2.30
CA SER A 69 -30.58 30.93 1.83
C SER A 69 -30.72 32.02 2.87
N ASP A 70 -31.10 31.68 4.11
CA ASP A 70 -31.20 32.66 5.23
C ASP A 70 -29.88 33.23 5.72
N GLY A 71 -28.77 32.66 5.25
CA GLY A 71 -27.46 33.13 5.64
C GLY A 71 -26.88 32.40 6.85
N THR A 72 -27.58 31.38 7.35
CA THR A 72 -27.01 30.54 8.39
C THR A 72 -26.23 29.41 7.73
N PHE A 73 -25.53 28.63 8.54
CA PHE A 73 -24.67 27.59 7.98
C PHE A 73 -25.14 26.28 8.55
N ARG A 74 -25.23 25.24 7.73
CA ARG A 74 -25.58 23.91 8.18
C ARG A 74 -24.62 22.91 7.60
N ALA A 75 -24.55 21.77 8.26
CA ALA A 75 -23.69 20.68 7.85
C ALA A 75 -24.40 19.35 8.01
N PHE A 76 -24.08 18.41 7.15
CA PHE A 76 -24.61 17.06 7.30
C PHE A 76 -23.60 16.03 6.75
N ILE A 77 -23.77 14.79 7.19
CA ILE A 77 -22.97 13.63 6.78
C ILE A 77 -23.11 13.43 5.27
N ASN A 78 -21.97 13.29 4.59
CA ASN A 78 -21.92 13.21 3.14
C ASN A 78 -22.13 11.73 2.70
N SER A 79 -23.30 11.18 3.05
CA SER A 79 -23.56 9.81 2.72
C SER A 79 -25.08 9.70 2.61
N CYS A 80 -25.51 9.12 1.50
CA CYS A 80 -26.93 8.84 1.18
C CYS A 80 -27.61 7.89 2.15
N THR A 81 -28.86 8.14 2.52
CA THR A 81 -29.60 7.27 3.45
C THR A 81 -30.32 6.12 2.73
N HIS A 82 -30.10 6.03 1.42
CA HIS A 82 -30.57 4.86 0.66
C HIS A 82 -29.58 3.74 0.86
N ARG A 83 -28.52 3.65 0.02
CA ARG A 83 -27.51 2.58 0.21
C ARG A 83 -26.14 3.11 0.67
N GLY A 84 -26.11 4.40 1.05
CA GLY A 84 -24.93 4.98 1.75
C GLY A 84 -23.86 5.64 0.89
N ASN A 85 -24.06 5.65 -0.42
CA ASN A 85 -23.14 6.33 -1.38
C ASN A 85 -22.80 7.78 -1.01
N GLN A 86 -21.53 8.17 -1.19
CA GLN A 86 -21.14 9.53 -0.94
C GLN A 86 -21.94 10.39 -1.89
N ILE A 87 -22.51 11.47 -1.35
CA ILE A 87 -23.41 12.33 -2.12
C ILE A 87 -22.64 13.31 -2.98
N CYS A 88 -21.64 13.98 -2.40
CA CYS A 88 -20.96 15.09 -3.08
C CYS A 88 -19.49 14.86 -3.18
N HIS A 89 -18.97 14.93 -4.41
CA HIS A 89 -17.54 14.76 -4.67
C HIS A 89 -16.79 16.07 -4.99
N ALA A 90 -17.47 17.21 -5.00
CA ALA A 90 -16.73 18.43 -5.30
C ALA A 90 -16.12 18.94 -4.01
N ASP A 91 -14.96 19.61 -4.11
CA ASP A 91 -14.34 20.24 -2.96
C ASP A 91 -15.14 21.46 -2.50
N SER A 92 -15.71 22.17 -3.45
CA SER A 92 -16.50 23.38 -3.22
C SER A 92 -17.30 23.71 -4.46
N GLY A 93 -18.13 24.72 -4.30
CA GLY A 93 -19.06 25.12 -5.35
C GLY A 93 -20.25 25.85 -4.78
N ASN A 94 -21.27 26.00 -5.63
CA ASN A 94 -22.54 26.54 -5.25
C ASN A 94 -23.63 25.58 -5.72
N ALA A 95 -24.50 25.22 -4.78
CA ALA A 95 -25.58 24.24 -5.05
C ALA A 95 -26.79 24.52 -4.19
N LYS A 96 -27.97 24.44 -4.82
CA LYS A 96 -29.24 24.45 -4.09
C LYS A 96 -29.62 23.03 -3.66
N ALA A 97 -28.97 22.03 -4.23
CA ALA A 97 -29.27 20.64 -3.92
C ALA A 97 -28.05 19.80 -4.21
N PHE A 98 -28.02 18.64 -3.59
CA PHE A 98 -26.94 17.68 -3.67
C PHE A 98 -27.53 16.34 -4.04
N VAL A 99 -27.10 15.80 -5.17
CA VAL A 99 -27.72 14.60 -5.74
C VAL A 99 -26.90 13.36 -5.57
N CYS A 100 -27.47 12.29 -5.02
CA CYS A 100 -26.72 11.08 -4.97
C CYS A 100 -26.75 10.40 -6.34
N ASN A 101 -25.59 10.16 -6.93
CA ASN A 101 -25.64 9.70 -8.32
C ASN A 101 -25.77 8.17 -8.46
N TYR A 102 -26.06 7.46 -7.37
CA TYR A 102 -26.35 6.00 -7.52
C TYR A 102 -27.80 5.90 -8.08
N HIS A 103 -28.81 6.34 -7.31
CA HIS A 103 -30.20 6.25 -7.79
C HIS A 103 -30.87 7.62 -7.92
N GLY A 104 -30.16 8.69 -7.57
CA GLY A 104 -30.65 10.03 -7.87
C GLY A 104 -31.42 10.70 -6.73
N TRP A 105 -31.38 10.15 -5.53
CA TRP A 105 -31.96 10.82 -4.33
C TRP A 105 -31.36 12.20 -4.19
N VAL A 106 -32.21 13.18 -3.84
CA VAL A 106 -31.83 14.61 -3.85
C VAL A 106 -31.95 15.17 -2.43
N TYR A 107 -30.87 15.77 -1.95
CA TYR A 107 -30.82 16.36 -0.63
C TYR A 107 -30.75 17.90 -0.75
N GLY A 108 -31.38 18.60 0.19
CA GLY A 108 -31.38 20.03 0.20
C GLY A 108 -30.15 20.53 0.91
N GLN A 109 -30.05 21.84 1.02
CA GLN A 109 -28.88 22.46 1.66
C GLN A 109 -28.67 22.09 3.13
N ASP A 110 -29.70 21.51 3.77
CA ASP A 110 -29.60 21.15 5.17
C ASP A 110 -29.59 19.65 5.39
N GLY A 111 -29.51 18.90 4.28
CA GLY A 111 -29.38 17.44 4.35
C GLY A 111 -30.73 16.75 4.33
N SER A 112 -31.80 17.55 4.27
CA SER A 112 -33.17 16.98 4.16
C SER A 112 -33.29 16.22 2.83
N LEU A 113 -34.03 15.10 2.83
CA LEU A 113 -34.34 14.43 1.58
C LEU A 113 -35.55 15.09 0.89
N VAL A 114 -35.29 15.79 -0.21
CA VAL A 114 -36.33 16.61 -0.85
C VAL A 114 -37.07 15.95 -2.04
N ASP A 115 -36.40 15.00 -2.70
CA ASP A 115 -36.93 14.36 -3.89
C ASP A 115 -36.30 13.00 -4.08
N VAL A 116 -37.11 12.04 -4.50
CA VAL A 116 -36.56 10.77 -4.97
C VAL A 116 -37.18 10.51 -6.34
N PRO A 117 -36.36 10.05 -7.29
CA PRO A 117 -36.90 9.60 -8.56
C PRO A 117 -37.97 8.57 -8.34
N LEU A 118 -39.07 8.74 -9.07
CA LEU A 118 -40.15 7.73 -9.14
C LEU A 118 -40.84 7.54 -7.79
N GLU A 119 -40.90 8.63 -7.02
CA GLU A 119 -41.52 8.59 -5.70
C GLU A 119 -43.00 8.10 -5.80
N SER A 120 -43.72 8.67 -6.76
CA SER A 120 -45.13 8.33 -7.00
C SER A 120 -45.25 6.93 -7.62
N ARG A 121 -44.67 6.75 -8.81
CA ARG A 121 -44.69 5.48 -9.53
C ARG A 121 -44.20 4.26 -8.74
N CYS A 122 -42.97 4.35 -8.21
CA CYS A 122 -42.30 3.15 -7.68
C CYS A 122 -42.29 3.02 -6.16
N TYR A 123 -42.31 4.14 -5.43
CA TYR A 123 -42.36 4.06 -3.96
C TYR A 123 -43.82 4.10 -3.48
N HIS A 124 -44.71 4.55 -4.37
CA HIS A 124 -46.17 4.63 -4.09
C HIS A 124 -46.44 5.70 -3.03
N ASN A 125 -45.66 6.77 -3.11
CA ASN A 125 -45.61 7.83 -2.09
C ASN A 125 -45.64 7.24 -0.68
N LYS A 126 -44.98 6.11 -0.48
CA LYS A 126 -45.01 5.47 0.83
C LYS A 126 -43.70 5.70 1.61
N LEU A 127 -42.72 6.31 0.95
CA LEU A 127 -41.43 6.55 1.59
C LEU A 127 -41.55 7.86 2.30
N ASP A 128 -41.33 7.89 3.60
CA ASP A 128 -41.37 9.23 4.19
C ASP A 128 -39.96 9.83 4.36
N LYS A 129 -39.79 10.83 3.53
CA LYS A 129 -38.57 11.58 3.33
C LYS A 129 -38.14 12.27 4.61
N GLN A 130 -39.12 12.60 5.47
CA GLN A 130 -38.84 13.27 6.75
C GLN A 130 -37.91 12.48 7.64
N GLU A 131 -37.95 11.16 7.57
CA GLU A 131 -37.13 10.34 8.42
C GLU A 131 -35.79 9.98 7.75
N LEU A 132 -35.62 10.44 6.53
CA LEU A 132 -34.48 9.98 5.74
C LEU A 132 -33.44 11.10 5.46
N ALA A 133 -33.50 12.19 6.20
CA ALA A 133 -32.50 13.23 6.05
C ALA A 133 -31.11 12.64 6.26
N ALA A 134 -30.13 13.12 5.48
CA ALA A 134 -28.73 12.82 5.82
C ALA A 134 -28.47 13.34 7.23
N LYS A 135 -27.61 12.67 7.96
CA LYS A 135 -27.44 12.92 9.39
C LYS A 135 -26.93 14.35 9.60
N SER A 136 -27.69 15.15 10.36
CA SER A 136 -27.21 16.51 10.61
C SER A 136 -26.06 16.53 11.63
N VAL A 137 -25.31 17.61 11.54
CA VAL A 137 -24.24 17.93 12.51
C VAL A 137 -24.48 19.32 13.06
N ARG A 138 -24.32 19.53 14.36
CA ARG A 138 -24.49 20.89 14.94
C ARG A 138 -23.39 21.80 14.38
N VAL A 139 -23.74 23.00 13.95
CA VAL A 139 -22.76 23.97 13.47
C VAL A 139 -22.92 25.24 14.28
N GLU A 140 -21.80 25.79 14.77
CA GLU A 140 -21.77 27.10 15.42
C GLU A 140 -20.57 27.85 14.86
N THR A 141 -20.59 29.17 14.98
CA THR A 141 -19.55 29.98 14.39
C THR A 141 -19.00 30.95 15.41
N TYR A 142 -17.74 31.33 15.25
CA TYR A 142 -17.16 32.28 16.19
C TYR A 142 -16.20 33.14 15.39
N LYS A 143 -16.54 34.44 15.29
CA LYS A 143 -15.77 35.40 14.48
C LYS A 143 -15.56 34.91 13.05
N GLY A 144 -16.60 34.23 12.55
CA GLY A 144 -16.56 33.76 11.17
C GLY A 144 -16.02 32.35 10.98
N PHE A 145 -15.27 31.85 11.96
CA PHE A 145 -14.79 30.46 11.90
C PHE A 145 -15.91 29.49 12.24
N ILE A 146 -15.97 28.40 11.48
CA ILE A 146 -17.13 27.49 11.57
C ILE A 146 -16.69 26.18 12.19
N PHE A 147 -17.41 25.73 13.23
CA PHE A 147 -17.08 24.47 13.88
C PHE A 147 -18.29 23.58 13.85
N GLY A 148 -18.04 22.30 13.96
CA GLY A 148 -19.11 21.29 14.01
C GLY A 148 -19.00 20.37 15.22
N CYS A 149 -20.11 19.78 15.66
CA CYS A 149 -20.04 18.91 16.81
C CYS A 149 -21.15 17.86 16.71
N HIS A 150 -20.82 16.62 17.06
CA HIS A 150 -21.79 15.52 16.93
C HIS A 150 -22.59 15.27 18.23
N ASP A 151 -22.12 15.87 19.33
CA ASP A 151 -22.68 15.57 20.67
C ASP A 151 -23.67 16.68 21.12
N PRO A 152 -24.98 16.32 21.29
CA PRO A 152 -25.92 17.35 21.74
C PRO A 152 -25.58 17.81 23.18
N GLU A 153 -24.79 17.01 23.92
CA GLU A 153 -24.44 17.34 25.32
C GLU A 153 -23.24 18.29 25.44
N ALA A 154 -22.56 18.55 24.31
CA ALA A 154 -21.45 19.48 24.36
C ALA A 154 -21.90 20.90 24.77
N PRO A 155 -21.01 21.61 25.49
CA PRO A 155 -21.27 23.03 25.70
C PRO A 155 -21.40 23.76 24.36
N SER A 156 -21.86 24.99 24.38
CA SER A 156 -21.83 25.83 23.18
C SER A 156 -20.42 25.97 22.68
N LEU A 157 -20.29 26.23 21.39
CA LEU A 157 -18.91 26.53 20.89
C LEU A 157 -18.25 27.64 21.76
N GLU A 158 -18.98 28.70 22.08
CA GLU A 158 -18.34 29.77 22.85
C GLU A 158 -17.83 29.32 24.22
N ASP A 159 -18.59 28.44 24.91
CA ASP A 159 -18.13 27.90 26.18
C ASP A 159 -17.01 26.87 26.04
N TYR A 160 -17.01 26.16 24.91
CA TYR A 160 -15.92 25.22 24.62
C TYR A 160 -14.59 25.94 24.38
N LEU A 161 -14.64 27.04 23.66
CA LEU A 161 -13.42 27.92 23.53
C LEU A 161 -13.11 28.52 24.93
N GLY A 162 -14.16 28.93 25.64
CA GLY A 162 -14.04 29.34 27.06
C GLY A 162 -13.07 30.54 27.20
N GLU A 163 -12.12 30.42 28.09
CA GLU A 163 -11.18 31.53 28.30
C GLU A 163 -10.22 31.69 27.12
N PHE A 164 -10.16 30.67 26.23
CA PHE A 164 -9.37 30.85 25.02
C PHE A 164 -9.91 31.96 24.14
N ARG A 165 -11.20 32.33 24.29
CA ARG A 165 -11.77 33.48 23.56
C ARG A 165 -11.01 34.79 23.84
N PHE A 166 -10.48 34.92 25.04
CA PHE A 166 -9.64 36.08 25.41
C PHE A 166 -8.52 36.29 24.39
N TYR A 167 -7.92 35.17 24.01
CA TYR A 167 -6.79 35.18 23.07
C TYR A 167 -7.28 35.22 21.65
N LEU A 168 -8.21 34.35 21.31
CA LEU A 168 -8.72 34.38 19.93
C LEU A 168 -9.36 35.69 19.54
N ASP A 169 -10.06 36.35 20.47
CA ASP A 169 -10.61 37.64 20.09
C ASP A 169 -9.51 38.57 19.61
N THR A 170 -8.37 38.51 20.28
CA THR A 170 -7.24 39.40 19.99
C THR A 170 -6.90 39.31 18.50
N ILE A 171 -6.87 38.08 17.98
CA ILE A 171 -6.42 37.91 16.58
C ILE A 171 -7.52 37.74 15.54
N TRP A 172 -8.56 36.99 15.88
CA TRP A 172 -9.64 36.77 14.95
C TRP A 172 -10.55 37.99 14.79
N GLU A 173 -10.77 38.74 15.88
CA GLU A 173 -11.44 40.05 15.76
C GLU A 173 -10.44 41.15 15.41
N GLY A 174 -9.42 41.27 16.25
CA GLY A 174 -8.26 42.09 15.95
C GLY A 174 -8.62 43.56 15.95
N GLY A 175 -7.86 44.35 15.21
CA GLY A 175 -8.07 45.79 15.13
C GLY A 175 -8.69 46.30 13.85
N GLY A 176 -9.05 45.38 12.94
CA GLY A 176 -9.65 45.70 11.66
C GLY A 176 -10.94 44.92 11.46
N ALA A 177 -11.14 44.35 10.29
CA ALA A 177 -12.34 43.55 10.00
C ALA A 177 -12.22 42.09 10.41
N GLY A 178 -11.07 41.70 10.98
CA GLY A 178 -10.86 40.34 11.53
C GLY A 178 -10.16 39.40 10.55
N LEU A 179 -9.70 38.25 11.02
CA LEU A 179 -9.05 37.29 10.10
C LEU A 179 -10.09 36.38 9.45
N GLU A 180 -9.73 35.79 8.29
CA GLU A 180 -10.59 34.86 7.57
C GLU A 180 -9.60 33.86 6.93
N LEU A 181 -10.14 32.83 6.31
CA LEU A 181 -9.33 31.78 5.65
C LEU A 181 -9.37 31.96 4.14
N LEU A 182 -8.24 31.61 3.51
CA LEU A 182 -8.14 31.66 2.08
C LEU A 182 -7.79 30.22 1.64
N GLY A 183 -8.59 29.68 0.71
CA GLY A 183 -8.28 28.36 0.11
C GLY A 183 -8.02 28.54 -1.37
N PRO A 184 -8.04 27.45 -2.16
CA PRO A 184 -8.23 26.10 -1.75
C PRO A 184 -7.08 25.64 -0.87
N PRO A 185 -7.35 24.68 0.00
CA PRO A 185 -6.36 24.13 0.90
C PRO A 185 -5.40 23.20 0.16
N MET A 186 -4.18 23.14 0.67
CA MET A 186 -3.33 22.00 0.38
C MET A 186 -3.86 20.83 1.19
N LYS A 187 -3.67 19.62 0.67
CA LYS A 187 -4.03 18.38 1.39
C LYS A 187 -2.89 17.37 1.18
N SER A 188 -2.44 16.71 2.25
CA SER A 188 -1.46 15.65 2.07
C SER A 188 -1.63 14.66 3.18
N LEU A 189 -1.11 13.45 2.95
CA LEU A 189 -1.14 12.39 3.97
C LEU A 189 0.22 12.35 4.63
N LEU A 190 0.23 12.04 5.92
CA LEU A 190 1.48 11.92 6.68
C LEU A 190 1.31 10.72 7.56
N HIS A 191 2.34 9.86 7.59
CA HIS A 191 2.30 8.64 8.40
C HIS A 191 2.59 8.93 9.87
N CYS A 192 1.73 9.68 10.52
CA CYS A 192 1.98 9.92 11.97
C CYS A 192 0.67 9.86 12.74
N ASN A 193 0.77 9.63 14.06
CA ASN A 193 -0.38 9.87 14.95
C ASN A 193 -0.79 11.35 14.90
N TRP A 194 -2.12 11.64 14.96
CA TRP A 194 -2.59 13.03 14.91
C TRP A 194 -2.06 13.97 16.01
N LYS A 195 -1.67 13.40 17.13
CA LYS A 195 -1.20 14.17 18.29
C LYS A 195 0.24 14.67 18.13
N VAL A 196 1.05 13.99 17.31
CA VAL A 196 2.42 14.51 17.15
C VAL A 196 2.50 15.93 16.54
N PRO A 197 1.83 16.17 15.40
CA PRO A 197 1.76 17.55 14.88
C PRO A 197 0.98 18.50 15.77
N VAL A 198 -0.09 18.02 16.39
CA VAL A 198 -0.84 18.95 17.26
C VAL A 198 0.03 19.42 18.47
N GLU A 199 0.69 18.51 19.16
CA GLU A 199 1.55 18.88 20.28
C GLU A 199 2.70 19.78 19.82
N ASN A 200 3.17 19.57 18.58
CA ASN A 200 4.27 20.34 18.01
C ASN A 200 3.79 21.79 17.90
N PHE A 201 2.62 22.00 17.31
CA PHE A 201 2.12 23.36 17.09
C PHE A 201 1.62 23.99 18.39
N VAL A 202 0.96 23.21 19.24
CA VAL A 202 0.38 23.81 20.50
C VAL A 202 1.45 24.34 21.46
N GLY A 203 2.62 23.69 21.48
CA GLY A 203 3.52 23.89 22.60
C GLY A 203 5.03 23.81 22.37
N ASP A 204 5.44 23.59 21.11
CA ASP A 204 6.85 23.19 20.84
C ASP A 204 7.70 24.35 20.26
N GLY A 205 8.07 25.29 21.11
CA GLY A 205 9.06 26.25 20.72
C GLY A 205 10.46 25.70 20.69
N TYR A 206 10.71 24.69 21.51
CA TYR A 206 12.05 24.12 21.66
C TYR A 206 12.60 23.58 20.33
N HIS A 207 11.75 22.95 19.52
CA HIS A 207 12.26 22.28 18.29
C HIS A 207 12.73 23.27 17.23
N VAL A 208 12.20 24.48 17.27
CA VAL A 208 12.30 25.39 16.13
C VAL A 208 13.77 25.66 15.76
N GLY A 209 14.56 25.95 16.79
CA GLY A 209 15.96 26.35 16.60
C GLY A 209 16.82 25.16 16.14
N TRP A 210 16.41 23.94 16.47
CA TRP A 210 17.14 22.75 16.05
C TRP A 210 16.64 22.23 14.70
N THR A 211 15.39 21.72 14.71
CA THR A 211 14.76 21.27 13.50
C THR A 211 14.92 22.21 12.31
N HIS A 212 14.60 23.50 12.50
CA HIS A 212 14.55 24.50 11.41
C HIS A 212 15.76 25.44 11.34
N ALA A 213 16.89 24.93 11.82
CA ALA A 213 18.16 25.65 11.79
C ALA A 213 18.47 26.18 10.35
N ALA A 214 18.42 25.30 9.34
CA ALA A 214 18.78 25.69 7.94
C ALA A 214 17.87 26.80 7.39
N ALA A 215 16.56 26.59 7.53
CA ALA A 215 15.57 27.56 7.03
C ALA A 215 15.64 28.92 7.72
N LEU A 216 15.82 28.91 9.04
CA LEU A 216 15.98 30.16 9.79
C LEU A 216 17.21 30.94 9.28
N GLY A 217 18.29 30.21 8.99
CA GLY A 217 19.48 30.79 8.35
C GLY A 217 19.20 31.56 7.06
N GLN A 218 18.40 30.97 6.17
CA GLN A 218 18.04 31.60 4.88
C GLN A 218 17.11 32.80 5.05
N ILE A 219 16.26 32.74 6.06
CA ILE A 219 15.24 33.77 6.28
C ILE A 219 15.84 35.02 6.93
N GLY A 220 16.77 34.82 7.86
CA GLY A 220 17.34 35.90 8.67
C GLY A 220 16.37 36.45 9.71
N GLY A 221 16.41 37.77 9.94
CA GLY A 221 15.47 38.46 10.84
C GLY A 221 15.59 38.15 12.33
N PRO A 222 14.51 38.45 13.11
CA PRO A 222 14.43 38.16 14.56
C PRO A 222 14.51 36.66 14.91
N LEU A 223 13.84 35.82 14.11
CA LEU A 223 13.73 34.39 14.40
C LEU A 223 15.05 33.60 14.24
N ALA A 224 16.03 34.15 13.51
CA ALA A 224 17.34 33.51 13.32
C ALA A 224 18.14 33.40 14.62
N GLY A 225 17.91 34.33 15.56
CA GLY A 225 18.47 34.23 16.91
C GLY A 225 18.21 32.87 17.54
N LEU A 226 17.11 32.22 17.15
CA LEU A 226 16.75 30.91 17.69
C LEU A 226 17.63 29.75 17.22
N ALA A 227 18.29 29.91 16.07
CA ALA A 227 19.03 28.80 15.45
C ALA A 227 20.09 28.08 16.33
N GLY A 228 20.07 26.75 16.32
CA GLY A 228 20.98 25.94 17.13
C GLY A 228 20.63 25.70 18.60
N ASN A 229 19.57 26.34 19.10
CA ASN A 229 19.19 26.19 20.52
C ASN A 229 20.41 26.50 21.41
N ARG A 230 21.01 27.68 21.24
CA ARG A 230 22.24 28.02 21.97
C ARG A 230 22.05 29.14 23.01
N ALA A 231 22.76 28.99 24.13
CA ALA A 231 22.82 30.00 25.20
C ALA A 231 23.17 31.38 24.64
N ASP A 232 22.11 32.14 24.33
CA ASP A 232 22.21 33.51 23.80
C ASP A 232 22.97 34.47 24.71
N ASP A 237 13.98 35.89 27.65
CA ASP A 237 12.98 34.79 27.71
C ASP A 237 12.02 34.76 26.49
N LEU A 238 12.06 35.78 25.60
CA LEU A 238 11.38 35.78 24.27
C LEU A 238 9.85 36.09 24.23
N GLY A 239 9.12 35.71 25.27
CA GLY A 239 7.66 35.55 25.14
C GLY A 239 7.08 34.71 26.24
N LEU A 240 5.98 34.01 25.93
CA LEU A 240 5.12 33.36 26.93
C LEU A 240 4.46 32.08 26.38
N GLN A 241 3.99 31.18 27.26
CA GLN A 241 3.20 30.04 26.78
C GLN A 241 1.86 30.09 27.52
N PHE A 242 0.81 29.59 26.85
CA PHE A 242 -0.54 29.64 27.38
C PHE A 242 -1.25 28.30 27.26
N THR A 243 -2.07 27.96 28.25
CA THR A 243 -2.91 26.78 28.11
C THR A 243 -4.23 27.07 28.86
N THR A 244 -5.28 26.29 28.52
CA THR A 244 -6.60 26.59 29.02
C THR A 244 -7.32 25.31 29.36
N ARG A 245 -8.52 25.51 29.90
CA ARG A 245 -9.31 24.44 30.52
C ARG A 245 -9.69 23.34 29.52
N HIS A 246 -10.07 23.71 28.31
CA HIS A 246 -10.36 22.69 27.29
C HIS A 246 -9.17 22.42 26.36
N GLY A 247 -7.93 22.54 26.87
CA GLY A 247 -6.76 22.05 26.15
C GLY A 247 -6.14 22.96 25.14
N HIS A 248 -6.83 24.05 24.78
CA HIS A 248 -6.35 25.01 23.78
C HIS A 248 -5.11 25.70 24.31
N GLY A 249 -4.14 25.93 23.45
CA GLY A 249 -2.93 26.68 23.96
C GLY A 249 -2.12 27.27 22.82
N PHE A 250 -1.11 28.06 23.19
CA PHE A 250 -0.14 28.56 22.19
C PHE A 250 1.09 29.11 22.90
N GLY A 251 2.15 29.24 22.12
CA GLY A 251 3.36 29.98 22.54
C GLY A 251 3.42 31.27 21.73
N VAL A 252 4.01 32.32 22.29
CA VAL A 252 4.14 33.59 21.59
C VAL A 252 5.55 34.14 21.72
N ILE A 253 6.11 34.57 20.58
CA ILE A 253 7.39 35.27 20.50
C ILE A 253 7.04 36.74 20.38
N ASP A 254 7.39 37.52 21.40
CA ASP A 254 7.11 38.97 21.30
C ASP A 254 7.62 39.63 20.00
N ASN A 255 6.81 40.56 19.47
CA ASN A 255 7.19 41.46 18.37
C ASN A 255 7.55 40.82 17.03
N ALA A 256 7.16 39.56 16.87
CA ALA A 256 7.65 38.75 15.77
C ALA A 256 6.60 38.35 14.74
N ALA A 257 5.41 38.92 14.81
CA ALA A 257 4.31 38.44 13.97
C ALA A 257 4.72 38.28 12.48
N ALA A 258 5.28 39.33 11.90
CA ALA A 258 5.65 39.29 10.48
C ALA A 258 7.06 38.75 10.21
N ALA A 259 7.71 38.17 11.22
CA ALA A 259 9.15 37.88 11.15
C ALA A 259 9.58 36.94 10.02
N ILE A 260 8.69 36.04 9.60
CA ILE A 260 8.98 35.14 8.48
C ILE A 260 8.67 35.78 7.13
N HIS A 261 7.81 36.79 7.14
CA HIS A 261 7.44 37.46 5.92
C HIS A 261 8.62 38.25 5.39
N ARG A 262 9.20 37.71 4.32
CA ARG A 262 10.33 38.32 3.67
C ARG A 262 9.98 39.53 2.79
N LYS A 263 8.72 39.68 2.37
CA LYS A 263 8.43 40.65 1.29
C LYS A 263 7.17 41.56 1.18
N GLY A 264 6.04 41.30 1.84
CA GLY A 264 5.92 40.86 3.25
C GLY A 264 5.47 42.09 4.04
N ASP A 265 5.54 43.26 3.39
CA ASP A 265 5.33 44.53 4.11
C ASP A 265 3.88 44.98 4.25
N GLY A 266 3.00 44.47 3.40
CA GLY A 266 1.58 44.76 3.54
C GLY A 266 1.07 44.23 4.86
N TRP A 267 1.47 43.01 5.18
CA TRP A 267 1.04 42.42 6.46
C TRP A 267 1.60 43.22 7.67
N ASN A 268 2.87 43.59 7.63
CA ASN A 268 3.43 44.39 8.75
C ASN A 268 2.74 45.75 8.86
N LYS A 269 2.48 46.38 7.72
CA LYS A 269 1.75 47.64 7.68
C LYS A 269 0.35 47.47 8.29
N TYR A 270 -0.33 46.38 7.94
CA TYR A 270 -1.65 46.07 8.48
C TYR A 270 -1.63 46.02 10.00
N LEU A 271 -0.67 45.31 10.57
CA LEU A 271 -0.52 45.22 12.03
C LEU A 271 -0.28 46.57 12.69
N GLU A 272 0.68 47.30 12.13
CA GLU A 272 1.01 48.64 12.66
C GLU A 272 -0.20 49.60 12.61
N ASP A 273 -0.94 49.52 11.50
CA ASP A 273 -2.13 50.32 11.30
C ASP A 273 -3.31 49.92 12.21
N THR A 274 -3.31 48.71 12.77
CA THR A 274 -4.53 48.27 13.49
C THR A 274 -4.31 47.99 14.95
N ARG A 275 -3.05 48.00 15.37
CA ARG A 275 -2.69 47.66 16.73
C ARG A 275 -3.24 48.66 17.74
N GLY A 276 -3.31 49.92 17.36
CA GLY A 276 -3.89 50.94 18.26
C GLY A 276 -5.33 50.59 18.63
N GLU A 277 -6.09 50.06 17.68
CA GLU A 277 -7.48 49.67 17.95
C GLU A 277 -7.57 48.41 18.84
N VAL A 278 -6.61 47.50 18.68
CA VAL A 278 -6.50 46.36 19.60
C VAL A 278 -6.24 46.90 21.01
N ARG A 279 -5.34 47.88 21.15
CA ARG A 279 -5.11 48.45 22.49
C ARG A 279 -6.40 49.04 23.06
N ARG A 280 -7.13 49.79 22.23
CA ARG A 280 -8.41 50.38 22.62
C ARG A 280 -9.46 49.33 23.05
N LYS A 281 -9.72 48.33 22.20
CA LYS A 281 -10.74 47.31 22.45
C LYS A 281 -10.31 46.26 23.47
N PHE A 282 -9.04 45.86 23.45
CA PHE A 282 -8.55 44.68 24.20
C PHE A 282 -7.47 44.92 25.26
N GLY A 283 -6.97 46.15 25.34
CA GLY A 283 -5.88 46.42 26.30
C GLY A 283 -4.46 46.24 25.78
N ALA A 284 -3.51 46.89 26.45
CA ALA A 284 -2.07 46.78 26.11
C ALA A 284 -1.52 45.34 26.21
N ASP A 285 -1.97 44.59 27.21
CA ASP A 285 -1.53 43.20 27.36
C ASP A 285 -1.96 42.28 26.20
N ARG A 286 -3.08 42.59 25.54
CA ARG A 286 -3.44 41.89 24.32
C ARG A 286 -2.86 42.55 23.07
N GLU A 287 -2.57 43.86 23.13
CA GLU A 287 -1.82 44.46 22.02
C GLU A 287 -0.48 43.76 21.80
N ARG A 288 0.17 43.44 22.91
CA ARG A 288 1.42 42.70 22.94
C ARG A 288 1.27 41.39 22.15
N LEU A 289 0.15 40.70 22.36
CA LEU A 289 -0.07 39.43 21.67
C LEU A 289 -0.33 39.62 20.17
N TYR A 290 -1.03 40.71 19.84
CA TYR A 290 -1.45 41.04 18.49
C TYR A 290 -0.27 41.18 17.53
N VAL A 291 0.87 41.60 18.05
CA VAL A 291 2.08 41.80 17.24
C VAL A 291 3.16 40.73 17.43
N GLY A 292 2.83 39.72 18.25
CA GLY A 292 3.70 38.57 18.54
C GLY A 292 3.41 37.44 17.51
N HIS A 293 4.29 36.47 17.43
CA HIS A 293 4.16 35.30 16.53
C HIS A 293 3.66 34.18 17.42
N TRP A 294 2.51 33.56 17.09
CA TRP A 294 2.03 32.44 17.89
C TRP A 294 2.14 31.13 17.12
N ASN A 295 2.41 30.06 17.85
CA ASN A 295 2.16 28.70 17.39
C ASN A 295 1.08 28.18 18.36
N GLY A 296 -0.07 27.79 17.83
CA GLY A 296 -1.16 27.36 18.73
C GLY A 296 -1.98 26.22 18.19
N ALA A 297 -2.82 25.67 19.06
CA ALA A 297 -3.82 24.71 18.58
C ALA A 297 -5.12 24.93 19.34
N ILE A 298 -6.20 24.61 18.62
CA ILE A 298 -7.55 24.54 19.21
C ILE A 298 -7.84 23.07 19.31
N PHE A 299 -8.01 22.63 20.54
CA PHE A 299 -8.20 21.23 20.84
C PHE A 299 -9.46 20.72 20.09
N PRO A 300 -9.40 19.54 19.51
CA PRO A 300 -8.31 18.59 19.53
C PRO A 300 -7.27 18.79 18.40
N ASN A 301 -7.69 19.17 17.20
CA ASN A 301 -6.83 18.93 16.04
C ASN A 301 -6.77 20.07 15.02
N CYS A 302 -6.95 21.31 15.46
CA CYS A 302 -6.75 22.45 14.58
C CYS A 302 -5.49 23.17 15.09
N SER A 303 -4.56 23.46 14.18
CA SER A 303 -3.36 24.20 14.61
C SER A 303 -3.17 25.44 13.69
N PHE A 304 -2.36 26.40 14.14
CA PHE A 304 -2.16 27.58 13.35
C PHE A 304 -0.85 28.27 13.77
N LEU A 305 -0.30 29.06 12.85
CA LEU A 305 0.74 30.04 13.25
C LEU A 305 0.12 31.40 13.01
N TYR A 306 -0.04 32.21 14.04
CA TYR A 306 -0.47 33.61 13.80
C TYR A 306 0.82 34.43 13.58
N GLY A 307 0.82 35.21 12.53
CA GLY A 307 2.04 35.92 12.08
C GLY A 307 2.46 35.35 10.75
N THR A 308 3.02 34.16 10.80
CA THR A 308 3.26 33.39 9.58
C THR A 308 1.93 33.09 8.83
N ASN A 309 0.86 32.84 9.59
CA ASN A 309 -0.51 32.74 9.06
C ASN A 309 -0.87 31.50 8.27
N THR A 310 -0.23 30.39 8.63
CA THR A 310 -0.68 29.08 8.15
C THR A 310 -1.77 28.57 9.11
N PHE A 311 -2.64 27.71 8.61
CA PHE A 311 -3.80 27.27 9.43
C PHE A 311 -4.08 25.86 8.98
N LYS A 312 -4.02 24.90 9.90
CA LYS A 312 -4.05 23.47 9.53
C LYS A 312 -5.12 22.70 10.32
N ILE A 313 -5.72 21.70 9.70
CA ILE A 313 -6.58 20.77 10.46
C ILE A 313 -6.05 19.38 10.17
N TRP A 314 -5.84 18.61 11.21
CA TRP A 314 -5.11 17.33 11.10
C TRP A 314 -6.11 16.21 11.27
N HIS A 315 -6.57 15.63 10.16
CA HIS A 315 -7.66 14.68 10.24
C HIS A 315 -7.06 13.30 10.43
N PRO A 316 -7.38 12.63 11.57
CA PRO A 316 -6.89 11.28 11.79
C PRO A 316 -7.40 10.30 10.71
N ARG A 317 -6.53 9.33 10.38
CA ARG A 317 -6.84 8.22 9.49
C ARG A 317 -6.32 6.94 10.17
N GLY A 318 -6.88 6.62 11.34
CA GLY A 318 -6.33 5.57 12.15
C GLY A 318 -5.18 6.14 13.01
N PRO A 319 -4.63 5.33 13.91
CA PRO A 319 -3.63 5.79 14.87
C PRO A 319 -2.30 6.20 14.24
N HIS A 320 -2.04 5.75 13.00
CA HIS A 320 -0.72 5.93 12.39
C HIS A 320 -0.68 6.79 11.13
N GLU A 321 -1.78 7.45 10.84
CA GLU A 321 -1.82 8.28 9.69
C GLU A 321 -2.73 9.49 9.89
N ILE A 322 -2.43 10.58 9.18
CA ILE A 322 -3.31 11.73 9.07
C ILE A 322 -3.45 12.23 7.66
N GLU A 323 -4.48 13.06 7.44
CA GLU A 323 -4.55 13.87 6.25
C GLU A 323 -4.65 15.32 6.75
N VAL A 324 -3.69 16.16 6.37
CA VAL A 324 -3.66 17.55 6.88
C VAL A 324 -4.09 18.50 5.80
N TRP A 325 -5.00 19.41 6.13
CA TRP A 325 -5.43 20.46 5.22
C TRP A 325 -4.82 21.76 5.66
N THR A 326 -4.28 22.50 4.69
CA THR A 326 -3.60 23.77 5.01
C THR A 326 -4.19 24.96 4.28
N TYR A 327 -4.72 25.92 5.03
CA TYR A 327 -5.23 27.18 4.49
C TYR A 327 -4.32 28.31 4.95
N THR A 328 -4.59 29.52 4.47
CA THR A 328 -3.90 30.72 4.90
C THR A 328 -4.90 31.58 5.68
N MET A 329 -4.44 32.19 6.79
CA MET A 329 -5.22 33.24 7.43
C MET A 329 -4.82 34.60 6.85
N VAL A 330 -5.83 35.41 6.50
CA VAL A 330 -5.56 36.79 6.07
C VAL A 330 -6.62 37.73 6.69
N PRO A 331 -6.31 39.01 6.87
CA PRO A 331 -7.35 39.94 7.33
C PRO A 331 -8.35 40.11 6.20
N SER A 332 -9.64 40.02 6.54
CA SER A 332 -10.65 40.12 5.50
C SER A 332 -10.60 41.46 4.76
N ASP A 333 -10.10 42.51 5.43
CA ASP A 333 -10.04 43.88 4.87
C ASP A 333 -8.63 44.27 4.43
N ALA A 334 -7.73 43.29 4.34
CA ALA A 334 -6.37 43.53 3.76
C ALA A 334 -6.54 43.70 2.25
N ASP A 335 -5.67 44.47 1.60
CA ASP A 335 -5.83 44.70 0.16
C ASP A 335 -5.47 43.42 -0.63
N PRO A 336 -5.98 43.26 -1.85
CA PRO A 336 -5.76 42.02 -2.60
C PRO A 336 -4.29 41.56 -2.66
N ALA A 337 -3.38 42.49 -2.89
CA ALA A 337 -1.96 42.11 -2.98
C ALA A 337 -1.38 41.66 -1.64
N THR A 338 -1.89 42.21 -0.54
CA THR A 338 -1.45 41.80 0.79
C THR A 338 -1.96 40.37 1.07
N LYS A 339 -3.21 40.11 0.70
CA LYS A 339 -3.77 38.77 0.87
C LYS A 339 -2.95 37.75 0.07
N SER A 340 -2.67 38.06 -1.20
CA SER A 340 -1.88 37.13 -2.02
C SER A 340 -0.45 36.97 -1.48
N ALA A 341 0.17 38.07 -1.03
CA ALA A 341 1.51 38.03 -0.48
C ALA A 341 1.60 37.18 0.79
N ILE A 342 0.66 37.36 1.72
CA ILE A 342 0.61 36.50 2.94
C ILE A 342 0.50 35.02 2.56
N GLN A 343 -0.35 34.76 1.60
CA GLN A 343 -0.57 33.38 1.10
C GLN A 343 0.71 32.79 0.51
N ARG A 344 1.41 33.59 -0.31
CA ARG A 344 2.70 33.08 -0.83
C ARG A 344 3.69 32.79 0.24
N GLU A 345 3.81 33.68 1.23
CA GLU A 345 4.83 33.52 2.25
C GLU A 345 4.53 32.35 3.21
N ALA A 346 3.27 32.23 3.64
CA ALA A 346 2.81 31.11 4.50
C ALA A 346 2.99 29.77 3.82
N THR A 347 2.71 29.74 2.52
CA THR A 347 2.86 28.50 1.72
C THR A 347 4.31 28.14 1.47
N ARG A 348 5.15 29.14 1.13
CA ARG A 348 6.57 28.83 0.92
C ARG A 348 7.24 28.28 2.17
N THR A 349 6.79 28.69 3.36
CA THR A 349 7.37 28.23 4.63
C THR A 349 6.65 26.97 5.20
N PHE A 350 5.33 26.97 5.12
CA PHE A 350 4.52 25.94 5.82
C PHE A 350 3.51 25.16 4.96
N GLY A 351 3.61 25.32 3.64
CA GLY A 351 2.86 24.45 2.73
C GLY A 351 3.50 23.08 2.53
N THR A 352 2.96 22.34 1.55
CA THR A 352 3.44 20.99 1.30
C THR A 352 4.92 20.97 0.85
N ALA A 353 5.37 22.05 0.21
CA ALA A 353 6.83 22.19 -0.09
C ALA A 353 7.46 23.26 0.78
N GLY A 354 6.96 23.37 2.02
CA GLY A 354 7.41 24.38 2.96
C GLY A 354 8.90 24.29 3.30
N THR A 355 9.55 25.43 3.28
CA THR A 355 10.97 25.50 3.71
C THR A 355 11.18 25.18 5.19
N LEU A 356 10.13 25.35 6.03
CA LEU A 356 10.17 24.87 7.41
C LEU A 356 9.39 23.57 7.53
N GLU A 357 8.15 23.57 7.05
CA GLU A 357 7.29 22.40 7.27
C GLU A 357 7.91 21.10 6.75
N SER A 358 8.59 21.15 5.59
CA SER A 358 9.26 19.93 5.08
C SER A 358 10.23 19.28 6.08
N ASP A 359 10.85 20.09 6.95
CA ASP A 359 11.75 19.55 8.01
C ASP A 359 11.01 18.77 9.07
N ASP A 360 9.73 19.04 9.24
CA ASP A 360 8.98 18.42 10.34
C ASP A 360 8.48 16.99 10.06
N GLY A 361 8.44 16.57 8.80
CA GLY A 361 7.70 15.34 8.43
C GLY A 361 8.26 14.09 9.09
N GLU A 362 9.57 13.97 9.11
CA GLU A 362 10.22 12.82 9.72
C GLU A 362 10.06 12.90 11.25
N ASN A 363 10.20 14.10 11.84
CA ASN A 363 9.94 14.22 13.31
C ASN A 363 8.60 13.57 13.68
N MET A 364 7.56 13.87 12.92
CA MET A 364 6.21 13.41 13.15
C MET A 364 6.07 11.93 12.94
N SER A 365 6.51 11.46 11.77
CA SER A 365 6.32 10.07 11.40
C SER A 365 7.19 9.13 12.28
N SER A 366 8.40 9.57 12.60
CA SER A 366 9.32 8.71 13.31
C SER A 366 8.86 8.51 14.74
N ALA A 367 8.50 9.61 15.40
CA ALA A 367 8.03 9.51 16.78
C ALA A 367 6.84 8.58 16.88
N THR A 368 6.11 8.39 15.77
CA THR A 368 5.02 7.40 15.69
C THR A 368 5.54 5.97 15.47
N TYR A 369 6.21 5.75 14.33
CA TYR A 369 6.55 4.40 13.94
C TYR A 369 7.61 3.65 14.74
N VAL A 370 8.43 4.36 15.52
CA VAL A 370 9.37 3.70 16.46
C VAL A 370 8.65 2.69 17.35
N ASN A 371 7.40 3.00 17.64
CA ASN A 371 6.57 2.22 18.57
C ASN A 371 5.99 0.97 17.95
N ARG A 372 6.35 0.70 16.70
CA ARG A 372 6.06 -0.62 16.11
C ARG A 372 6.73 -1.73 16.96
N GLY A 373 7.90 -1.45 17.53
CA GLY A 373 8.57 -2.43 18.41
C GLY A 373 8.02 -2.43 19.83
N VAL A 374 7.74 -3.61 20.38
CA VAL A 374 7.11 -3.69 21.73
C VAL A 374 8.03 -3.20 22.85
N ILE A 375 9.34 -3.40 22.67
CA ILE A 375 10.29 -2.98 23.70
C ILE A 375 10.40 -1.45 23.66
N THR A 376 10.42 -0.88 22.45
CA THR A 376 10.52 0.58 22.30
C THR A 376 9.30 1.25 22.91
N ARG A 377 8.15 0.66 22.66
CA ARG A 377 6.86 1.25 23.01
C ARG A 377 6.57 1.23 24.53
N ASP A 378 7.27 0.35 25.24
CA ASP A 378 7.08 0.22 26.70
C ASP A 378 7.87 1.33 27.37
N GLY A 379 7.33 2.54 27.37
CA GLY A 379 8.07 3.65 27.90
C GLY A 379 7.18 4.87 27.88
N MET A 380 7.66 5.92 28.56
CA MET A 380 6.96 7.20 28.65
C MET A 380 7.70 8.29 27.88
N MET A 381 6.95 9.28 27.43
CA MET A 381 7.51 10.42 26.75
C MET A 381 7.52 11.57 27.76
N ASN A 382 8.56 12.40 27.74
CA ASN A 382 8.74 13.46 28.73
C ASN A 382 8.19 14.77 28.22
N SER A 383 7.39 15.50 29.02
CA SER A 383 7.06 16.88 28.68
C SER A 383 7.12 17.76 29.95
N THR A 384 8.26 17.67 30.65
CA THR A 384 8.44 18.35 31.94
C THR A 384 9.11 19.71 31.83
N MET A 385 9.48 20.12 30.60
CA MET A 385 10.26 21.36 30.46
C MET A 385 9.50 22.55 31.08
N GLY A 386 10.06 23.12 32.14
CA GLY A 386 9.53 24.34 32.69
C GLY A 386 8.42 24.10 33.69
N VAL A 387 8.20 22.84 34.08
CA VAL A 387 7.18 22.56 35.16
C VAL A 387 7.50 23.37 36.42
N GLY A 388 6.45 23.91 37.00
CA GLY A 388 6.63 24.81 38.14
C GLY A 388 6.94 26.24 37.79
N TYR A 389 7.39 26.48 36.55
CA TYR A 389 7.62 27.86 36.05
C TYR A 389 6.41 28.41 35.26
N GLU A 390 5.26 28.32 35.90
CA GLU A 390 3.98 28.63 35.28
C GLU A 390 2.94 28.60 36.40
N GLY A 391 1.79 29.20 36.09
CA GLY A 391 0.62 29.18 36.98
C GLY A 391 -0.40 30.22 36.56
N PRO A 392 -1.41 30.46 37.44
CA PRO A 392 -2.47 31.41 37.11
C PRO A 392 -1.93 32.81 37.12
N HIS A 393 -2.47 33.63 36.24
CA HIS A 393 -1.92 34.93 36.00
C HIS A 393 -3.02 35.97 36.29
N PRO A 394 -2.65 37.13 36.88
CA PRO A 394 -3.70 38.12 37.26
C PRO A 394 -4.39 38.86 36.11
N VAL A 395 -3.82 38.84 34.90
CA VAL A 395 -4.40 39.49 33.74
C VAL A 395 -4.81 38.44 32.69
N TYR A 396 -3.89 37.55 32.33
CA TYR A 396 -4.14 36.52 31.33
C TYR A 396 -4.89 35.29 31.90
N PRO A 397 -6.07 34.93 31.34
CA PRO A 397 -6.77 33.76 31.86
C PRO A 397 -6.11 32.48 31.42
N GLY A 398 -6.37 31.43 32.17
CA GLY A 398 -5.85 30.10 31.92
C GLY A 398 -4.61 29.86 32.76
N ILE A 399 -3.63 29.18 32.18
CA ILE A 399 -2.35 28.95 32.87
C ILE A 399 -1.27 29.54 31.97
N VAL A 400 -0.35 30.34 32.52
CA VAL A 400 0.67 30.99 31.72
C VAL A 400 2.07 30.55 32.19
N GLY A 401 2.92 30.19 31.22
CA GLY A 401 4.32 29.76 31.49
C GLY A 401 5.22 30.89 31.06
N ILE A 402 6.25 31.17 31.88
CA ILE A 402 7.18 32.18 31.48
C ILE A 402 8.01 31.63 30.30
N SER A 403 8.41 32.53 29.42
CA SER A 403 9.31 32.22 28.28
C SER A 403 8.52 31.63 27.12
N PHE A 404 9.09 31.73 25.94
CA PHE A 404 8.47 31.11 24.80
C PHE A 404 8.80 29.61 24.76
N ILE A 405 10.02 29.23 25.16
CA ILE A 405 10.45 27.86 25.15
C ILE A 405 10.15 27.13 26.46
N GLY A 406 9.25 26.15 26.37
CA GLY A 406 8.88 25.29 27.49
C GLY A 406 7.79 24.34 27.01
N GLU A 407 7.24 23.59 27.95
CA GLU A 407 6.22 22.61 27.60
C GLU A 407 4.92 22.80 28.34
N THR A 408 4.65 24.03 28.80
CA THR A 408 3.38 24.38 29.48
C THR A 408 2.17 23.90 28.65
N SER A 409 2.21 24.19 27.34
CA SER A 409 1.03 23.86 26.48
C SER A 409 0.90 22.37 26.17
N TYR A 410 2.01 21.63 26.20
CA TYR A 410 1.91 20.16 26.17
C TYR A 410 1.18 19.67 27.39
N ARG A 411 1.55 20.22 28.57
CA ARG A 411 0.95 19.81 29.84
C ARG A 411 -0.56 20.08 29.84
N GLY A 412 -0.98 21.24 29.34
CA GLY A 412 -2.39 21.56 29.32
C GLY A 412 -3.15 20.68 28.31
N PHE A 413 -2.48 20.39 27.19
CA PHE A 413 -3.11 19.59 26.09
C PHE A 413 -3.37 18.19 26.59
N TYR A 414 -2.34 17.56 27.15
CA TYR A 414 -2.47 16.21 27.60
C TYR A 414 -3.30 16.06 28.86
N ARG A 415 -3.31 17.10 29.69
CA ARG A 415 -4.21 17.09 30.87
C ARG A 415 -5.68 17.01 30.38
N PHE A 416 -6.05 17.78 29.35
CA PHE A 416 -7.44 17.75 28.85
C PHE A 416 -7.73 16.45 28.07
N TRP A 417 -6.76 15.99 27.26
CA TRP A 417 -6.87 14.70 26.59
C TRP A 417 -7.29 13.63 27.61
N LYS A 418 -6.60 13.61 28.76
CA LYS A 418 -6.82 12.54 29.74
C LYS A 418 -8.21 12.73 30.34
N GLU A 419 -8.57 13.99 30.55
CA GLU A 419 -9.85 14.31 31.15
C GLU A 419 -10.98 13.80 30.27
N MET A 420 -10.85 14.02 28.95
CA MET A 420 -11.85 13.54 27.95
C MET A 420 -11.92 12.03 27.84
N ILE A 421 -10.74 11.42 27.82
CA ILE A 421 -10.59 9.96 27.77
C ILE A 421 -11.21 9.32 29.02
N ASP A 422 -11.04 9.95 30.18
CA ASP A 422 -11.61 9.38 31.42
C ASP A 422 -13.11 9.67 31.57
N ALA A 423 -13.64 10.68 30.90
CA ALA A 423 -15.03 11.15 31.15
C ALA A 423 -16.00 10.31 30.34
N PRO A 424 -16.96 9.66 31.01
CA PRO A 424 -18.01 8.98 30.20
C PRO A 424 -19.01 9.89 29.48
N ASP A 425 -19.05 11.17 29.86
CA ASP A 425 -19.87 12.14 29.15
C ASP A 425 -19.46 13.56 29.47
N TRP A 426 -20.06 14.52 28.75
CA TRP A 426 -19.79 15.92 28.99
C TRP A 426 -20.09 16.35 30.42
N ALA A 427 -21.15 15.79 31.00
CA ALA A 427 -21.50 16.19 32.37
C ALA A 427 -20.33 15.94 33.33
N SER A 428 -19.62 14.85 33.09
CA SER A 428 -18.50 14.42 33.92
C SER A 428 -17.29 15.36 33.77
N VAL A 429 -17.12 15.91 32.58
CA VAL A 429 -16.10 16.96 32.30
C VAL A 429 -16.49 18.22 33.04
N LYS A 430 -17.73 18.66 32.85
CA LYS A 430 -18.17 19.91 33.43
C LYS A 430 -18.08 19.89 34.94
N ALA A 431 -18.21 18.71 35.53
CA ALA A 431 -18.16 18.52 36.99
C ALA A 431 -16.81 18.95 37.58
N ASN A 432 -15.79 18.97 36.73
CA ASN A 432 -14.45 19.35 37.19
C ASN A 432 -13.95 20.68 36.64
N ASP A 433 -14.88 21.52 36.15
CA ASP A 433 -14.56 22.83 35.57
C ASP A 433 -13.65 23.64 36.52
N ASP A 434 -14.04 23.80 37.79
CA ASP A 434 -13.29 24.74 38.64
C ASP A 434 -11.83 24.33 38.96
N ASN A 435 -11.58 23.04 39.06
CA ASN A 435 -10.29 22.48 39.51
C ASN A 435 -9.38 22.00 38.38
N TRP A 436 -9.72 22.35 37.15
CA TRP A 436 -9.00 21.81 35.98
C TRP A 436 -7.49 22.06 36.10
N ASP A 437 -7.14 23.20 36.67
CA ASP A 437 -5.70 23.60 36.73
C ASP A 437 -5.03 23.33 38.05
N SER A 438 -5.66 22.55 38.91
CA SER A 438 -5.06 22.21 40.23
C SER A 438 -3.71 21.47 40.09
N VAL A 439 -3.52 20.81 38.95
CA VAL A 439 -2.24 20.09 38.65
C VAL A 439 -1.08 21.07 38.43
N PHE A 440 -1.36 22.32 38.12
CA PHE A 440 -0.39 23.43 38.02
C PHE A 440 -0.26 24.03 39.44
N THR A 441 0.61 23.42 40.22
CA THR A 441 0.66 23.60 41.68
C THR A 441 1.35 24.90 42.16
N ASN A 442 2.11 25.54 41.27
CA ASN A 442 2.76 26.84 41.60
C ASN A 442 1.81 28.05 41.55
N ARG A 443 0.87 28.09 42.50
CA ARG A 443 -0.17 29.09 42.46
C ARG A 443 0.37 30.50 42.61
N ASN A 444 1.48 30.63 43.34
CA ASN A 444 2.01 31.95 43.62
C ASN A 444 2.92 32.49 42.51
N PHE A 445 3.21 31.65 41.51
CA PHE A 445 4.24 31.96 40.50
C PHE A 445 4.25 33.41 39.97
N TRP A 446 3.13 33.86 39.45
CA TRP A 446 3.03 35.20 38.92
C TRP A 446 2.97 36.33 39.94
N ASN A 447 2.47 36.07 41.15
CA ASN A 447 2.48 37.07 42.22
C ASN A 447 3.96 37.41 42.49
N GLU A 448 4.82 36.40 42.50
CA GLU A 448 6.28 36.60 42.77
C GLU A 448 6.93 37.28 41.56
N LYS A 449 6.68 36.73 40.36
CA LYS A 449 7.27 37.23 39.13
C LYS A 449 7.02 38.68 38.83
N LEU A 450 5.77 39.11 39.03
CA LEU A 450 5.35 40.44 38.61
C LEU A 450 5.68 41.54 39.61
N ASN A 451 6.21 41.15 40.76
CA ASN A 451 6.51 42.08 41.84
C ASN A 451 7.91 41.76 42.37
N ALA A 452 8.76 41.27 41.45
CA ALA A 452 10.18 41.02 41.71
C ALA A 452 11.02 41.94 40.84
N GLN B 5 -0.05 26.60 -32.79
CA GLN B 5 1.38 26.96 -32.72
C GLN B 5 2.23 26.06 -33.60
N VAL B 6 3.40 26.56 -34.00
CA VAL B 6 4.27 25.87 -34.94
C VAL B 6 5.25 24.98 -34.17
N PRO B 7 5.15 23.65 -34.38
CA PRO B 7 6.13 22.72 -33.80
C PRO B 7 7.55 23.06 -34.20
N VAL B 8 8.48 22.95 -33.27
CA VAL B 8 9.87 23.17 -33.60
C VAL B 8 10.35 22.10 -34.60
N THR B 9 11.43 22.42 -35.31
CA THR B 9 12.14 21.48 -36.16
C THR B 9 12.67 20.30 -35.34
N PRO B 10 12.84 19.11 -35.96
CA PRO B 10 13.46 17.99 -35.23
C PRO B 10 14.81 18.31 -34.58
N ASP B 11 15.65 19.14 -35.21
CA ASP B 11 16.92 19.52 -34.59
C ASP B 11 16.77 20.34 -33.31
N VAL B 12 15.78 21.24 -33.27
CA VAL B 12 15.57 22.03 -32.03
C VAL B 12 14.92 21.10 -30.99
N HIS B 13 14.06 20.20 -31.45
CA HIS B 13 13.41 19.26 -30.56
C HIS B 13 14.45 18.43 -29.86
N TYR B 14 15.44 17.98 -30.62
CA TYR B 14 16.61 17.31 -30.06
C TYR B 14 17.27 18.12 -28.96
N ALA B 15 17.50 19.42 -29.24
CA ALA B 15 18.24 20.27 -28.35
C ALA B 15 17.46 20.46 -27.00
N VAL B 16 16.15 20.51 -27.12
CA VAL B 16 15.29 20.75 -25.93
C VAL B 16 15.29 19.49 -25.09
N GLU B 17 15.15 18.31 -25.72
CA GLU B 17 15.23 17.07 -24.94
C GLU B 17 16.58 16.91 -24.26
N ALA B 18 17.67 17.23 -24.96
CA ALA B 18 19.02 17.14 -24.39
C ALA B 18 19.15 18.08 -23.19
N HIS B 19 18.58 19.28 -23.30
CA HIS B 19 18.52 20.21 -22.17
C HIS B 19 17.79 19.60 -20.99
N TYR B 20 16.59 19.07 -21.24
CA TYR B 20 15.82 18.44 -20.17
C TYR B 20 16.53 17.26 -19.55
N ARG B 21 17.32 16.48 -20.33
CA ARG B 21 18.05 15.38 -19.75
C ARG B 21 19.17 15.89 -18.88
N ALA B 22 19.85 16.97 -19.30
CA ALA B 22 20.91 17.52 -18.46
C ALA B 22 20.32 18.04 -17.14
N GLU B 23 19.19 18.74 -17.27
CA GLU B 23 18.46 19.28 -16.13
C GLU B 23 18.16 18.14 -15.13
N VAL B 24 17.64 17.04 -15.65
CA VAL B 24 17.33 15.90 -14.78
C VAL B 24 18.59 15.39 -14.09
N ARG B 25 19.69 15.25 -14.83
CA ARG B 25 20.93 14.77 -14.22
C ARG B 25 21.41 15.68 -13.06
N LEU B 26 21.37 16.99 -13.25
CA LEU B 26 21.81 17.97 -12.23
C LEU B 26 20.95 17.79 -10.99
N LEU B 27 19.66 17.66 -11.20
CA LEU B 27 18.74 17.54 -10.05
C LEU B 27 18.82 16.18 -9.35
N GLN B 28 19.17 15.12 -10.08
CA GLN B 28 19.35 13.79 -9.45
C GLN B 28 20.65 13.65 -8.69
N THR B 29 21.60 14.51 -9.00
CA THR B 29 22.90 14.47 -8.37
C THR B 29 23.15 15.59 -7.37
N GLY B 30 22.08 16.28 -6.94
CA GLY B 30 22.22 17.39 -5.97
C GLY B 30 23.06 18.55 -6.44
N GLN B 31 23.18 18.74 -7.76
CA GLN B 31 23.86 19.92 -8.30
C GLN B 31 22.85 21.07 -8.47
N TYR B 32 22.25 21.47 -7.35
CA TYR B 32 21.13 22.42 -7.43
C TYR B 32 21.61 23.79 -7.79
N ARG B 33 22.77 24.21 -7.27
CA ARG B 33 23.32 25.54 -7.63
C ARG B 33 23.62 25.63 -9.11
N GLU B 34 24.15 24.55 -9.66
CA GLU B 34 24.49 24.52 -11.08
C GLU B 34 23.21 24.55 -11.90
N TRP B 35 22.16 23.89 -11.41
CA TRP B 35 20.87 23.91 -12.10
C TRP B 35 20.27 25.30 -12.11
N LEU B 36 20.17 25.90 -10.92
CA LEU B 36 19.54 27.20 -10.79
C LEU B 36 20.27 28.28 -11.62
N HIS B 37 21.58 28.35 -11.47
CA HIS B 37 22.39 29.42 -12.10
C HIS B 37 22.60 29.19 -13.60
N GLY B 38 22.69 27.92 -13.97
CA GLY B 38 22.92 27.55 -15.33
C GLY B 38 21.69 27.29 -16.18
N MET B 39 20.56 26.94 -15.56
CA MET B 39 19.41 26.51 -16.35
C MET B 39 18.09 27.25 -16.05
N VAL B 40 18.12 28.14 -15.07
CA VAL B 40 16.95 28.96 -14.73
C VAL B 40 17.31 30.42 -14.93
N ALA B 41 16.45 31.13 -15.66
CA ALA B 41 16.62 32.55 -15.98
C ALA B 41 16.27 33.44 -14.78
N GLU B 42 16.96 34.57 -14.70
CA GLU B 42 16.77 35.48 -13.57
C GLU B 42 15.35 36.06 -13.41
N ASP B 43 14.55 36.00 -14.50
CA ASP B 43 13.13 36.42 -14.58
C ASP B 43 12.10 35.29 -14.48
N ILE B 44 12.57 34.12 -14.03
CA ILE B 44 11.75 32.99 -13.78
C ILE B 44 10.51 33.33 -12.93
N HIS B 45 9.41 32.75 -13.37
CA HIS B 45 8.25 32.46 -12.51
C HIS B 45 8.12 30.95 -12.40
N TYR B 46 8.21 30.43 -11.18
CA TYR B 46 8.16 28.97 -10.96
C TYR B 46 6.92 28.68 -10.13
N TRP B 47 5.97 27.98 -10.74
CA TRP B 47 4.56 27.99 -10.30
C TRP B 47 3.93 26.60 -10.32
N MET B 48 3.41 26.19 -9.16
CA MET B 48 2.69 24.94 -9.04
C MET B 48 1.31 25.22 -8.39
N PRO B 49 0.31 25.50 -9.23
CA PRO B 49 -1.02 25.87 -8.71
C PRO B 49 -1.76 24.75 -7.99
N ILE B 50 -2.66 25.14 -7.07
CA ILE B 50 -3.56 24.21 -6.40
C ILE B 50 -4.85 24.13 -7.17
N TYR B 51 -5.16 22.95 -7.70
CA TYR B 51 -6.41 22.75 -8.43
C TYR B 51 -7.41 22.04 -7.55
N GLU B 52 -8.57 22.60 -7.35
CA GLU B 52 -9.53 21.82 -6.55
C GLU B 52 -10.44 20.94 -7.47
N GLN B 53 -11.15 20.01 -6.86
CA GLN B 53 -12.07 19.16 -7.56
C GLN B 53 -13.38 19.91 -7.69
N ARG B 54 -13.70 20.35 -8.92
CA ARG B 54 -14.89 21.17 -9.16
C ARG B 54 -15.82 20.44 -10.12
N PHE B 55 -17.13 20.59 -9.93
CA PHE B 55 -18.06 20.04 -10.92
C PHE B 55 -17.84 20.66 -12.28
N VAL B 56 -18.15 19.91 -13.33
CA VAL B 56 -18.05 20.42 -14.71
C VAL B 56 -18.83 21.72 -14.89
N ARG B 57 -19.96 21.82 -14.20
CA ARG B 57 -20.86 22.99 -14.24
C ARG B 57 -20.26 24.27 -13.64
N ASP B 58 -19.25 24.11 -12.78
CA ASP B 58 -18.60 25.24 -12.12
C ASP B 58 -17.89 26.16 -13.12
N ARG B 59 -18.32 27.41 -13.18
CA ARG B 59 -17.82 28.34 -14.18
C ARG B 59 -16.64 29.18 -13.70
N ARG B 60 -16.10 28.90 -12.52
CA ARG B 60 -15.01 29.71 -12.02
C ARG B 60 -13.74 29.51 -12.87
N PRO B 61 -12.92 30.55 -13.01
CA PRO B 61 -11.69 30.39 -13.79
C PRO B 61 -10.66 29.50 -13.05
N ASP B 62 -9.75 28.92 -13.82
CA ASP B 62 -8.62 28.16 -13.29
C ASP B 62 -7.75 29.08 -12.46
N PRO B 63 -6.95 28.50 -11.55
CA PRO B 63 -6.04 29.26 -10.73
C PRO B 63 -5.09 30.18 -11.54
N THR B 64 -4.83 31.35 -10.98
CA THR B 64 -3.83 32.31 -11.52
C THR B 64 -2.72 32.41 -10.48
N PRO B 65 -1.59 33.07 -10.82
CA PRO B 65 -0.52 33.31 -9.88
C PRO B 65 -0.96 34.15 -8.67
N ASP B 66 -2.19 34.66 -8.68
CA ASP B 66 -2.69 35.44 -7.56
C ASP B 66 -3.37 34.55 -6.49
N ASP B 67 -3.48 33.27 -6.81
CA ASP B 67 -4.32 32.31 -6.05
C ASP B 67 -3.42 31.26 -5.40
N ALA B 68 -4.04 30.40 -4.60
CA ALA B 68 -3.28 29.35 -3.86
C ALA B 68 -2.38 28.53 -4.81
N ALA B 69 -1.16 28.23 -4.35
CA ALA B 69 -0.22 27.42 -5.14
C ALA B 69 0.82 26.84 -4.18
N ILE B 70 1.37 25.67 -4.50
CA ILE B 70 2.38 25.07 -3.64
C ILE B 70 3.74 25.76 -3.83
N TYR B 71 4.02 26.15 -5.06
CA TYR B 71 5.19 26.98 -5.42
C TYR B 71 4.65 28.20 -6.13
N ASN B 72 5.26 29.36 -5.89
CA ASN B 72 4.90 30.60 -6.59
C ASN B 72 6.05 31.54 -6.38
N ASP B 73 7.15 31.30 -7.12
CA ASP B 73 8.45 31.78 -6.72
C ASP B 73 9.09 32.56 -7.89
N ASP B 74 9.84 33.58 -7.50
CA ASP B 74 10.80 34.24 -8.43
C ASP B 74 12.19 33.67 -8.18
N PHE B 75 13.23 34.27 -8.77
CA PHE B 75 14.58 33.72 -8.72
C PHE B 75 15.17 33.73 -7.33
N GLU B 76 14.96 34.84 -6.63
CA GLU B 76 15.53 34.91 -5.31
CA GLU B 76 15.43 35.01 -5.27
C GLU B 76 14.86 33.90 -4.38
N GLU B 77 13.57 33.66 -4.58
CA GLU B 77 12.83 32.69 -3.75
C GLU B 77 13.25 31.27 -4.06
N LEU B 78 13.47 30.96 -5.33
CA LEU B 78 14.07 29.65 -5.66
C LEU B 78 15.46 29.50 -5.05
N LYS B 79 16.29 30.56 -5.14
CA LYS B 79 17.64 30.53 -4.55
C LYS B 79 17.63 30.18 -3.05
N GLN B 80 16.68 30.75 -2.31
CA GLN B 80 16.51 30.46 -0.89
C GLN B 80 16.15 28.97 -0.71
N ARG B 81 15.28 28.47 -1.57
CA ARG B 81 14.87 27.05 -1.50
C ARG B 81 16.06 26.14 -1.79
N VAL B 82 16.91 26.57 -2.71
CA VAL B 82 18.07 25.77 -3.14
C VAL B 82 19.16 25.87 -2.08
N GLU B 83 19.43 27.11 -1.63
CA GLU B 83 20.47 27.34 -0.64
C GLU B 83 20.21 26.59 0.65
N ARG B 84 18.93 26.43 1.03
CA ARG B 84 18.67 25.72 2.30
C ARG B 84 19.19 24.27 2.26
N LEU B 85 19.25 23.69 1.07
CA LEU B 85 19.72 22.31 0.90
C LEU B 85 21.22 22.10 1.08
N TYR B 86 21.96 23.20 1.13
CA TYR B 86 23.41 23.17 1.26
C TYR B 86 23.83 23.36 2.69
N SER B 87 22.86 23.59 3.57
CA SER B 87 23.12 23.52 4.99
C SER B 87 23.36 22.06 5.37
N GLY B 88 24.30 21.86 6.26
CA GLY B 88 24.51 20.53 6.78
C GLY B 88 23.53 20.30 7.91
N GLN B 89 22.51 21.15 8.04
CA GLN B 89 21.55 20.99 9.13
C GLN B 89 20.13 20.62 8.63
N VAL B 90 20.04 20.16 7.38
CA VAL B 90 18.80 19.57 6.86
C VAL B 90 18.84 18.07 7.22
N TRP B 91 18.30 17.79 8.40
CA TRP B 91 18.44 16.49 9.02
C TRP B 91 17.82 15.39 8.16
N MET B 92 16.75 15.75 7.46
CA MET B 92 16.02 14.77 6.68
C MET B 92 16.82 14.31 5.45
N GLU B 93 17.81 15.11 5.06
CA GLU B 93 18.69 14.77 3.94
C GLU B 93 20.08 14.32 4.40
N ASP B 94 20.19 13.89 5.66
CA ASP B 94 21.44 13.27 6.15
C ASP B 94 21.11 11.99 6.93
N PRO B 95 21.41 10.79 6.38
CA PRO B 95 21.91 10.53 5.02
C PRO B 95 20.96 11.07 3.94
N PRO B 96 21.54 11.30 2.73
CA PRO B 96 20.73 11.87 1.66
C PRO B 96 19.66 10.91 1.03
N SER B 97 18.63 11.49 0.45
CA SER B 97 17.62 10.67 -0.22
C SER B 97 17.98 10.51 -1.71
N LYS B 98 17.13 9.79 -2.44
CA LYS B 98 17.34 9.57 -3.85
C LYS B 98 16.11 10.06 -4.59
N ILE B 99 16.33 10.63 -5.75
CA ILE B 99 15.20 11.02 -6.61
C ILE B 99 15.55 10.64 -8.03
N ARG B 100 14.55 10.19 -8.78
CA ARG B 100 14.77 9.89 -10.19
C ARG B 100 13.54 10.35 -10.98
N TYR B 101 13.80 11.12 -12.06
CA TYR B 101 12.80 11.70 -12.93
C TYR B 101 12.69 10.98 -14.27
N PHE B 102 11.47 10.68 -14.67
CA PHE B 102 11.23 10.15 -15.99
C PHE B 102 10.43 11.17 -16.77
N VAL B 103 11.09 11.83 -17.72
CA VAL B 103 10.48 12.89 -18.53
C VAL B 103 10.08 12.28 -19.85
N SER B 104 8.84 12.49 -20.25
CA SER B 104 8.43 11.98 -21.58
C SER B 104 7.48 12.95 -22.27
N ASN B 105 7.08 12.63 -23.49
CA ASN B 105 6.12 13.49 -24.22
C ASN B 105 6.55 14.97 -24.40
N VAL B 106 7.84 15.21 -24.66
CA VAL B 106 8.34 16.59 -24.82
C VAL B 106 7.82 17.07 -26.14
N GLU B 107 7.08 18.18 -26.11
CA GLU B 107 6.60 18.80 -27.35
C GLU B 107 6.96 20.27 -27.25
N ALA B 108 7.70 20.74 -28.25
CA ALA B 108 8.20 22.10 -28.25
C ALA B 108 7.60 22.87 -29.41
N PHE B 109 7.28 24.15 -29.18
CA PHE B 109 6.59 25.01 -30.16
C PHE B 109 7.25 26.36 -30.25
N GLU B 110 7.22 26.97 -31.44
CA GLU B 110 7.92 28.23 -31.64
C GLU B 110 7.13 29.36 -30.99
N ALA B 111 7.82 30.24 -30.26
CA ALA B 111 7.22 31.46 -29.70
C ALA B 111 7.89 32.65 -30.38
N GLU B 112 7.86 33.84 -29.76
CA GLU B 112 8.45 35.00 -30.45
C GLU B 112 9.86 35.22 -29.95
N ASN B 113 10.62 36.04 -30.68
CA ASN B 113 11.99 36.39 -30.35
C ASN B 113 12.81 35.13 -30.05
N GLY B 114 12.55 34.02 -30.78
CA GLY B 114 13.32 32.76 -30.61
C GLY B 114 13.07 31.98 -29.33
N GLU B 115 12.06 32.40 -28.57
CA GLU B 115 11.60 31.66 -27.39
C GLU B 115 10.78 30.45 -27.80
N LEU B 116 10.69 29.46 -26.90
CA LEU B 116 9.92 28.24 -27.12
C LEU B 116 8.89 27.96 -26.02
N ASP B 117 7.75 27.45 -26.41
CA ASP B 117 6.75 26.95 -25.44
C ASP B 117 6.85 25.42 -25.45
N VAL B 118 7.04 24.81 -24.28
CA VAL B 118 7.35 23.39 -24.24
C VAL B 118 6.48 22.68 -23.21
N LEU B 119 5.97 21.51 -23.58
CA LEU B 119 5.14 20.69 -22.70
C LEU B 119 5.89 19.41 -22.43
N SER B 120 5.69 18.81 -21.26
CA SER B 120 6.24 17.48 -20.99
C SER B 120 5.43 16.78 -19.91
N ASN B 121 5.54 15.47 -19.88
CA ASN B 121 5.04 14.67 -18.76
C ASN B 121 6.24 14.35 -17.86
N ILE B 122 6.02 14.35 -16.54
CA ILE B 122 7.05 13.98 -15.59
C ILE B 122 6.52 12.98 -14.58
N LEU B 123 7.31 11.93 -14.36
CA LEU B 123 7.10 10.91 -13.34
C LEU B 123 8.26 10.98 -12.38
N VAL B 124 7.98 11.14 -11.08
CA VAL B 124 9.07 11.37 -10.11
C VAL B 124 9.03 10.23 -9.11
N TYR B 125 10.13 9.49 -8.98
N TYR B 125 10.18 9.63 -8.87
CA TYR B 125 10.20 8.46 -7.92
CA TYR B 125 10.26 8.48 -7.98
C TYR B 125 11.19 8.95 -6.89
C TYR B 125 11.26 8.79 -6.87
N ARG B 126 10.78 8.84 -5.63
CA ARG B 126 11.59 9.28 -4.51
C ARG B 126 11.81 8.11 -3.55
N ASN B 127 13.03 7.91 -3.13
CA ASN B 127 13.37 6.90 -2.13
C ASN B 127 14.14 7.57 -1.00
N ARG B 128 13.88 7.19 0.24
CA ARG B 128 14.72 7.63 1.35
C ARG B 128 14.77 6.62 2.46
N ARG B 129 15.74 6.85 3.35
CA ARG B 129 15.90 5.99 4.53
C ARG B 129 15.93 4.53 4.10
N GLN B 130 15.16 3.69 4.78
CA GLN B 130 15.26 2.23 4.53
C GLN B 130 14.21 1.74 3.52
N THR B 131 12.93 2.06 3.75
CA THR B 131 11.80 1.52 2.93
C THR B 131 10.84 2.60 2.41
N GLU B 132 11.18 3.88 2.56
CA GLU B 132 10.25 4.95 2.12
C GLU B 132 10.33 5.15 0.59
N VAL B 133 9.18 5.12 -0.04
CA VAL B 133 9.11 5.32 -1.50
C VAL B 133 7.86 6.12 -1.77
N THR B 134 8.01 7.15 -2.58
CA THR B 134 6.87 7.95 -2.99
C THR B 134 6.98 8.23 -4.50
N VAL B 135 5.84 8.41 -5.13
CA VAL B 135 5.77 8.62 -6.59
C VAL B 135 4.82 9.79 -6.91
N HIS B 136 5.22 10.65 -7.84
CA HIS B 136 4.39 11.76 -8.27
C HIS B 136 4.34 11.80 -9.80
N THR B 137 3.21 12.24 -10.32
CA THR B 137 3.14 12.53 -11.77
C THR B 137 2.63 13.92 -11.96
N LEU B 138 3.20 14.64 -12.95
CA LEU B 138 2.86 16.04 -13.21
C LEU B 138 2.94 16.29 -14.70
N GLY B 139 2.29 17.38 -15.13
CA GLY B 139 2.58 18.01 -16.39
C GLY B 139 3.37 19.26 -16.19
N ARG B 140 4.17 19.60 -17.20
CA ARG B 140 5.04 20.74 -17.08
C ARG B 140 4.84 21.56 -18.33
N GLU B 141 4.65 22.86 -18.12
CA GLU B 141 4.48 23.84 -19.21
C GLU B 141 5.51 24.92 -19.02
N ASP B 142 6.51 24.91 -19.92
CA ASP B 142 7.69 25.77 -19.78
C ASP B 142 7.71 26.84 -20.88
N LYS B 143 8.34 27.95 -20.59
CA LYS B 143 8.81 28.84 -21.65
C LYS B 143 10.31 28.90 -21.52
N LEU B 144 10.98 28.62 -22.64
CA LEU B 144 12.41 28.57 -22.66
C LEU B 144 12.99 29.65 -23.57
N ARG B 145 14.15 30.16 -23.20
CA ARG B 145 14.96 30.97 -24.13
C ARG B 145 16.36 30.38 -24.22
N GLN B 146 17.00 30.61 -25.37
CA GLN B 146 18.29 30.00 -25.63
C GLN B 146 19.36 30.70 -24.85
N ASP B 147 20.25 29.91 -24.29
CA ASP B 147 21.37 30.43 -23.56
C ASP B 147 22.55 29.63 -24.08
N GLY B 148 22.99 29.97 -25.30
CA GLY B 148 24.20 29.39 -25.87
C GLY B 148 25.26 29.59 -24.79
N ASN B 149 25.83 28.49 -24.29
CA ASN B 149 25.46 27.14 -24.70
C ASN B 149 24.32 26.54 -23.85
N GLY B 150 23.11 26.45 -24.42
CA GLY B 150 21.95 25.79 -23.77
C GLY B 150 20.62 26.54 -23.79
N PHE B 151 19.74 26.18 -22.87
CA PHE B 151 18.50 26.91 -22.62
C PHE B 151 18.45 27.37 -21.18
N LYS B 152 17.63 28.38 -20.93
CA LYS B 152 17.19 28.68 -19.57
C LYS B 152 15.67 28.74 -19.55
N VAL B 153 15.07 28.26 -18.46
CA VAL B 153 13.63 28.35 -18.30
C VAL B 153 13.28 29.69 -17.61
N PHE B 154 12.31 30.41 -18.16
CA PHE B 154 11.85 31.66 -17.56
C PHE B 154 10.36 31.67 -17.21
N ARG B 155 9.60 30.67 -17.64
CA ARG B 155 8.29 30.39 -17.02
C ARG B 155 8.20 28.90 -16.83
N ARG B 156 7.85 28.45 -15.62
CA ARG B 156 7.64 27.01 -15.47
C ARG B 156 6.35 26.84 -14.67
N LYS B 157 5.35 26.18 -15.25
CA LYS B 157 4.12 25.80 -14.53
C LYS B 157 4.03 24.29 -14.38
N LEU B 158 3.76 23.82 -13.16
CA LEU B 158 3.78 22.40 -12.84
C LEU B 158 2.38 22.02 -12.33
N ILE B 159 1.78 21.04 -12.99
CA ILE B 159 0.39 20.63 -12.77
C ILE B 159 0.37 19.23 -12.15
N LEU B 160 0.12 19.14 -10.83
CA LEU B 160 0.19 17.84 -10.13
C LEU B 160 -1.06 17.03 -10.47
N ASP B 161 -0.96 15.72 -10.54
CA ASP B 161 -2.14 14.91 -10.86
C ASP B 161 -2.99 14.57 -9.63
N ALA B 162 -2.35 14.53 -8.45
CA ALA B 162 -3.06 14.08 -7.22
C ALA B 162 -3.62 15.24 -6.40
N ARG B 163 -4.89 15.13 -6.01
CA ARG B 163 -5.52 16.19 -5.20
C ARG B 163 -4.95 16.19 -3.81
N VAL B 164 -4.79 15.00 -3.22
CA VAL B 164 -4.17 14.87 -1.89
C VAL B 164 -2.78 14.25 -2.12
N THR B 165 -1.75 14.97 -1.72
CA THR B 165 -0.38 14.52 -1.92
C THR B 165 -0.04 13.35 -0.97
N GLN B 166 0.34 12.22 -1.55
CA GLN B 166 0.75 11.07 -0.74
C GLN B 166 2.29 11.03 -0.55
N ASP B 167 2.78 12.04 0.16
CA ASP B 167 4.22 12.13 0.44
C ASP B 167 4.32 13.06 1.64
N LYS B 168 5.39 12.98 2.43
CA LYS B 168 5.53 13.98 3.49
C LYS B 168 5.74 15.38 3.00
N ASN B 169 6.32 15.52 1.81
CA ASN B 169 6.50 16.87 1.24
C ASN B 169 6.60 16.82 -0.28
N LEU B 170 6.61 18.01 -0.88
CA LEU B 170 6.88 18.20 -2.30
C LEU B 170 8.14 19.06 -2.50
N TYR B 171 9.09 18.84 -1.62
CA TYR B 171 10.34 19.61 -1.65
C TYR B 171 11.33 18.98 -2.63
N PHE B 172 11.06 19.18 -3.91
CA PHE B 172 11.99 18.75 -4.99
C PHE B 172 11.68 19.67 -6.15
N PHE B 173 12.66 19.89 -7.02
CA PHE B 173 12.47 20.74 -8.18
C PHE B 173 12.05 19.92 -9.36
N CYS B 174 11.27 20.55 -10.24
CA CYS B 174 10.92 19.98 -11.53
C CYS B 174 11.18 20.99 -12.63
N MET C 1 -4.47 -19.96 24.91
CA MET C 1 -3.27 -19.59 25.70
C MET C 1 -3.05 -20.47 26.94
N SER C 2 -2.48 -21.66 26.74
CA SER C 2 -2.14 -22.54 27.85
C SER C 2 -0.64 -22.83 27.92
N GLY C 3 -0.25 -23.52 28.99
CA GLY C 3 1.12 -24.02 29.14
C GLY C 3 1.28 -25.39 28.51
N ASP C 4 0.43 -25.69 27.52
CA ASP C 4 0.56 -26.90 26.70
C ASP C 4 -0.12 -26.76 25.34
N THR C 5 0.41 -25.88 24.48
CA THR C 5 -0.23 -25.55 23.20
C THR C 5 -0.27 -26.71 22.21
N THR C 6 -1.40 -26.84 21.51
CA THR C 6 -1.61 -27.85 20.47
C THR C 6 -1.20 -27.36 19.07
N LEU C 7 -0.61 -26.16 19.01
CA LEU C 7 -0.12 -25.61 17.73
C LEU C 7 1.10 -26.36 17.17
N VAL C 8 1.84 -27.04 18.06
CA VAL C 8 2.95 -27.89 17.69
C VAL C 8 2.69 -29.26 18.34
N ASP C 9 2.77 -30.33 17.57
CA ASP C 9 2.49 -31.69 18.07
C ASP C 9 3.82 -32.43 18.00
N THR C 10 4.45 -32.66 19.16
CA THR C 10 5.81 -33.17 19.18
C THR C 10 5.91 -34.69 19.23
N VAL C 11 4.78 -35.39 19.00
CA VAL C 11 4.73 -36.86 19.22
C VAL C 11 5.30 -37.83 18.13
N ASN C 12 4.92 -37.87 16.84
CA ASN C 12 3.96 -37.05 16.03
C ASN C 12 4.54 -36.04 15.01
N ALA C 13 5.27 -35.04 15.49
CA ALA C 13 5.99 -34.08 14.62
C ALA C 13 5.18 -33.44 13.46
N SER C 14 4.14 -32.69 13.82
CA SER C 14 3.48 -31.75 12.89
C SER C 14 3.21 -30.39 13.57
N GLN C 15 2.87 -29.37 12.78
CA GLN C 15 2.63 -28.04 13.34
C GLN C 15 1.42 -27.46 12.68
N SER C 16 0.62 -26.72 13.45
CA SER C 16 -0.59 -26.08 12.95
C SER C 16 -0.22 -24.95 11.98
N ARG C 17 -0.98 -24.87 10.90
CA ARG C 17 -0.85 -23.80 9.88
C ARG C 17 -0.98 -22.42 10.51
N GLN C 18 -1.79 -22.34 11.57
CA GLN C 18 -1.91 -21.10 12.35
C GLN C 18 -0.58 -20.46 12.76
N VAL C 19 0.46 -21.27 13.03
CA VAL C 19 1.78 -20.71 13.41
C VAL C 19 2.43 -19.82 12.31
N PHE C 20 2.02 -20.03 11.06
CA PHE C 20 2.45 -19.18 9.94
C PHE C 20 1.53 -17.96 9.71
N TRP C 21 0.37 -17.93 10.38
CA TRP C 21 -0.69 -16.97 10.03
C TRP C 21 -1.27 -16.10 11.16
N ASP C 22 -1.55 -16.73 12.30
CA ASP C 22 -2.38 -16.06 13.30
C ASP C 22 -1.62 -14.98 14.05
N ARG C 23 -2.26 -13.82 14.17
CA ARG C 23 -1.67 -12.63 14.79
C ARG C 23 -1.44 -12.84 16.29
N ASP C 24 -2.41 -13.47 16.95
CA ASP C 24 -2.27 -13.77 18.39
C ASP C 24 -1.01 -14.62 18.69
N VAL C 25 -0.78 -15.65 17.89
CA VAL C 25 0.41 -16.46 18.02
C VAL C 25 1.65 -15.60 17.82
N TYR C 26 1.63 -14.72 16.81
CA TYR C 26 2.77 -13.82 16.56
C TYR C 26 3.10 -12.99 17.78
N ASP C 27 2.06 -12.39 18.35
CA ASP C 27 2.26 -11.52 19.48
C ASP C 27 2.86 -12.28 20.64
N LEU C 28 2.55 -13.57 20.74
CA LEU C 28 3.12 -14.39 21.79
C LEU C 28 4.58 -14.72 21.53
N GLU C 29 4.92 -14.99 20.27
CA GLU C 29 6.32 -15.11 19.90
C GLU C 29 7.12 -13.88 20.24
N ILE C 30 6.56 -12.69 19.98
CA ILE C 30 7.28 -11.48 20.28
C ILE C 30 7.57 -11.45 21.78
N GLU C 31 6.57 -11.79 22.58
CA GLU C 31 6.73 -11.79 24.03
C GLU C 31 7.70 -12.87 24.58
N ARG C 32 7.51 -14.09 24.11
CA ARG C 32 8.16 -15.25 24.70
C ARG C 32 9.37 -15.75 23.96
N ILE C 33 9.64 -15.22 22.76
CA ILE C 33 10.85 -15.61 22.05
C ILE C 33 11.74 -14.38 21.83
N PHE C 34 11.20 -13.40 21.12
CA PHE C 34 12.03 -12.29 20.72
C PHE C 34 12.39 -11.36 21.87
N SER C 35 11.50 -11.21 22.84
CA SER C 35 11.81 -10.40 24.01
C SER C 35 12.58 -11.15 25.10
N ARG C 36 12.77 -12.46 24.88
CA ARG C 36 13.37 -13.38 25.86
C ARG C 36 14.77 -13.91 25.48
N ALA C 37 14.95 -14.24 24.20
CA ALA C 37 16.14 -14.97 23.73
C ALA C 37 17.26 -14.03 23.32
N TRP C 38 18.43 -14.60 23.05
CA TRP C 38 19.55 -13.85 22.48
C TRP C 38 19.40 -13.81 20.97
N LEU C 39 19.43 -12.60 20.42
CA LEU C 39 19.27 -12.39 18.97
C LEU C 39 20.57 -11.92 18.36
N MET C 40 20.81 -12.36 17.14
CA MET C 40 22.02 -12.02 16.39
C MET C 40 21.99 -10.53 16.01
N LEU C 41 23.05 -9.81 16.39
CA LEU C 41 23.23 -8.40 16.01
C LEU C 41 24.27 -8.13 14.93
N GLY C 42 25.25 -9.02 14.81
CA GLY C 42 26.35 -8.80 13.88
C GLY C 42 27.65 -9.34 14.41
N HIS C 43 28.75 -8.62 14.19
CA HIS C 43 30.10 -9.11 14.53
C HIS C 43 30.93 -7.90 14.78
N LYS C 44 31.93 -8.06 15.67
CA LYS C 44 32.97 -7.05 15.88
C LYS C 44 33.57 -6.51 14.58
N SER C 45 33.70 -7.37 13.57
CA SER C 45 34.31 -7.00 12.29
C SER C 45 33.50 -5.89 11.62
N LEU C 46 32.23 -5.77 11.99
CA LEU C 46 31.33 -4.71 11.46
C LEU C 46 31.48 -3.34 12.10
N LEU C 47 32.06 -3.31 13.30
CA LEU C 47 32.31 -2.06 14.00
C LEU C 47 33.62 -2.29 14.77
N PRO C 48 34.75 -2.47 14.04
CA PRO C 48 35.93 -3.06 14.72
C PRO C 48 36.83 -2.07 15.53
N LYS C 49 36.60 -0.78 15.40
CA LYS C 49 37.42 0.24 16.08
C LYS C 49 36.55 1.05 17.06
N PRO C 50 37.13 1.51 18.20
CA PRO C 50 36.33 2.35 19.11
C PRO C 50 35.56 3.42 18.37
N GLY C 51 34.27 3.55 18.67
CA GLY C 51 33.44 4.60 18.10
C GLY C 51 32.62 4.14 16.91
N ASP C 52 33.03 3.01 16.30
CA ASP C 52 32.30 2.48 15.15
C ASP C 52 30.97 1.94 15.66
N PHE C 53 29.93 2.04 14.83
CA PHE C 53 28.62 1.57 15.24
C PHE C 53 27.93 1.01 14.04
N ILE C 54 26.92 0.19 14.29
CA ILE C 54 25.91 -0.11 13.27
C ILE C 54 24.52 0.13 13.87
N THR C 55 23.55 0.36 12.99
CA THR C 55 22.14 0.24 13.33
C THR C 55 21.60 -1.10 12.87
N THR C 56 20.76 -1.73 13.69
CA THR C 56 20.17 -3.01 13.31
C THR C 56 18.85 -3.23 14.04
N TYR C 57 18.23 -4.38 13.80
CA TYR C 57 16.98 -4.74 14.44
C TYR C 57 17.18 -5.85 15.42
N MET C 58 16.35 -5.81 16.47
CA MET C 58 15.99 -7.01 17.23
C MET C 58 14.50 -7.19 17.09
N ALA C 59 14.11 -8.18 16.31
CA ALA C 59 12.72 -8.31 15.86
C ALA C 59 12.16 -6.96 15.32
N GLU C 60 11.15 -6.37 15.97
CA GLU C 60 10.60 -5.09 15.44
C GLU C 60 11.18 -3.83 16.08
N ASP C 61 12.16 -4.00 16.95
CA ASP C 61 12.76 -2.84 17.63
C ASP C 61 14.07 -2.49 16.96
N LYS C 62 14.28 -1.22 16.72
CA LYS C 62 15.54 -0.72 16.17
C LYS C 62 16.54 -0.45 17.29
N ILE C 63 17.78 -0.89 17.08
CA ILE C 63 18.83 -0.58 18.04
C ILE C 63 20.05 0.05 17.39
N ILE C 64 20.85 0.74 18.22
CA ILE C 64 22.17 1.20 17.87
C ILE C 64 23.14 0.26 18.65
N LEU C 65 24.13 -0.26 17.94
CA LEU C 65 25.15 -1.16 18.51
C LEU C 65 26.50 -0.45 18.35
N SER C 66 27.23 -0.21 19.46
CA SER C 66 28.37 0.73 19.46
C SER C 66 29.63 0.09 20.11
N HIS C 67 30.78 0.24 19.46
CA HIS C 67 32.10 -0.16 20.00
C HIS C 67 32.54 0.97 20.96
N GLN C 68 32.54 0.70 22.26
CA GLN C 68 32.94 1.72 23.26
C GLN C 68 34.45 2.02 23.23
N SER C 69 34.88 3.12 23.84
CA SER C 69 36.29 3.47 23.93
C SER C 69 37.16 2.42 24.59
N ASP C 70 36.57 1.68 25.51
CA ASP C 70 37.27 0.62 26.25
C ASP C 70 37.13 -0.76 25.62
N GLY C 71 36.74 -0.82 24.34
CA GLY C 71 36.71 -2.09 23.62
C GLY C 71 35.54 -3.02 23.89
N THR C 72 34.61 -2.58 24.73
CA THR C 72 33.40 -3.35 24.95
C THR C 72 32.33 -2.88 23.94
N PHE C 73 31.25 -3.65 23.89
CA PHE C 73 30.14 -3.37 22.98
C PHE C 73 28.88 -3.20 23.80
N ARG C 74 28.13 -2.15 23.46
CA ARG C 74 26.84 -1.87 24.13
C ARG C 74 25.81 -1.56 23.04
N ALA C 75 24.55 -1.81 23.36
CA ALA C 75 23.41 -1.53 22.45
C ALA C 75 22.34 -0.82 23.25
N PHE C 76 21.49 -0.09 22.52
CA PHE C 76 20.37 0.63 23.09
C PHE C 76 19.32 0.86 22.00
N ILE C 77 18.08 1.02 22.47
CA ILE C 77 16.93 1.22 21.60
C ILE C 77 17.15 2.55 20.87
N ASN C 78 16.87 2.56 19.57
CA ASN C 78 17.15 3.71 18.74
C ASN C 78 15.95 4.68 18.74
N SER C 79 15.65 5.27 19.91
CA SER C 79 14.43 6.09 20.02
C SER C 79 14.64 6.98 21.21
N CYS C 80 14.46 8.26 20.98
CA CYS C 80 14.71 9.26 21.95
C CYS C 80 13.71 9.15 23.11
N THR C 81 14.15 9.48 24.30
CA THR C 81 13.27 9.41 25.48
C THR C 81 12.56 10.74 25.72
N HIS C 82 12.67 11.70 24.81
CA HIS C 82 11.88 12.95 24.90
C HIS C 82 10.53 12.66 24.23
N ARG C 83 10.44 12.74 22.89
CA ARG C 83 9.14 12.48 22.24
C ARG C 83 9.20 11.18 21.39
N GLY C 84 10.28 10.41 21.51
CA GLY C 84 10.39 9.12 20.84
C GLY C 84 11.05 9.07 19.44
N ASN C 85 11.46 10.20 18.90
CA ASN C 85 12.04 10.26 17.52
C ASN C 85 13.20 9.26 17.41
N GLN C 86 13.30 8.57 16.26
CA GLN C 86 14.44 7.69 16.00
C GLN C 86 15.68 8.54 16.05
N ILE C 87 16.68 8.05 16.73
CA ILE C 87 17.90 8.82 16.95
C ILE C 87 18.84 8.78 15.75
N CYS C 88 19.19 7.57 15.31
CA CYS C 88 20.24 7.40 14.29
C CYS C 88 19.71 6.74 13.00
N HIS C 89 19.91 7.44 11.88
CA HIS C 89 19.44 6.98 10.56
C HIS C 89 20.56 6.46 9.65
N ALA C 90 21.80 6.46 10.15
CA ALA C 90 22.92 5.88 9.40
C ALA C 90 22.96 4.39 9.60
N ASP C 91 23.31 3.66 8.54
CA ASP C 91 23.54 2.21 8.64
C ASP C 91 24.80 1.90 9.47
N SER C 92 25.83 2.68 9.30
CA SER C 92 27.07 2.49 10.07
C SER C 92 27.86 3.75 10.01
N GLY C 93 28.92 3.80 10.82
CA GLY C 93 29.81 4.94 10.80
C GLY C 93 30.63 4.90 12.07
N ASN C 94 31.15 6.06 12.45
CA ASN C 94 31.89 6.19 13.69
C ASN C 94 31.34 7.43 14.38
N ALA C 95 31.03 7.31 15.67
CA ALA C 95 30.37 8.37 16.39
C ALA C 95 30.71 8.35 17.87
N LYS C 96 31.04 9.50 18.45
CA LYS C 96 31.19 9.59 19.92
C LYS C 96 29.83 9.95 20.59
N ALA C 97 28.83 10.28 19.79
CA ALA C 97 27.51 10.67 20.32
C ALA C 97 26.48 10.47 19.22
N PHE C 98 25.22 10.33 19.63
CA PHE C 98 24.10 10.13 18.71
C PHE C 98 23.10 11.20 19.06
N VAL C 99 22.84 12.08 18.12
CA VAL C 99 21.98 13.24 18.38
C VAL C 99 20.58 12.99 17.82
N CYS C 100 19.56 13.19 18.68
CA CYS C 100 18.16 13.21 18.20
C CYS C 100 17.87 14.56 17.51
N ASN C 101 17.49 14.52 16.23
CA ASN C 101 17.40 15.78 15.51
C ASN C 101 16.05 16.48 15.54
N TYR C 102 15.15 15.99 16.37
CA TYR C 102 13.94 16.79 16.61
C TYR C 102 14.25 18.02 17.50
N HIS C 103 14.79 17.81 18.72
CA HIS C 103 15.15 18.92 19.63
C HIS C 103 16.62 18.92 20.02
N GLY C 104 17.33 17.89 19.57
CA GLY C 104 18.80 17.89 19.78
C GLY C 104 19.38 17.27 21.03
N TRP C 105 18.58 16.44 21.73
CA TRP C 105 19.09 15.64 22.84
C TRP C 105 20.21 14.71 22.35
N VAL C 106 21.25 14.63 23.17
CA VAL C 106 22.52 13.97 22.78
C VAL C 106 22.73 12.73 23.62
N TYR C 107 22.90 11.59 22.95
CA TYR C 107 23.07 10.31 23.62
C TYR C 107 24.51 9.86 23.51
N GLY C 108 25.05 9.29 24.58
CA GLY C 108 26.40 8.72 24.55
C GLY C 108 26.42 7.38 23.87
N GLN C 109 27.62 6.81 23.76
CA GLN C 109 27.77 5.55 23.04
C GLN C 109 27.12 4.38 23.73
N ASP C 110 26.76 4.55 24.99
CA ASP C 110 25.98 3.54 25.68
C ASP C 110 24.50 3.91 25.83
N GLY C 111 24.08 5.02 25.22
CA GLY C 111 22.67 5.41 25.24
C GLY C 111 22.34 6.33 26.40
N SER C 112 23.33 6.59 27.27
CA SER C 112 23.16 7.57 28.31
C SER C 112 22.73 8.90 27.72
N LEU C 113 21.80 9.58 28.36
CA LEU C 113 21.49 10.95 27.95
C LEU C 113 22.55 11.88 28.46
N VAL C 114 23.44 12.31 27.58
CA VAL C 114 24.61 13.06 28.03
C VAL C 114 24.48 14.58 28.05
N ASP C 115 23.73 15.14 27.09
CA ASP C 115 23.55 16.58 27.00
C ASP C 115 22.14 16.86 26.46
N VAL C 116 21.56 17.98 26.87
CA VAL C 116 20.33 18.50 26.20
C VAL C 116 20.52 19.98 25.93
N PRO C 117 20.17 20.44 24.72
CA PRO C 117 20.26 21.87 24.43
C PRO C 117 19.47 22.67 25.47
N LEU C 118 20.07 23.77 25.95
CA LEU C 118 19.41 24.68 26.94
C LEU C 118 18.97 24.02 28.24
N GLU C 119 19.70 22.98 28.68
CA GLU C 119 19.45 22.29 29.94
C GLU C 119 19.40 23.32 31.06
N SER C 120 20.32 24.31 31.03
CA SER C 120 20.37 25.29 32.15
C SER C 120 19.26 26.34 32.04
N ARG C 121 19.23 27.05 30.91
CA ARG C 121 18.34 28.21 30.81
C ARG C 121 16.87 27.77 30.76
N CYS C 122 16.63 26.62 30.13
CA CYS C 122 15.28 26.24 29.77
C CYS C 122 14.72 25.07 30.57
N TYR C 123 15.49 24.02 30.80
CA TYR C 123 15.05 23.03 31.76
C TYR C 123 15.37 23.40 33.22
N HIS C 124 16.15 24.48 33.44
CA HIS C 124 16.56 24.88 34.81
C HIS C 124 17.32 23.81 35.55
N ASN C 125 18.07 23.00 34.81
CA ASN C 125 18.72 21.85 35.38
C ASN C 125 17.85 20.94 36.24
N LYS C 126 16.55 20.89 35.93
CA LYS C 126 15.64 20.04 36.67
CA LYS C 126 15.63 20.05 36.67
C LYS C 126 15.32 18.74 35.93
N LEU C 127 15.86 18.59 34.72
CA LEU C 127 15.67 17.37 33.97
C LEU C 127 16.60 16.28 34.50
N ASP C 128 16.05 15.16 34.94
CA ASP C 128 16.95 14.14 35.45
C ASP C 128 17.39 13.15 34.37
N LYS C 129 18.49 13.52 33.70
CA LYS C 129 19.08 12.75 32.59
C LYS C 129 19.43 11.31 32.97
N GLN C 130 19.85 11.09 34.22
CA GLN C 130 20.12 9.74 34.72
C GLN C 130 18.97 8.77 34.52
N GLU C 131 17.75 9.30 34.51
CA GLU C 131 16.51 8.52 34.38
CA GLU C 131 16.57 8.46 34.37
C GLU C 131 16.07 8.38 32.92
N LEU C 132 16.76 9.07 32.02
CA LEU C 132 16.28 9.17 30.66
C LEU C 132 17.26 8.58 29.63
N ALA C 133 18.09 7.62 30.03
CA ALA C 133 18.89 6.91 29.02
C ALA C 133 17.96 6.19 28.02
N ALA C 134 18.35 6.20 26.75
CA ALA C 134 17.71 5.28 25.79
C ALA C 134 17.86 3.92 26.37
N LYS C 135 16.82 3.10 26.23
CA LYS C 135 16.70 1.82 26.91
C LYS C 135 17.83 0.89 26.54
N SER C 136 18.58 0.46 27.55
CA SER C 136 19.72 -0.40 27.23
C SER C 136 19.27 -1.82 26.87
N VAL C 137 20.13 -2.50 26.12
CA VAL C 137 19.94 -3.87 25.71
C VAL C 137 21.22 -4.65 26.13
N ARG C 138 21.05 -5.81 26.75
CA ARG C 138 22.19 -6.60 27.23
C ARG C 138 22.87 -7.11 25.98
N VAL C 139 24.18 -6.90 25.92
CA VAL C 139 25.03 -7.39 24.82
C VAL C 139 26.08 -8.37 25.35
N GLU C 140 26.13 -9.54 24.72
CA GLU C 140 27.21 -10.50 24.92
C GLU C 140 27.79 -10.97 23.57
N THR C 141 29.05 -11.40 23.57
CA THR C 141 29.74 -11.78 22.33
C THR C 141 30.28 -13.19 22.49
N TYR C 142 30.32 -13.91 21.38
CA TYR C 142 30.91 -15.24 21.34
C TYR C 142 31.73 -15.37 20.07
N LYS C 143 33.04 -15.46 20.23
CA LYS C 143 33.94 -15.62 19.09
C LYS C 143 33.76 -14.47 18.07
N GLY C 144 33.53 -13.28 18.61
CA GLY C 144 33.45 -12.05 17.81
C GLY C 144 32.02 -11.73 17.39
N PHE C 145 31.13 -12.73 17.43
CA PHE C 145 29.73 -12.54 17.07
C PHE C 145 29.02 -11.88 18.22
N ILE C 146 28.14 -10.94 17.89
CA ILE C 146 27.57 -10.04 18.88
C ILE C 146 26.09 -10.34 18.97
N PHE C 147 25.60 -10.63 20.19
CA PHE C 147 24.19 -10.93 20.43
C PHE C 147 23.62 -9.95 21.46
N GLY C 148 22.29 -9.83 21.43
CA GLY C 148 21.59 -8.92 22.30
C GLY C 148 20.41 -9.63 22.91
N CYS C 149 20.04 -9.19 24.13
CA CYS C 149 18.92 -9.79 24.84
C CYS C 149 18.21 -8.76 25.73
N HIS C 150 16.88 -8.83 25.75
CA HIS C 150 16.05 -7.89 26.50
C HIS C 150 15.70 -8.37 27.91
N ASP C 151 15.76 -9.67 28.14
CA ASP C 151 15.32 -10.26 29.41
C ASP C 151 16.48 -10.29 30.41
N PRO C 152 16.38 -9.54 31.53
CA PRO C 152 17.43 -9.58 32.56
C PRO C 152 17.59 -10.96 33.22
N GLU C 153 16.58 -11.81 33.10
CA GLU C 153 16.58 -13.18 33.66
C GLU C 153 17.06 -14.27 32.69
N ALA C 154 17.55 -13.88 31.52
CA ALA C 154 18.00 -14.89 30.58
C ALA C 154 19.36 -15.47 31.01
N PRO C 155 19.63 -16.74 30.65
CA PRO C 155 20.99 -17.31 30.78
C PRO C 155 22.03 -16.47 30.03
N SER C 156 23.30 -16.67 30.33
CA SER C 156 24.34 -16.02 29.56
C SER C 156 24.19 -16.51 28.11
N LEU C 157 24.72 -15.72 27.16
CA LEU C 157 24.81 -16.16 25.78
C LEU C 157 25.47 -17.53 25.68
N GLU C 158 26.58 -17.72 26.37
CA GLU C 158 27.25 -19.01 26.23
C GLU C 158 26.40 -20.22 26.69
N ASP C 159 25.54 -20.02 27.70
CA ASP C 159 24.59 -21.05 28.14
C ASP C 159 23.40 -21.22 27.18
N TYR C 160 22.98 -20.11 26.57
CA TYR C 160 21.92 -20.14 25.56
C TYR C 160 22.40 -20.86 24.29
N LEU C 161 23.64 -20.62 23.91
CA LEU C 161 24.24 -21.41 22.81
C LEU C 161 24.44 -22.85 23.33
N GLY C 162 24.88 -22.96 24.59
CA GLY C 162 24.99 -24.22 25.28
C GLY C 162 25.81 -25.21 24.48
N GLU C 163 25.18 -26.35 24.17
CA GLU C 163 25.91 -27.50 23.52
C GLU C 163 26.17 -27.26 22.03
N PHE C 164 25.51 -26.25 21.47
CA PHE C 164 25.75 -25.84 20.09
C PHE C 164 27.15 -25.23 19.97
N ARG C 165 27.72 -24.77 21.08
CA ARG C 165 29.08 -24.21 21.07
C ARG C 165 30.11 -25.23 20.58
N PHE C 166 29.80 -26.50 20.77
CA PHE C 166 30.66 -27.59 20.31
C PHE C 166 30.80 -27.43 18.78
N TYR C 167 29.67 -27.21 18.12
CA TYR C 167 29.62 -27.01 16.66
C TYR C 167 30.10 -25.64 16.19
N LEU C 168 29.67 -24.59 16.91
CA LEU C 168 30.09 -23.23 16.53
C LEU C 168 31.61 -23.02 16.70
N ASP C 169 32.21 -23.57 17.75
CA ASP C 169 33.67 -23.45 17.93
C ASP C 169 34.43 -23.98 16.71
N THR C 170 33.90 -25.03 16.11
CA THR C 170 34.52 -25.71 14.96
C THR C 170 34.71 -24.74 13.80
N ILE C 171 33.62 -24.00 13.47
CA ILE C 171 33.65 -23.05 12.34
C ILE C 171 33.99 -21.61 12.73
N TRP C 172 33.41 -21.10 13.83
CA TRP C 172 33.69 -19.74 14.26
C TRP C 172 35.09 -19.52 14.81
N GLU C 173 35.61 -20.48 15.59
CA GLU C 173 37.02 -20.37 16.01
C GLU C 173 37.92 -20.98 14.90
N GLY C 174 37.59 -22.20 14.50
CA GLY C 174 38.24 -22.86 13.36
C GLY C 174 39.72 -23.11 13.57
N GLY C 175 40.48 -23.11 12.48
CA GLY C 175 41.88 -23.53 12.51
C GLY C 175 42.85 -22.40 12.43
N GLY C 176 42.33 -21.19 12.20
CA GLY C 176 43.16 -19.99 12.09
C GLY C 176 42.69 -18.87 13.00
N ALA C 177 42.40 -17.70 12.42
CA ALA C 177 41.94 -16.57 13.24
C ALA C 177 40.43 -16.50 13.48
N GLY C 178 39.67 -17.45 12.91
CA GLY C 178 38.22 -17.52 13.07
C GLY C 178 37.44 -16.82 11.94
N LEU C 179 36.12 -17.03 11.91
CA LEU C 179 35.27 -16.34 10.95
C LEU C 179 34.82 -14.96 11.46
N GLU C 180 34.49 -14.06 10.54
CA GLU C 180 33.91 -12.76 10.85
C GLU C 180 32.84 -12.47 9.79
N LEU C 181 32.18 -11.33 9.90
CA LEU C 181 31.20 -10.91 8.89
C LEU C 181 31.73 -9.78 8.05
N LEU C 182 31.26 -9.77 6.82
CA LEU C 182 31.58 -8.77 5.85
C LEU C 182 30.23 -8.17 5.43
N GLY C 183 30.12 -6.87 5.62
CA GLY C 183 28.99 -6.09 5.08
C GLY C 183 29.49 -5.15 3.99
N PRO C 184 28.70 -4.11 3.63
CA PRO C 184 27.32 -3.90 4.12
C PRO C 184 26.37 -5.00 3.68
N PRO C 185 25.31 -5.21 4.45
CA PRO C 185 24.40 -6.28 4.19
C PRO C 185 23.44 -5.93 3.06
N MET C 186 23.02 -6.93 2.30
CA MET C 186 21.79 -6.80 1.49
C MET C 186 20.61 -6.78 2.46
N LYS C 187 19.54 -6.06 2.12
CA LYS C 187 18.30 -6.08 2.89
C LYS C 187 17.13 -6.14 1.94
N SER C 188 16.16 -7.02 2.20
CA SER C 188 14.98 -7.06 1.37
C SER C 188 13.79 -7.52 2.20
N LEU C 189 12.60 -7.25 1.68
CA LEU C 189 11.35 -7.65 2.31
C LEU C 189 10.84 -8.82 1.60
N LEU C 190 10.20 -9.71 2.36
CA LEU C 190 9.65 -10.92 1.77
C LEU C 190 8.35 -11.19 2.50
N HIS C 191 7.29 -11.45 1.75
CA HIS C 191 5.96 -11.66 2.31
C HIS C 191 5.74 -13.05 2.86
N CYS C 192 6.49 -13.37 3.91
CA CYS C 192 6.37 -14.66 4.55
C CYS C 192 6.48 -14.55 6.04
N ASN C 193 5.98 -15.58 6.73
CA ASN C 193 6.22 -15.73 8.14
C ASN C 193 7.71 -16.03 8.40
N TRP C 194 8.27 -15.49 9.48
CA TRP C 194 9.70 -15.61 9.75
C TRP C 194 10.19 -17.06 9.89
N LYS C 195 9.29 -18.00 10.18
CA LYS C 195 9.75 -19.38 10.46
C LYS C 195 9.97 -20.18 9.19
N VAL C 196 9.35 -19.74 8.09
CA VAL C 196 9.49 -20.49 6.83
C VAL C 196 10.94 -20.50 6.34
N PRO C 197 11.56 -19.32 6.20
CA PRO C 197 12.99 -19.26 5.88
C PRO C 197 13.85 -19.97 6.94
N VAL C 198 13.55 -19.74 8.21
CA VAL C 198 14.35 -20.33 9.25
C VAL C 198 14.29 -21.89 9.19
N GLU C 199 13.09 -22.47 9.15
CA GLU C 199 12.98 -23.94 9.08
C GLU C 199 13.67 -24.47 7.83
N ASN C 200 13.66 -23.65 6.77
CA ASN C 200 14.30 -24.02 5.51
C ASN C 200 15.80 -24.14 5.70
N PHE C 201 16.41 -23.17 6.36
CA PHE C 201 17.84 -23.21 6.53
C PHE C 201 18.24 -24.19 7.64
N VAL C 202 17.43 -24.31 8.67
CA VAL C 202 17.78 -25.12 9.85
C VAL C 202 17.83 -26.60 9.51
N GLY C 203 16.88 -27.04 8.71
CA GLY C 203 16.65 -28.47 8.58
C GLY C 203 16.24 -29.02 7.24
N ASP C 204 16.27 -28.20 6.19
CA ASP C 204 15.66 -28.61 4.90
C ASP C 204 16.67 -28.93 3.76
N GLY C 205 17.30 -30.10 3.83
CA GLY C 205 18.09 -30.63 2.71
C GLY C 205 17.25 -31.20 1.58
N TYR C 206 15.99 -31.52 1.89
CA TYR C 206 15.06 -32.15 0.96
C TYR C 206 14.72 -31.27 -0.24
N HIS C 207 14.61 -29.96 -0.03
CA HIS C 207 14.16 -29.08 -1.12
C HIS C 207 15.30 -28.85 -2.10
N VAL C 208 16.55 -28.93 -1.63
CA VAL C 208 17.73 -28.51 -2.43
C VAL C 208 17.71 -29.12 -3.83
N GLY C 209 17.56 -30.45 -3.87
CA GLY C 209 17.54 -31.21 -5.12
C GLY C 209 16.34 -30.94 -6.01
N TRP C 210 15.24 -30.45 -5.42
CA TRP C 210 14.05 -30.16 -6.23
C TRP C 210 13.95 -28.69 -6.60
N THR C 211 13.99 -27.84 -5.59
CA THR C 211 13.96 -26.39 -5.77
C THR C 211 15.15 -25.92 -6.59
N HIS C 212 16.36 -26.37 -6.23
CA HIS C 212 17.59 -25.85 -6.86
C HIS C 212 18.19 -26.83 -7.88
N ALA C 213 17.28 -27.51 -8.58
CA ALA C 213 17.59 -28.40 -9.70
C ALA C 213 18.68 -27.80 -10.63
N ALA C 214 18.48 -26.54 -11.04
CA ALA C 214 19.58 -25.68 -11.47
C ALA C 214 19.65 -24.52 -10.45
N ALA C 215 20.85 -24.06 -10.08
CA ALA C 215 22.13 -24.46 -10.67
C ALA C 215 22.80 -25.66 -10.00
N LEU C 216 23.77 -26.23 -10.72
CA LEU C 216 24.66 -27.28 -10.25
C LEU C 216 26.00 -27.06 -10.96
N LEU C 238 26.21 -39.84 3.51
CA LEU C 238 27.11 -38.74 3.11
C LEU C 238 26.80 -37.41 3.83
N GLY C 239 26.11 -37.53 4.98
CA GLY C 239 25.94 -36.41 5.90
C GLY C 239 25.13 -36.73 7.13
N LEU C 240 24.93 -35.70 7.97
CA LEU C 240 24.12 -35.81 9.18
C LEU C 240 23.29 -34.52 9.45
N GLN C 241 22.36 -34.65 10.40
CA GLN C 241 21.54 -33.56 10.88
C GLN C 241 21.76 -33.42 12.38
N PHE C 242 21.65 -32.19 12.89
CA PHE C 242 21.86 -31.93 14.30
C PHE C 242 20.79 -30.99 14.84
N THR C 243 20.37 -31.25 16.08
CA THR C 243 19.50 -30.33 16.81
C THR C 243 19.98 -30.27 18.26
N THR C 244 19.62 -29.19 18.96
CA THR C 244 20.09 -29.00 20.32
C THR C 244 18.97 -28.53 21.22
N ARG C 245 19.32 -28.32 22.49
CA ARG C 245 18.33 -28.08 23.56
C ARG C 245 17.59 -26.76 23.34
N HIS C 246 18.36 -25.74 22.93
CA HIS C 246 17.81 -24.40 22.67
C HIS C 246 17.44 -24.16 21.18
N GLY C 247 17.06 -25.23 20.46
CA GLY C 247 16.51 -25.15 19.10
C GLY C 247 17.49 -25.03 17.94
N HIS C 248 18.73 -24.68 18.24
CA HIS C 248 19.80 -24.53 17.25
C HIS C 248 19.99 -25.84 16.45
N GLY C 249 20.17 -25.75 15.14
CA GLY C 249 20.35 -26.95 14.34
C GLY C 249 21.07 -26.70 13.03
N PHE C 250 21.45 -27.79 12.38
CA PHE C 250 22.06 -27.72 11.04
C PHE C 250 22.13 -29.09 10.40
N GLY C 251 22.24 -29.11 9.07
CA GLY C 251 22.54 -30.32 8.32
C GLY C 251 23.91 -30.13 7.72
N VAL C 252 24.66 -31.23 7.58
CA VAL C 252 25.99 -31.16 7.00
C VAL C 252 26.07 -32.16 5.86
N ILE C 253 26.65 -31.73 4.75
CA ILE C 253 27.00 -32.58 3.63
C ILE C 253 28.50 -32.75 3.72
N ASP C 254 28.93 -34.00 3.81
CA ASP C 254 30.35 -34.26 4.02
C ASP C 254 31.18 -33.80 2.85
N ASN C 255 32.35 -33.24 3.17
CA ASN C 255 33.40 -32.90 2.21
C ASN C 255 33.04 -31.82 1.20
N ALA C 256 32.04 -30.99 1.53
CA ALA C 256 31.51 -30.03 0.56
C ALA C 256 31.67 -28.55 0.93
N ALA C 257 32.56 -28.25 1.88
CA ALA C 257 32.77 -26.86 2.34
C ALA C 257 32.98 -25.80 1.23
N ALA C 258 33.40 -26.21 0.03
CA ALA C 258 33.21 -25.30 -1.11
C ALA C 258 31.67 -25.12 -1.25
N ALA C 259 30.98 -25.91 -2.08
CA ALA C 259 31.52 -26.51 -3.28
C ALA C 259 31.05 -25.58 -4.39
N ILE C 260 30.88 -24.29 -4.09
CA ILE C 260 30.57 -23.29 -5.12
C ILE C 260 31.76 -22.33 -5.38
N HIS C 261 32.87 -22.59 -4.70
CA HIS C 261 34.05 -21.71 -4.76
C HIS C 261 35.17 -22.09 -5.75
N ARG C 262 35.16 -23.33 -6.24
CA ARG C 262 36.13 -23.76 -7.27
C ARG C 262 37.54 -24.03 -6.70
N LYS C 263 38.04 -25.23 -7.05
CA LYS C 263 39.06 -25.98 -6.29
C LYS C 263 40.28 -25.25 -5.67
N GLY C 264 40.95 -24.38 -6.42
CA GLY C 264 42.28 -23.95 -5.97
C GLY C 264 42.33 -22.62 -5.24
N ASP C 265 41.15 -22.03 -5.09
CA ASP C 265 41.04 -20.63 -4.68
C ASP C 265 41.42 -20.43 -3.21
N GLY C 266 41.51 -19.17 -2.80
CA GLY C 266 41.86 -18.83 -1.42
C GLY C 266 41.06 -19.52 -0.34
N TRP C 267 39.74 -19.67 -0.55
CA TRP C 267 38.89 -20.36 0.44
C TRP C 267 39.31 -21.83 0.58
N ASN C 268 39.47 -22.51 -0.55
CA ASN C 268 39.96 -23.91 -0.53
C ASN C 268 41.32 -24.06 0.12
N LYS C 269 42.24 -23.16 -0.25
CA LYS C 269 43.59 -23.15 0.29
C LYS C 269 43.50 -22.85 1.78
N TYR C 270 42.55 -22.01 2.16
CA TYR C 270 42.33 -21.71 3.56
C TYR C 270 41.89 -22.94 4.35
N LEU C 271 40.88 -23.67 3.90
CA LEU C 271 40.47 -24.89 4.61
C LEU C 271 41.62 -25.91 4.71
N GLU C 272 42.41 -26.02 3.65
CA GLU C 272 43.50 -27.00 3.64
C GLU C 272 44.62 -26.63 4.60
N ASP C 273 44.96 -25.35 4.65
CA ASP C 273 46.01 -24.84 5.54
C ASP C 273 45.64 -24.76 7.04
N THR C 274 44.39 -25.06 7.40
CA THR C 274 43.88 -24.84 8.76
C THR C 274 43.20 -26.06 9.37
N ARG C 275 42.82 -27.03 8.54
CA ARG C 275 42.06 -28.19 9.02
C ARG C 275 42.92 -29.08 9.95
N GLY C 276 44.25 -28.96 9.83
CA GLY C 276 45.18 -29.67 10.71
C GLY C 276 45.02 -29.16 12.12
N GLU C 277 44.99 -27.83 12.25
CA GLU C 277 44.71 -27.16 13.52
C GLU C 277 43.36 -27.57 14.15
N VAL C 278 42.32 -27.63 13.33
CA VAL C 278 41.00 -28.07 13.80
C VAL C 278 41.03 -29.49 14.35
N ARG C 279 41.80 -30.35 13.69
CA ARG C 279 42.01 -31.74 14.13
C ARG C 279 42.75 -31.74 15.47
N ARG C 280 43.73 -30.84 15.63
CA ARG C 280 44.48 -30.73 16.88
C ARG C 280 43.65 -30.13 18.02
N LYS C 281 43.03 -28.97 17.74
CA LYS C 281 42.21 -28.26 18.72
C LYS C 281 40.92 -28.99 19.11
N PHE C 282 40.21 -29.56 18.15
CA PHE C 282 38.82 -30.01 18.36
C PHE C 282 38.57 -31.48 18.04
N GLY C 283 39.58 -32.16 17.54
CA GLY C 283 39.48 -33.58 17.25
C GLY C 283 39.08 -33.88 15.82
N ALA C 284 39.16 -35.16 15.46
CA ALA C 284 38.88 -35.58 14.11
C ALA C 284 37.38 -35.59 13.78
N ASP C 285 36.54 -35.67 14.80
CA ASP C 285 35.09 -35.70 14.55
C ASP C 285 34.59 -34.29 14.23
N ARG C 286 35.38 -33.29 14.62
CA ARG C 286 35.08 -31.92 14.26
C ARG C 286 35.87 -31.42 13.05
N GLU C 287 36.97 -32.10 12.74
CA GLU C 287 37.62 -31.88 11.45
C GLU C 287 36.66 -32.28 10.31
N ARG C 288 35.90 -33.35 10.51
CA ARG C 288 34.88 -33.79 9.54
C ARG C 288 33.86 -32.69 9.22
N LEU C 289 33.38 -32.00 10.25
CA LEU C 289 32.38 -30.95 10.04
C LEU C 289 33.00 -29.67 9.47
N TYR C 290 34.27 -29.42 9.79
CA TYR C 290 34.99 -28.24 9.33
C TYR C 290 35.14 -28.17 7.81
N VAL C 291 35.17 -29.33 7.16
CA VAL C 291 35.27 -29.40 5.69
C VAL C 291 33.92 -29.78 5.04
N GLY C 292 32.87 -29.82 5.87
CA GLY C 292 31.52 -30.13 5.37
C GLY C 292 30.78 -28.83 5.02
N HIS C 293 29.69 -28.94 4.25
CA HIS C 293 28.83 -27.79 3.96
C HIS C 293 27.64 -27.84 4.90
N TRP C 294 27.43 -26.74 5.64
CA TRP C 294 26.34 -26.67 6.61
C TRP C 294 25.29 -25.73 6.12
N ASN C 295 24.04 -26.14 6.31
CA ASN C 295 22.92 -25.22 6.40
C ASN C 295 22.45 -25.25 7.84
N GLY C 296 22.53 -24.11 8.52
CA GLY C 296 22.18 -24.07 9.95
C GLY C 296 21.36 -22.87 10.40
N ALA C 297 20.88 -22.95 11.64
CA ALA C 297 20.15 -21.86 12.27
C ALA C 297 20.54 -21.76 13.74
N ILE C 298 20.68 -20.53 14.22
CA ILE C 298 20.78 -20.27 15.66
C ILE C 298 19.43 -19.74 16.04
N PHE C 299 18.74 -20.46 16.93
CA PHE C 299 17.42 -20.05 17.36
C PHE C 299 17.40 -18.62 17.95
N PRO C 300 16.36 -17.79 17.63
CA PRO C 300 15.22 -18.12 16.77
C PRO C 300 15.40 -17.87 15.25
N ASN C 301 16.09 -16.78 14.87
CA ASN C 301 15.97 -16.20 13.52
C ASN C 301 17.31 -15.85 12.81
N CYS C 302 18.41 -16.52 13.18
CA CYS C 302 19.68 -16.36 12.46
C CYS C 302 19.95 -17.61 11.66
N SER C 303 20.27 -17.48 10.38
CA SER C 303 20.56 -18.68 9.60
C SER C 303 21.85 -18.49 8.82
N PHE C 304 22.46 -19.60 8.40
CA PHE C 304 23.73 -19.47 7.71
C PHE C 304 23.97 -20.71 6.87
N LEU C 305 24.85 -20.56 5.87
CA LEU C 305 25.43 -21.69 5.12
C LEU C 305 26.93 -21.64 5.33
N TYR C 306 27.49 -22.67 5.96
CA TYR C 306 28.93 -22.73 6.15
C TYR C 306 29.50 -23.50 4.96
N GLY C 307 30.51 -22.93 4.34
CA GLY C 307 30.97 -23.39 3.02
C GLY C 307 30.68 -22.32 1.99
N THR C 308 29.43 -22.20 1.62
CA THR C 308 28.96 -21.10 0.74
C THR C 308 29.18 -19.74 1.40
N ASN C 309 28.92 -19.70 2.71
CA ASN C 309 29.29 -18.59 3.58
C ASN C 309 28.35 -17.39 3.46
N THR C 310 27.07 -17.65 3.25
CA THR C 310 26.05 -16.63 3.46
C THR C 310 25.59 -16.67 4.94
N PHE C 311 25.07 -15.55 5.43
CA PHE C 311 24.73 -15.39 6.82
C PHE C 311 23.58 -14.41 6.85
N LYS C 312 22.44 -14.85 7.39
CA LYS C 312 21.19 -14.13 7.28
C LYS C 312 20.53 -13.96 8.66
N ILE C 313 19.89 -12.83 8.86
CA ILE C 313 19.00 -12.62 10.03
C ILE C 313 17.66 -12.20 9.46
N TRP C 314 16.62 -12.90 9.87
CA TRP C 314 15.26 -12.73 9.32
C TRP C 314 14.41 -11.94 10.33
N HIS C 315 14.29 -10.64 10.14
CA HIS C 315 13.56 -9.81 11.10
C HIS C 315 12.08 -9.83 10.82
N PRO C 316 11.28 -10.29 11.79
CA PRO C 316 9.85 -10.31 11.50
C PRO C 316 9.24 -8.90 11.40
N ARG C 317 8.18 -8.79 10.61
CA ARG C 317 7.45 -7.52 10.40
C ARG C 317 5.99 -7.92 10.47
N GLY C 318 5.56 -8.37 11.65
CA GLY C 318 4.27 -9.02 11.77
C GLY C 318 4.32 -10.47 11.29
N PRO C 319 3.18 -11.16 11.33
CA PRO C 319 3.14 -12.61 11.03
C PRO C 319 3.32 -12.98 9.55
N HIS C 320 3.17 -12.01 8.64
CA HIS C 320 3.18 -12.30 7.20
C HIS C 320 4.28 -11.63 6.40
N GLU C 321 5.27 -11.08 7.06
CA GLU C 321 6.35 -10.39 6.34
C GLU C 321 7.65 -10.45 7.14
N ILE C 322 8.80 -10.42 6.46
CA ILE C 322 10.10 -10.31 7.17
C ILE C 322 10.95 -9.30 6.41
N GLU C 323 11.99 -8.80 7.04
CA GLU C 323 13.01 -8.05 6.34
C GLU C 323 14.25 -8.90 6.59
N VAL C 324 14.93 -9.37 5.54
CA VAL C 324 16.10 -10.25 5.74
C VAL C 324 17.40 -9.50 5.44
N TRP C 325 18.38 -9.66 6.32
CA TRP C 325 19.67 -9.02 6.13
C TRP C 325 20.67 -10.11 5.82
N THR C 326 21.45 -9.88 4.78
CA THR C 326 22.40 -10.89 4.26
C THR C 326 23.81 -10.36 4.25
N TYR C 327 24.67 -11.03 5.03
CA TYR C 327 26.11 -10.74 5.10
C TYR C 327 26.93 -11.94 4.56
N THR C 328 28.26 -11.77 4.50
CA THR C 328 29.14 -12.88 4.09
C THR C 328 29.96 -13.24 5.32
N MET C 329 30.14 -14.53 5.55
CA MET C 329 31.21 -15.01 6.48
C MET C 329 32.54 -15.19 5.74
N VAL C 330 33.63 -14.67 6.31
CA VAL C 330 34.98 -14.83 5.77
C VAL C 330 35.94 -15.06 6.93
N PRO C 331 37.04 -15.83 6.72
CA PRO C 331 38.06 -15.87 7.76
C PRO C 331 38.66 -14.51 8.00
N SER C 332 38.87 -14.13 9.25
CA SER C 332 39.40 -12.79 9.53
C SER C 332 40.83 -12.58 9.02
N ASP C 333 41.60 -13.68 8.92
CA ASP C 333 42.99 -13.59 8.47
C ASP C 333 43.15 -13.93 6.98
N ALA C 334 42.03 -14.09 6.27
CA ALA C 334 42.12 -14.36 4.81
C ALA C 334 42.65 -13.09 4.12
N ASP C 335 43.37 -13.24 3.00
CA ASP C 335 43.90 -12.06 2.30
C ASP C 335 42.74 -11.27 1.64
N PRO C 336 42.95 -9.98 1.26
CA PRO C 336 41.80 -9.21 0.75
C PRO C 336 41.13 -9.84 -0.47
N ALA C 337 41.93 -10.39 -1.39
CA ALA C 337 41.36 -10.95 -2.58
C ALA C 337 40.49 -12.16 -2.23
N THR C 338 40.88 -12.91 -1.18
CA THR C 338 40.14 -14.10 -0.82
C THR C 338 38.80 -13.67 -0.16
N LYS C 339 38.85 -12.69 0.73
CA LYS C 339 37.61 -12.13 1.28
C LYS C 339 36.66 -11.66 0.16
N SER C 340 37.21 -10.89 -0.78
CA SER C 340 36.38 -10.40 -1.88
C SER C 340 35.77 -11.55 -2.70
N ALA C 341 36.58 -12.56 -2.97
CA ALA C 341 36.11 -13.71 -3.78
C ALA C 341 34.98 -14.47 -3.11
N ILE C 342 35.12 -14.70 -1.80
CA ILE C 342 34.08 -15.43 -1.03
C ILE C 342 32.79 -14.58 -1.08
N GLN C 343 32.94 -13.29 -0.84
CA GLN C 343 31.81 -12.36 -0.96
C GLN C 343 31.14 -12.48 -2.32
N ARG C 344 31.91 -12.47 -3.42
CA ARG C 344 31.28 -12.53 -4.75
C ARG C 344 30.50 -13.82 -4.98
N GLU C 345 31.06 -14.96 -4.53
CA GLU C 345 30.34 -16.26 -4.74
C GLU C 345 29.12 -16.48 -3.85
N ALA C 346 29.26 -16.06 -2.60
CA ALA C 346 28.16 -16.15 -1.65
C ALA C 346 26.99 -15.26 -2.13
N THR C 347 27.31 -14.07 -2.65
CA THR C 347 26.28 -13.12 -3.09
C THR C 347 25.63 -13.62 -4.39
N ARG C 348 26.45 -14.11 -5.33
CA ARG C 348 25.87 -14.60 -6.61
C ARG C 348 24.93 -15.75 -6.39
N THR C 349 25.19 -16.58 -5.37
CA THR C 349 24.30 -17.73 -5.09
C THR C 349 23.16 -17.42 -4.10
N PHE C 350 23.46 -16.64 -3.07
CA PHE C 350 22.46 -16.43 -1.99
C PHE C 350 22.08 -14.99 -1.69
N GLY C 351 22.52 -14.06 -2.53
CA GLY C 351 22.19 -12.65 -2.34
C GLY C 351 20.79 -12.41 -2.88
N THR C 352 20.40 -11.13 -2.98
CA THR C 352 19.04 -10.77 -3.42
C THR C 352 18.78 -11.18 -4.86
N ALA C 353 19.84 -11.30 -5.66
CA ALA C 353 19.69 -11.87 -7.00
C ALA C 353 20.36 -13.24 -7.07
N GLY C 354 20.31 -13.98 -5.97
CA GLY C 354 21.06 -15.23 -5.85
C GLY C 354 20.54 -16.25 -6.85
N THR C 355 21.47 -16.99 -7.47
CA THR C 355 21.07 -18.03 -8.44
C THR C 355 20.36 -19.23 -7.77
N LEU C 356 20.54 -19.36 -6.46
CA LEU C 356 19.76 -20.30 -5.67
C LEU C 356 18.66 -19.59 -4.88
N GLU C 357 19.05 -18.54 -4.14
CA GLU C 357 18.10 -17.88 -3.25
C GLU C 357 16.85 -17.42 -4.00
N SER C 358 17.01 -16.90 -5.21
CA SER C 358 15.84 -16.41 -5.98
C SER C 358 14.81 -17.51 -6.25
N ASP C 359 15.24 -18.77 -6.24
CA ASP C 359 14.30 -19.88 -6.39
C ASP C 359 13.38 -20.08 -5.19
N ASP C 360 13.78 -19.65 -4.00
CA ASP C 360 13.05 -19.98 -2.77
C ASP C 360 11.93 -19.03 -2.41
N GLY C 361 11.89 -17.88 -3.08
CA GLY C 361 10.98 -16.79 -2.68
C GLY C 361 9.53 -17.21 -2.61
N GLU C 362 9.06 -17.85 -3.68
CA GLU C 362 7.67 -18.30 -3.71
C GLU C 362 7.37 -19.41 -2.69
N ASN C 363 8.31 -20.35 -2.52
CA ASN C 363 8.16 -21.38 -1.48
C ASN C 363 7.85 -20.71 -0.12
N MET C 364 8.62 -19.67 0.21
CA MET C 364 8.41 -18.96 1.48
C MET C 364 7.09 -18.27 1.58
N SER C 365 6.79 -17.43 0.58
CA SER C 365 5.62 -16.58 0.61
C SER C 365 4.34 -17.40 0.45
N SER C 366 4.38 -18.39 -0.42
CA SER C 366 3.16 -19.14 -0.73
C SER C 366 2.74 -20.01 0.47
N ALA C 367 3.70 -20.61 1.16
CA ALA C 367 3.38 -21.42 2.35
C ALA C 367 2.76 -20.55 3.45
N THR C 368 2.93 -19.24 3.32
CA THR C 368 2.35 -18.26 4.27
C THR C 368 0.94 -17.86 3.83
N TYR C 369 0.84 -17.30 2.64
CA TYR C 369 -0.42 -16.71 2.18
C TYR C 369 -1.60 -17.64 1.81
N VAL C 370 -1.34 -18.92 1.52
CA VAL C 370 -2.46 -19.90 1.34
C VAL C 370 -3.43 -19.82 2.55
N ASN C 371 -2.84 -19.62 3.72
CA ASN C 371 -3.57 -19.59 4.97
C ASN C 371 -4.51 -18.40 5.17
N ARG C 372 -4.58 -17.54 4.16
CA ARG C 372 -5.59 -16.48 4.08
C ARG C 372 -7.03 -17.05 4.16
N GLY C 373 -7.25 -18.20 3.50
CA GLY C 373 -8.56 -18.87 3.60
C GLY C 373 -8.70 -19.73 4.85
N VAL C 374 -9.85 -19.70 5.52
CA VAL C 374 -10.00 -20.38 6.80
C VAL C 374 -9.99 -21.91 6.67
N ILE C 375 -10.56 -22.41 5.57
CA ILE C 375 -10.63 -23.87 5.32
C ILE C 375 -9.23 -24.39 5.15
N THR C 376 -8.45 -23.69 4.32
CA THR C 376 -7.03 -24.04 4.11
C THR C 376 -6.27 -24.04 5.43
N ARG C 377 -6.52 -23.00 6.23
CA ARG C 377 -5.74 -22.77 7.44
C ARG C 377 -6.01 -23.82 8.50
N ASP C 378 -7.21 -24.42 8.44
CA ASP C 378 -7.61 -25.51 9.33
C ASP C 378 -6.90 -26.81 8.97
N GLY C 379 -5.65 -26.95 9.43
CA GLY C 379 -4.89 -28.15 9.12
C GLY C 379 -3.52 -28.14 9.76
N MET C 380 -2.81 -29.26 9.58
CA MET C 380 -1.48 -29.42 10.12
C MET C 380 -0.49 -29.52 8.96
N MET C 381 0.75 -29.15 9.23
CA MET C 381 1.86 -29.30 8.28
C MET C 381 2.79 -30.41 8.78
N ASN C 382 3.27 -31.25 7.87
CA ASN C 382 4.03 -32.45 8.23
C ASN C 382 5.54 -32.19 8.34
N SER C 383 6.17 -32.61 9.43
CA SER C 383 7.65 -32.70 9.51
C SER C 383 8.15 -34.03 10.10
N THR C 384 7.63 -35.14 9.56
CA THR C 384 7.89 -36.48 10.11
C THR C 384 9.12 -37.20 9.53
N MET C 385 9.66 -36.66 8.42
CA MET C 385 10.73 -37.35 7.70
C MET C 385 11.91 -37.78 8.59
N GLY C 386 12.11 -39.10 8.63
CA GLY C 386 13.22 -39.71 9.35
C GLY C 386 12.96 -39.84 10.85
N VAL C 387 11.70 -39.69 11.27
CA VAL C 387 11.37 -39.92 12.69
C VAL C 387 11.86 -41.30 13.05
N GLY C 388 12.53 -41.41 14.20
CA GLY C 388 13.03 -42.69 14.70
C GLY C 388 14.41 -43.05 14.19
N TYR C 389 14.92 -42.29 13.22
CA TYR C 389 16.26 -42.50 12.68
C TYR C 389 17.21 -41.43 13.20
N GLU C 390 17.25 -41.32 14.52
CA GLU C 390 17.90 -40.24 15.27
C GLU C 390 17.82 -40.54 16.76
N GLY C 391 18.71 -39.92 17.52
CA GLY C 391 18.70 -40.07 18.95
C GLY C 391 20.00 -39.47 19.42
N PRO C 392 20.31 -39.61 20.73
CA PRO C 392 21.56 -39.13 21.28
C PRO C 392 22.73 -39.94 20.73
N HIS C 393 23.91 -39.35 20.74
CA HIS C 393 25.09 -39.81 20.01
C HIS C 393 26.33 -39.76 20.92
N PRO C 394 27.18 -40.79 20.86
CA PRO C 394 28.34 -40.95 21.76
C PRO C 394 29.47 -39.93 21.61
N VAL C 395 29.46 -39.16 20.51
CA VAL C 395 30.54 -38.17 20.29
C VAL C 395 29.96 -36.75 20.12
N TYR C 396 28.88 -36.66 19.35
CA TYR C 396 28.22 -35.39 19.00
C TYR C 396 27.09 -35.05 20.00
N PRO C 397 27.21 -33.91 20.70
CA PRO C 397 26.17 -33.49 21.66
C PRO C 397 24.84 -33.10 21.00
N GLY C 398 23.77 -33.08 21.78
CA GLY C 398 22.44 -32.85 21.25
C GLY C 398 21.83 -34.10 20.67
N ILE C 399 20.99 -33.94 19.66
CA ILE C 399 20.37 -35.06 18.95
C ILE C 399 20.89 -35.07 17.50
N VAL C 400 21.27 -36.25 17.02
CA VAL C 400 21.90 -36.38 15.71
C VAL C 400 21.11 -37.38 14.89
N GLY C 401 20.58 -36.91 13.75
CA GLY C 401 19.82 -37.74 12.82
C GLY C 401 20.73 -38.23 11.72
N ILE C 402 20.54 -39.49 11.31
CA ILE C 402 21.34 -40.04 10.22
C ILE C 402 20.93 -39.43 8.86
N SER C 403 21.94 -39.21 8.02
CA SER C 403 21.78 -38.69 6.66
C SER C 403 21.57 -37.17 6.67
N PHE C 404 21.83 -36.54 5.53
CA PHE C 404 21.67 -35.11 5.40
C PHE C 404 20.20 -34.76 5.14
N ILE C 405 19.50 -35.63 4.42
CA ILE C 405 18.11 -35.36 4.07
C ILE C 405 17.20 -35.96 5.12
N GLY C 406 16.44 -35.08 5.78
CA GLY C 406 15.57 -35.46 6.87
C GLY C 406 15.07 -34.21 7.56
N GLU C 407 14.22 -34.39 8.56
CA GLU C 407 13.59 -33.26 9.25
C GLU C 407 13.90 -33.24 10.76
N THR C 408 15.02 -33.87 11.15
CA THR C 408 15.54 -33.82 12.53
C THR C 408 15.55 -32.39 13.07
N SER C 409 16.00 -31.46 12.23
CA SER C 409 16.23 -30.10 12.68
C SER C 409 14.94 -29.32 12.82
N TYR C 410 13.94 -29.67 12.01
CA TYR C 410 12.60 -29.14 12.15
C TYR C 410 12.03 -29.55 13.49
N ARG C 411 12.27 -30.83 13.85
CA ARG C 411 11.69 -31.37 15.06
C ARG C 411 12.27 -30.71 16.29
N GLY C 412 13.59 -30.52 16.33
CA GLY C 412 14.24 -29.79 17.41
C GLY C 412 13.87 -28.31 17.45
N PHE C 413 13.75 -27.70 16.26
CA PHE C 413 13.28 -26.32 16.16
C PHE C 413 11.88 -26.10 16.73
N TYR C 414 10.91 -26.87 16.26
CA TYR C 414 9.55 -26.69 16.71
C TYR C 414 9.32 -27.12 18.17
N ARG C 415 10.12 -28.08 18.64
CA ARG C 415 10.03 -28.52 20.03
C ARG C 415 10.37 -27.35 20.95
N PHE C 416 11.48 -26.67 20.68
CA PHE C 416 11.91 -25.53 21.48
C PHE C 416 11.04 -24.32 21.25
N TRP C 417 10.53 -24.14 20.04
CA TRP C 417 9.50 -23.13 19.77
C TRP C 417 8.33 -23.30 20.77
N LYS C 418 7.85 -24.54 20.90
CA LYS C 418 6.68 -24.85 21.75
C LYS C 418 7.00 -24.68 23.24
N GLU C 419 8.19 -25.13 23.65
CA GLU C 419 8.63 -24.95 25.05
C GLU C 419 8.63 -23.48 25.44
N MET C 420 9.14 -22.63 24.55
CA MET C 420 9.25 -21.21 24.86
C MET C 420 7.87 -20.56 24.93
N ILE C 421 6.99 -20.99 24.02
CA ILE C 421 5.63 -20.44 23.92
C ILE C 421 4.84 -20.85 25.17
N ASP C 422 5.04 -22.10 25.60
CA ASP C 422 4.37 -22.62 26.81
C ASP C 422 4.87 -22.04 28.15
N ALA C 423 6.17 -21.73 28.25
CA ALA C 423 6.79 -21.21 29.47
C ALA C 423 6.55 -19.71 29.75
N PRO C 424 6.10 -19.36 30.97
CA PRO C 424 5.86 -17.95 31.32
C PRO C 424 7.15 -17.16 31.47
N ASP C 425 8.28 -17.86 31.68
CA ASP C 425 9.55 -17.20 31.96
C ASP C 425 10.74 -18.13 31.75
N TRP C 426 11.94 -17.61 31.91
CA TRP C 426 13.14 -18.44 31.72
C TRP C 426 13.25 -19.58 32.73
N ALA C 427 12.85 -19.34 33.98
CA ALA C 427 12.87 -20.36 35.05
C ALA C 427 12.12 -21.62 34.64
N SER C 428 10.94 -21.47 34.04
CA SER C 428 10.12 -22.61 33.60
C SER C 428 10.69 -23.34 32.39
N VAL C 429 11.58 -22.66 31.65
CA VAL C 429 12.33 -23.27 30.57
C VAL C 429 13.43 -24.17 31.18
N LYS C 430 14.27 -23.58 32.01
CA LYS C 430 15.32 -24.29 32.75
C LYS C 430 14.84 -25.52 33.51
N ALA C 431 13.60 -25.48 34.00
CA ALA C 431 12.99 -26.62 34.71
C ALA C 431 13.07 -27.91 33.90
N ASN C 432 12.94 -27.79 32.58
CA ASN C 432 12.94 -28.95 31.70
C ASN C 432 14.26 -29.20 30.96
N ASP C 433 15.36 -28.61 31.44
CA ASP C 433 16.65 -28.84 30.82
C ASP C 433 16.96 -30.34 30.62
N ASP C 434 16.87 -31.12 31.70
CA ASP C 434 17.30 -32.52 31.71
C ASP C 434 16.41 -33.45 30.90
N ASN C 435 15.21 -33.00 30.56
CA ASN C 435 14.21 -33.82 29.86
C ASN C 435 13.89 -33.34 28.45
N TRP C 436 14.74 -32.46 27.90
CA TRP C 436 14.45 -31.81 26.62
C TRP C 436 14.28 -32.79 25.47
N ASP C 437 15.15 -33.78 25.39
CA ASP C 437 15.17 -34.67 24.22
C ASP C 437 14.28 -35.93 24.30
N SER C 438 13.50 -36.02 25.37
CA SER C 438 12.60 -37.15 25.61
C SER C 438 11.68 -37.46 24.43
N VAL C 439 11.32 -36.43 23.66
CA VAL C 439 10.48 -36.60 22.46
C VAL C 439 11.20 -37.40 21.34
N PHE C 440 12.51 -37.55 21.48
CA PHE C 440 13.32 -38.37 20.57
C PHE C 440 13.44 -39.74 21.24
N THR C 441 12.48 -40.61 20.93
CA THR C 441 12.27 -41.83 21.71
C THR C 441 13.22 -43.00 21.41
N ASN C 442 13.75 -43.06 20.19
CA ASN C 442 14.67 -44.14 19.80
C ASN C 442 16.04 -43.96 20.43
N ARG C 443 16.10 -44.22 21.74
CA ARG C 443 17.24 -43.85 22.59
C ARG C 443 18.54 -44.56 22.25
N ASN C 444 18.43 -45.71 21.61
CA ASN C 444 19.61 -46.53 21.30
C ASN C 444 19.94 -46.53 19.79
N PHE C 445 19.30 -45.64 19.03
CA PHE C 445 19.51 -45.58 17.57
C PHE C 445 20.98 -45.61 17.16
N TRP C 446 21.80 -44.79 17.79
CA TRP C 446 23.24 -44.74 17.54
C TRP C 446 24.01 -45.87 18.21
N GLN D 5 33.01 16.56 -20.36
CA GLN D 5 33.00 15.53 -21.45
C GLN D 5 32.09 16.00 -22.57
N VAL D 6 32.36 15.53 -23.80
CA VAL D 6 31.65 16.00 -24.98
C VAL D 6 30.48 15.08 -25.26
N PRO D 7 29.25 15.66 -25.31
CA PRO D 7 28.07 14.87 -25.66
C PRO D 7 28.32 14.35 -27.05
N VAL D 8 27.91 13.12 -27.32
CA VAL D 8 27.91 12.64 -28.69
C VAL D 8 27.04 13.51 -29.64
N THR D 9 27.21 13.29 -30.93
CA THR D 9 26.42 13.97 -31.94
C THR D 9 25.02 13.36 -31.93
N PRO D 10 24.02 14.14 -32.39
CA PRO D 10 22.63 13.65 -32.50
C PRO D 10 22.46 12.33 -33.22
N ASP D 11 23.25 12.08 -34.27
CA ASP D 11 23.17 10.78 -34.95
C ASP D 11 23.64 9.61 -34.08
N VAL D 12 24.67 9.81 -33.28
CA VAL D 12 25.20 8.75 -32.41
C VAL D 12 24.18 8.56 -31.27
N HIS D 13 23.67 9.67 -30.74
CA HIS D 13 22.62 9.57 -29.72
C HIS D 13 21.46 8.69 -30.19
N TYR D 14 20.93 8.98 -31.37
CA TYR D 14 19.91 8.14 -31.95
C TYR D 14 20.28 6.63 -31.93
N ALA D 15 21.49 6.34 -32.40
CA ALA D 15 21.94 4.97 -32.52
C ALA D 15 21.95 4.31 -31.12
N VAL D 16 22.39 5.06 -30.10
CA VAL D 16 22.50 4.50 -28.73
C VAL D 16 21.07 4.19 -28.23
N GLU D 17 20.16 5.16 -28.40
CA GLU D 17 18.77 4.94 -27.95
C GLU D 17 18.15 3.75 -28.64
N ALA D 18 18.37 3.61 -29.96
CA ALA D 18 17.84 2.49 -30.71
C ALA D 18 18.38 1.17 -30.15
N HIS D 19 19.67 1.18 -29.81
CA HIS D 19 20.30 -0.02 -29.24
C HIS D 19 19.63 -0.36 -27.90
N TYR D 20 19.50 0.66 -27.04
CA TYR D 20 18.82 0.41 -25.76
C TYR D 20 17.40 -0.08 -25.96
N ARG D 21 16.68 0.44 -26.97
CA ARG D 21 15.32 -0.08 -27.18
C ARG D 21 15.30 -1.53 -27.56
N ALA D 22 16.23 -1.93 -28.44
CA ALA D 22 16.30 -3.31 -28.88
C ALA D 22 16.67 -4.19 -27.69
N GLU D 23 17.58 -3.72 -26.83
CA GLU D 23 18.01 -4.46 -25.64
C GLU D 23 16.81 -4.76 -24.74
N VAL D 24 16.02 -3.73 -24.52
CA VAL D 24 14.81 -3.86 -23.68
C VAL D 24 13.88 -4.87 -24.31
N ARG D 25 13.69 -4.82 -25.63
CA ARG D 25 12.76 -5.75 -26.29
C ARG D 25 13.20 -7.21 -26.05
N LEU D 26 14.49 -7.46 -26.20
CA LEU D 26 15.02 -8.81 -26.00
C LEU D 26 14.79 -9.29 -24.57
N LEU D 27 15.09 -8.41 -23.62
CA LEU D 27 14.89 -8.74 -22.22
C LEU D 27 13.40 -8.88 -21.86
N GLN D 28 12.52 -8.13 -22.51
CA GLN D 28 11.08 -8.28 -22.24
C GLN D 28 10.47 -9.53 -22.85
N THR D 29 11.17 -10.11 -23.82
CA THR D 29 10.64 -11.28 -24.52
C THR D 29 11.37 -12.60 -24.20
N GLY D 30 12.24 -12.61 -23.21
CA GLY D 30 12.89 -13.86 -22.77
C GLY D 30 14.00 -14.30 -23.73
N GLN D 31 14.47 -13.39 -24.58
CA GLN D 31 15.60 -13.67 -25.52
C GLN D 31 16.91 -13.35 -24.86
N TYR D 32 17.18 -14.05 -23.75
CA TYR D 32 18.30 -13.75 -22.92
C TYR D 32 19.62 -14.13 -23.54
N ARG D 33 19.63 -15.25 -24.27
CA ARG D 33 20.84 -15.67 -24.95
C ARG D 33 21.24 -14.70 -26.05
N GLU D 34 20.23 -14.26 -26.82
CA GLU D 34 20.38 -13.27 -27.86
C GLU D 34 20.94 -11.97 -27.31
N TRP D 35 20.40 -11.54 -26.18
CA TRP D 35 20.86 -10.34 -25.51
C TRP D 35 22.32 -10.49 -25.14
N LEU D 36 22.67 -11.58 -24.48
CA LEU D 36 24.00 -11.69 -23.93
C LEU D 36 25.06 -11.79 -25.03
N HIS D 37 24.79 -12.63 -26.03
CA HIS D 37 25.79 -12.83 -27.07
C HIS D 37 25.86 -11.70 -28.09
N GLY D 38 24.72 -11.03 -28.32
CA GLY D 38 24.63 -9.92 -29.26
C GLY D 38 24.96 -8.53 -28.73
N MET D 39 24.74 -8.34 -27.44
CA MET D 39 24.75 -7.00 -26.87
C MET D 39 25.71 -6.74 -25.71
N VAL D 40 26.35 -7.80 -25.21
CA VAL D 40 27.24 -7.72 -24.09
C VAL D 40 28.65 -8.14 -24.57
N ALA D 41 29.65 -7.29 -24.35
CA ALA D 41 31.05 -7.58 -24.75
C ALA D 41 31.69 -8.66 -23.87
N GLU D 42 32.61 -9.46 -24.43
CA GLU D 42 33.25 -10.52 -23.64
C GLU D 42 34.07 -9.99 -22.46
N ASP D 43 34.51 -8.73 -22.55
CA ASP D 43 35.27 -8.14 -21.47
C ASP D 43 34.37 -7.47 -20.40
N ILE D 44 33.06 -7.70 -20.50
CA ILE D 44 32.08 -7.08 -19.56
C ILE D 44 32.44 -7.16 -18.05
N HIS D 45 32.20 -6.07 -17.34
CA HIS D 45 32.05 -6.16 -15.91
C HIS D 45 30.63 -5.62 -15.65
N TYR D 46 29.81 -6.46 -15.06
CA TYR D 46 28.39 -6.13 -14.80
C TYR D 46 28.27 -6.02 -13.26
N TRP D 47 27.93 -4.81 -12.78
CA TRP D 47 28.16 -4.46 -11.37
C TRP D 47 26.96 -3.66 -10.80
N MET D 48 26.42 -4.13 -9.66
CA MET D 48 25.32 -3.46 -8.96
C MET D 48 25.76 -3.39 -7.48
N PRO D 49 26.53 -2.35 -7.12
CA PRO D 49 27.06 -2.17 -5.76
C PRO D 49 25.96 -2.00 -4.73
N ILE D 50 26.26 -2.38 -3.48
CA ILE D 50 25.43 -2.07 -2.33
C ILE D 50 25.91 -0.76 -1.74
N TYR D 51 25.00 0.20 -1.68
CA TYR D 51 25.27 1.51 -1.11
C TYR D 51 24.57 1.60 0.24
N GLU D 52 25.31 1.87 1.29
CA GLU D 52 24.67 1.97 2.60
C GLU D 52 24.30 3.40 2.91
N GLN D 53 23.44 3.59 3.91
CA GLN D 53 23.02 4.93 4.28
C GLN D 53 24.08 5.50 5.21
N ARG D 54 24.84 6.49 4.74
CA ARG D 54 25.93 7.08 5.53
C ARG D 54 25.71 8.55 5.76
N PHE D 55 26.12 9.06 6.93
CA PHE D 55 26.10 10.51 7.18
C PHE D 55 27.05 11.21 6.19
N VAL D 56 26.68 12.41 5.76
CA VAL D 56 27.52 13.22 4.88
C VAL D 56 28.95 13.39 5.39
N ARG D 57 29.12 13.47 6.72
CA ARG D 57 30.47 13.63 7.34
C ARG D 57 31.34 12.35 7.23
N ASP D 58 30.71 11.25 6.82
CA ASP D 58 31.42 9.99 6.61
C ASP D 58 32.35 10.17 5.39
N ARG D 59 33.64 9.95 5.61
CA ARG D 59 34.61 10.25 4.58
C ARG D 59 35.04 9.00 3.81
N ARG D 60 34.45 7.85 4.17
CA ARG D 60 34.73 6.55 3.51
C ARG D 60 34.43 6.59 2.01
N PRO D 61 35.24 5.88 1.20
CA PRO D 61 35.02 5.92 -0.25
C PRO D 61 33.73 5.18 -0.60
N ASP D 62 33.13 5.58 -1.72
CA ASP D 62 32.03 4.84 -2.29
C ASP D 62 32.48 3.39 -2.58
N PRO D 63 31.52 2.44 -2.71
CA PRO D 63 31.88 1.05 -2.98
C PRO D 63 32.71 0.86 -4.26
N THR D 64 33.66 -0.06 -4.19
CA THR D 64 34.50 -0.44 -5.35
C THR D 64 34.10 -1.86 -5.77
N PRO D 65 34.55 -2.34 -6.94
CA PRO D 65 34.31 -3.75 -7.28
C PRO D 65 34.88 -4.80 -6.33
N ASP D 66 35.71 -4.36 -5.38
CA ASP D 66 36.26 -5.20 -4.32
C ASP D 66 35.28 -5.38 -3.16
N ASP D 67 34.20 -4.61 -3.18
CA ASP D 67 33.27 -4.52 -2.04
C ASP D 67 31.90 -5.19 -2.32
N ALA D 68 31.05 -5.19 -1.31
CA ALA D 68 29.70 -5.80 -1.42
C ALA D 68 28.94 -5.27 -2.64
N ALA D 69 28.22 -6.17 -3.31
CA ALA D 69 27.45 -5.86 -4.52
C ALA D 69 26.49 -7.00 -4.76
N ILE D 70 25.34 -6.67 -5.31
CA ILE D 70 24.32 -7.64 -5.61
C ILE D 70 24.68 -8.40 -6.91
N TYR D 71 25.30 -7.69 -7.85
CA TYR D 71 25.88 -8.34 -9.06
C TYR D 71 27.31 -7.87 -9.13
N ASN D 72 28.25 -8.78 -9.49
CA ASN D 72 29.66 -8.38 -9.65
C ASN D 72 30.26 -9.42 -10.57
N ASP D 73 29.90 -9.33 -11.85
CA ASP D 73 30.05 -10.46 -12.76
C ASP D 73 30.93 -10.15 -13.96
N ASP D 74 31.67 -11.17 -14.41
CA ASP D 74 32.26 -11.18 -15.75
C ASP D 74 31.34 -11.92 -16.76
N PHE D 75 31.81 -12.11 -18.01
CA PHE D 75 30.96 -12.69 -19.01
C PHE D 75 30.44 -14.09 -18.68
N GLU D 76 31.35 -14.96 -18.20
CA GLU D 76 31.06 -16.37 -17.87
C GLU D 76 30.03 -16.46 -16.71
N GLU D 77 30.22 -15.59 -15.73
CA GLU D 77 29.25 -15.47 -14.62
C GLU D 77 27.87 -14.98 -15.09
N LEU D 78 27.84 -13.98 -15.97
CA LEU D 78 26.55 -13.61 -16.57
C LEU D 78 25.93 -14.74 -17.39
N LYS D 79 26.79 -15.42 -18.15
CA LYS D 79 26.34 -16.55 -18.95
C LYS D 79 25.64 -17.60 -18.09
N GLN D 80 26.23 -17.89 -16.93
CA GLN D 80 25.62 -18.81 -15.98
C GLN D 80 24.30 -18.28 -15.43
N ARG D 81 24.25 -16.99 -15.13
CA ARG D 81 22.97 -16.40 -14.72
C ARG D 81 21.89 -16.57 -15.79
N VAL D 82 22.26 -16.39 -17.04
CA VAL D 82 21.35 -16.56 -18.16
C VAL D 82 20.93 -18.01 -18.36
N GLU D 83 21.91 -18.90 -18.46
CA GLU D 83 21.62 -20.33 -18.68
C GLU D 83 20.70 -20.97 -17.63
N ARG D 84 20.77 -20.53 -16.37
CA ARG D 84 19.84 -20.98 -15.33
C ARG D 84 18.38 -20.85 -15.77
N LEU D 85 18.07 -19.77 -16.50
CA LEU D 85 16.70 -19.45 -16.91
C LEU D 85 16.20 -20.42 -18.01
N TYR D 86 17.13 -21.17 -18.60
CA TYR D 86 16.77 -22.11 -19.67
C TYR D 86 16.67 -23.58 -19.23
N SER D 87 16.79 -23.80 -17.92
CA SER D 87 16.79 -25.15 -17.31
C SER D 87 15.46 -25.89 -17.35
N GLY D 88 14.35 -25.17 -17.56
CA GLY D 88 13.01 -25.77 -17.49
C GLY D 88 12.60 -26.22 -16.07
N GLN D 89 13.40 -25.85 -15.07
CA GLN D 89 13.12 -26.19 -13.67
C GLN D 89 13.01 -24.91 -12.85
N VAL D 90 12.63 -23.83 -13.52
CA VAL D 90 12.50 -22.53 -12.88
C VAL D 90 11.03 -22.40 -12.56
N TRP D 91 10.62 -23.01 -11.45
CA TRP D 91 9.19 -23.16 -11.11
C TRP D 91 8.50 -21.81 -10.95
N MET D 92 9.21 -20.83 -10.39
CA MET D 92 8.65 -19.48 -10.23
C MET D 92 8.36 -18.83 -11.57
N GLU D 93 9.01 -19.32 -12.63
CA GLU D 93 8.75 -18.81 -13.98
C GLU D 93 7.83 -19.74 -14.79
N ASP D 94 7.10 -20.60 -14.10
CA ASP D 94 6.10 -21.44 -14.74
C ASP D 94 4.77 -21.39 -13.96
N PRO D 95 3.72 -20.73 -14.52
CA PRO D 95 3.70 -19.90 -15.73
C PRO D 95 4.70 -18.73 -15.66
N PRO D 96 5.11 -18.18 -16.81
CA PRO D 96 6.09 -17.09 -16.83
C PRO D 96 5.51 -15.75 -16.29
N SER D 97 6.43 -14.95 -15.77
CA SER D 97 6.13 -13.62 -15.26
C SER D 97 6.19 -12.58 -16.41
N LYS D 98 5.93 -11.31 -16.11
CA LYS D 98 6.06 -10.25 -17.07
C LYS D 98 7.06 -9.23 -16.56
N ILE D 99 7.72 -8.54 -17.47
CA ILE D 99 8.61 -7.45 -17.07
C ILE D 99 8.55 -6.39 -18.16
N ARG D 100 8.60 -5.14 -17.72
CA ARG D 100 8.57 -4.03 -18.67
C ARG D 100 9.49 -2.94 -18.17
N TYR D 101 10.39 -2.51 -19.07
CA TYR D 101 11.40 -1.50 -18.74
C TYR D 101 11.08 -0.18 -19.42
N PHE D 102 11.15 0.89 -18.64
CA PHE D 102 10.99 2.23 -19.16
C PHE D 102 12.33 2.92 -18.99
N VAL D 103 13.05 3.06 -20.11
CA VAL D 103 14.36 3.71 -20.14
C VAL D 103 14.20 5.17 -20.57
N SER D 104 14.82 6.10 -19.86
CA SER D 104 14.73 7.50 -20.22
C SER D 104 16.02 8.20 -19.82
N ASN D 105 16.14 9.48 -20.19
CA ASN D 105 17.33 10.25 -19.80
C ASN D 105 18.64 9.64 -20.32
N VAL D 106 18.59 9.16 -21.55
CA VAL D 106 19.80 8.57 -22.22
C VAL D 106 20.72 9.73 -22.60
N GLU D 107 21.90 9.73 -21.97
CA GLU D 107 22.87 10.76 -22.24
C GLU D 107 24.17 10.05 -22.56
N ALA D 108 24.68 10.28 -23.76
CA ALA D 108 25.91 9.61 -24.21
C ALA D 108 27.00 10.66 -24.42
N PHE D 109 28.21 10.32 -24.00
CA PHE D 109 29.37 11.18 -24.10
C PHE D 109 30.54 10.44 -24.79
N GLU D 110 31.38 11.23 -25.45
CA GLU D 110 32.57 10.70 -26.16
C GLU D 110 33.64 10.31 -25.14
N ALA D 111 34.08 9.05 -25.21
CA ALA D 111 35.22 8.59 -24.40
C ALA D 111 36.38 8.39 -25.39
N GLU D 112 37.42 7.66 -24.99
CA GLU D 112 38.58 7.51 -25.90
C GLU D 112 38.40 6.32 -26.80
N ASN D 113 39.21 6.25 -27.85
CA ASN D 113 39.11 5.19 -28.82
C ASN D 113 37.69 4.95 -29.32
N GLY D 114 36.95 6.04 -29.51
CA GLY D 114 35.60 6.00 -30.03
C GLY D 114 34.58 5.26 -29.17
N GLU D 115 34.97 5.01 -27.92
CA GLU D 115 34.03 4.42 -26.94
C GLU D 115 33.04 5.52 -26.52
N LEU D 116 31.93 5.09 -25.91
CA LEU D 116 30.93 6.00 -25.34
C LEU D 116 30.69 5.74 -23.85
N ASP D 117 30.64 6.81 -23.04
CA ASP D 117 30.14 6.68 -21.66
C ASP D 117 28.69 7.08 -21.71
N VAL D 118 27.78 6.19 -21.27
CA VAL D 118 26.33 6.42 -21.42
C VAL D 118 25.58 6.28 -20.05
N LEU D 119 24.79 7.31 -19.73
CA LEU D 119 23.98 7.41 -18.49
C LEU D 119 22.52 7.23 -18.87
N SER D 120 21.76 6.46 -18.08
CA SER D 120 20.31 6.38 -18.33
C SER D 120 19.57 6.10 -17.03
N ASN D 121 18.28 6.46 -17.03
CA ASN D 121 17.40 6.11 -15.90
C ASN D 121 16.57 4.94 -16.33
N ILE D 122 16.33 3.98 -15.42
CA ILE D 122 15.47 2.84 -15.74
C ILE D 122 14.41 2.64 -14.65
N LEU D 123 13.18 2.41 -15.09
CA LEU D 123 12.09 2.04 -14.22
C LEU D 123 11.65 0.67 -14.68
N VAL D 124 11.62 -0.29 -13.78
CA VAL D 124 11.30 -1.67 -14.09
C VAL D 124 10.01 -2.04 -13.39
N TYR D 125 8.99 -2.46 -14.16
CA TYR D 125 7.71 -2.91 -13.63
C TYR D 125 7.66 -4.41 -13.81
N ARG D 126 7.55 -5.15 -12.72
CA ARG D 126 7.41 -6.59 -12.82
C ARG D 126 6.03 -7.07 -12.33
N ASN D 127 5.44 -7.99 -13.07
CA ASN D 127 4.16 -8.61 -12.71
C ASN D 127 4.32 -10.11 -12.71
N ARG D 128 3.73 -10.79 -11.72
CA ARG D 128 3.68 -12.23 -11.77
C ARG D 128 2.46 -12.79 -11.08
N ARG D 129 2.19 -14.06 -11.39
CA ARG D 129 1.06 -14.80 -10.84
C ARG D 129 -0.20 -13.96 -11.02
N GLN D 130 -1.02 -13.83 -9.97
CA GLN D 130 -2.31 -13.17 -10.16
C GLN D 130 -2.23 -11.67 -9.87
N THR D 131 -1.71 -11.32 -8.67
CA THR D 131 -1.75 -9.94 -8.18
C THR D 131 -0.36 -9.36 -7.81
N GLU D 132 0.73 -10.10 -8.07
CA GLU D 132 2.03 -9.61 -7.60
C GLU D 132 2.54 -8.53 -8.55
N VAL D 133 3.02 -7.42 -7.97
CA VAL D 133 3.52 -6.30 -8.77
C VAL D 133 4.66 -5.75 -7.96
N THR D 134 5.81 -5.60 -8.60
CA THR D 134 6.91 -4.91 -7.92
C THR D 134 7.54 -3.89 -8.89
N VAL D 135 8.15 -2.83 -8.34
CA VAL D 135 8.67 -1.71 -9.15
C VAL D 135 10.07 -1.33 -8.61
N HIS D 136 11.01 -1.12 -9.53
CA HIS D 136 12.40 -0.75 -9.23
C HIS D 136 12.79 0.43 -10.10
N THR D 137 13.57 1.34 -9.54
CA THR D 137 14.18 2.43 -10.31
C THR D 137 15.67 2.41 -10.01
N LEU D 138 16.45 2.66 -11.06
CA LEU D 138 17.92 2.53 -11.02
C LEU D 138 18.53 3.57 -11.94
N GLY D 139 19.76 3.98 -11.63
CA GLY D 139 20.61 4.73 -12.60
C GLY D 139 21.50 3.67 -13.24
N ARG D 140 21.73 3.82 -14.53
CA ARG D 140 22.63 2.91 -15.23
C ARG D 140 23.77 3.71 -15.80
N GLU D 141 25.01 3.23 -15.65
CA GLU D 141 26.19 3.93 -16.15
C GLU D 141 26.95 2.89 -16.94
N ASP D 142 26.99 3.09 -18.27
CA ASP D 142 27.57 2.05 -19.18
C ASP D 142 28.77 2.66 -19.86
N LYS D 143 29.64 1.78 -20.34
CA LYS D 143 30.61 2.11 -21.39
C LYS D 143 30.28 1.18 -22.53
N LEU D 144 30.12 1.75 -23.72
CA LEU D 144 29.74 0.94 -24.89
C LEU D 144 30.85 1.07 -25.90
N ARG D 145 30.97 0.05 -26.74
CA ARG D 145 31.79 0.18 -27.94
C ARG D 145 30.97 -0.28 -29.11
N GLN D 146 31.31 0.23 -30.27
CA GLN D 146 30.61 -0.13 -31.47
C GLN D 146 30.67 -1.61 -31.80
N ASP D 147 29.59 -2.14 -32.36
CA ASP D 147 29.55 -3.54 -32.84
C ASP D 147 28.74 -3.63 -34.15
N GLY D 148 29.47 -3.84 -35.26
CA GLY D 148 28.91 -3.95 -36.63
C GLY D 148 27.50 -3.44 -36.89
N ASN D 149 27.31 -2.13 -36.74
CA ASN D 149 26.01 -1.45 -36.91
C ASN D 149 25.11 -1.47 -35.66
N GLY D 150 25.67 -1.95 -34.55
CA GLY D 150 25.10 -1.80 -33.19
C GLY D 150 26.19 -1.48 -32.15
N PHE D 151 25.92 -1.78 -30.88
CA PHE D 151 26.89 -1.59 -29.80
C PHE D 151 26.97 -2.84 -28.97
N LYS D 152 28.05 -2.95 -28.21
CA LYS D 152 28.11 -3.90 -27.12
C LYS D 152 28.53 -3.20 -25.84
N VAL D 153 27.89 -3.55 -24.73
CA VAL D 153 28.27 -2.96 -23.44
C VAL D 153 29.47 -3.70 -22.85
N PHE D 154 30.48 -2.95 -22.44
CA PHE D 154 31.64 -3.59 -21.79
C PHE D 154 31.87 -3.19 -20.33
N ARG D 155 31.19 -2.13 -19.86
CA ARG D 155 31.08 -1.89 -18.40
C ARG D 155 29.64 -1.46 -18.13
N ARG D 156 29.02 -2.09 -17.15
CA ARG D 156 27.63 -1.73 -16.76
C ARG D 156 27.57 -1.63 -15.27
N LYS D 157 27.27 -0.42 -14.78
CA LYS D 157 27.11 -0.18 -13.36
C LYS D 157 25.64 0.23 -13.11
N LEU D 158 25.01 -0.51 -12.21
CA LEU D 158 23.60 -0.31 -11.87
C LEU D 158 23.45 0.22 -10.45
N ILE D 159 22.79 1.37 -10.32
CA ILE D 159 22.69 2.01 -9.01
C ILE D 159 21.24 2.00 -8.55
N LEU D 160 20.91 1.10 -7.62
CA LEU D 160 19.53 0.93 -7.16
C LEU D 160 19.12 2.08 -6.29
N ASP D 161 17.85 2.47 -6.34
CA ASP D 161 17.42 3.62 -5.57
C ASP D 161 16.99 3.31 -4.13
N ALA D 162 16.69 2.06 -3.84
CA ALA D 162 16.07 1.69 -2.57
C ALA D 162 17.08 0.91 -1.74
N ARG D 163 17.24 1.28 -0.46
CA ARG D 163 18.15 0.57 0.40
C ARG D 163 17.68 -0.84 0.71
N VAL D 164 16.40 -0.99 1.03
CA VAL D 164 15.75 -2.30 1.30
C VAL D 164 14.89 -2.61 0.08
N THR D 165 15.19 -3.77 -0.54
CA THR D 165 14.53 -4.16 -1.78
C THR D 165 13.17 -4.74 -1.48
N GLN D 166 12.11 -4.13 -2.03
CA GLN D 166 10.75 -4.59 -1.80
C GLN D 166 10.28 -5.50 -2.95
N ASP D 167 10.95 -6.65 -3.07
CA ASP D 167 10.67 -7.66 -4.06
C ASP D 167 11.32 -8.95 -3.51
N LYS D 168 10.79 -10.11 -3.90
CA LYS D 168 11.38 -11.40 -3.57
C LYS D 168 12.84 -11.53 -4.07
N ASN D 169 13.17 -10.91 -5.20
CA ASN D 169 14.51 -11.02 -5.79
C ASN D 169 14.81 -9.85 -6.72
N LEU D 170 16.04 -9.80 -7.20
CA LEU D 170 16.49 -8.80 -8.18
C LEU D 170 17.06 -9.58 -9.37
N TYR D 171 16.42 -10.69 -9.67
CA TYR D 171 16.88 -11.61 -10.73
C TYR D 171 16.25 -11.20 -12.06
N PHE D 172 16.78 -10.10 -12.59
CA PHE D 172 16.45 -9.62 -13.92
C PHE D 172 17.62 -8.83 -14.42
N PHE D 173 17.81 -8.76 -15.72
CA PHE D 173 18.92 -7.98 -16.22
C PHE D 173 18.53 -6.56 -16.52
N CYS D 174 19.52 -5.65 -16.47
CA CYS D 174 19.34 -4.27 -16.90
C CYS D 174 20.50 -3.90 -17.81
N MET E 1 -24.58 -12.22 15.46
CA MET E 1 -24.08 -12.24 16.88
C MET E 1 -24.68 -13.36 17.75
N SER E 2 -26.00 -13.26 18.00
CA SER E 2 -26.67 -13.91 19.12
C SER E 2 -27.54 -15.13 18.78
N GLY E 3 -28.20 -15.09 17.62
CA GLY E 3 -29.32 -16.00 17.30
C GLY E 3 -30.51 -15.24 16.74
N ASP E 4 -30.53 -13.93 16.94
CA ASP E 4 -31.56 -13.08 16.38
C ASP E 4 -31.05 -11.64 16.15
N THR E 5 -30.12 -11.54 15.21
CA THR E 5 -29.39 -10.28 14.96
C THR E 5 -30.25 -9.08 14.60
N THR E 6 -29.89 -7.93 15.20
CA THR E 6 -30.50 -6.67 14.84
C THR E 6 -29.79 -5.97 13.66
N LEU E 7 -28.80 -6.66 13.06
CA LEU E 7 -28.07 -6.12 11.88
C LEU E 7 -28.93 -6.00 10.65
N VAL E 8 -29.98 -6.84 10.59
CA VAL E 8 -30.96 -6.75 9.50
C VAL E 8 -32.37 -6.65 10.12
N ASP E 9 -33.15 -5.69 9.66
CA ASP E 9 -34.52 -5.55 10.11
C ASP E 9 -35.44 -5.94 8.96
N THR E 10 -36.01 -7.14 9.05
CA THR E 10 -36.85 -7.65 7.97
C THR E 10 -38.23 -7.03 7.92
N VAL E 11 -38.67 -6.36 8.99
CA VAL E 11 -40.00 -5.73 8.98
C VAL E 11 -40.45 -4.61 7.96
N ASN E 12 -40.24 -3.28 7.99
CA ASN E 12 -39.07 -2.37 8.20
C ASN E 12 -38.05 -2.36 7.04
N ALA E 13 -37.54 -3.53 6.64
CA ALA E 13 -36.77 -3.65 5.38
C ALA E 13 -35.55 -2.68 5.33
N SER E 14 -34.69 -2.80 6.33
CA SER E 14 -33.44 -2.01 6.38
C SER E 14 -32.28 -2.83 6.96
N GLN E 15 -31.04 -2.43 6.58
CA GLN E 15 -29.90 -3.15 7.06
C GLN E 15 -28.91 -2.14 7.66
N SER E 16 -28.27 -2.57 8.71
CA SER E 16 -27.23 -1.76 9.36
C SER E 16 -26.06 -1.57 8.39
N ARG E 17 -25.64 -0.31 8.24
CA ARG E 17 -24.33 -0.03 7.65
C ARG E 17 -23.18 -0.95 8.07
N GLN E 18 -23.20 -1.46 9.30
CA GLN E 18 -22.15 -2.34 9.79
C GLN E 18 -21.92 -3.60 8.93
N VAL E 19 -22.97 -4.02 8.22
CA VAL E 19 -22.86 -5.21 7.39
C VAL E 19 -21.93 -5.00 6.17
N PHE E 20 -21.75 -3.74 5.71
CA PHE E 20 -20.73 -3.41 4.69
C PHE E 20 -19.29 -3.18 5.26
N TRP E 21 -19.13 -3.06 6.59
CA TRP E 21 -17.89 -2.54 7.21
C TRP E 21 -17.25 -3.43 8.28
N ASP E 22 -18.07 -3.97 9.20
CA ASP E 22 -17.52 -4.58 10.43
C ASP E 22 -16.80 -5.89 10.20
N ARG E 23 -15.58 -6.02 10.74
CA ARG E 23 -14.78 -7.23 10.57
C ARG E 23 -15.44 -8.45 11.23
N ASP E 24 -16.01 -8.26 12.42
CA ASP E 24 -16.66 -9.36 13.15
CA ASP E 24 -16.60 -9.42 13.10
C ASP E 24 -17.83 -9.95 12.34
N VAL E 25 -18.61 -9.07 11.73
CA VAL E 25 -19.70 -9.49 10.82
C VAL E 25 -19.14 -10.32 9.65
N TYR E 26 -18.07 -9.82 9.02
CA TYR E 26 -17.41 -10.52 7.92
C TYR E 26 -16.97 -11.91 8.29
N ASP E 27 -16.29 -12.02 9.42
CA ASP E 27 -15.77 -13.30 9.87
C ASP E 27 -16.88 -14.31 10.13
N LEU E 28 -18.00 -13.79 10.61
CA LEU E 28 -19.16 -14.66 10.85
C LEU E 28 -19.84 -15.05 9.53
N GLU E 29 -19.86 -14.18 8.53
CA GLU E 29 -20.26 -14.58 7.17
C GLU E 29 -19.34 -15.69 6.61
N ILE E 30 -18.03 -15.60 6.89
CA ILE E 30 -17.08 -16.65 6.44
C ILE E 30 -17.48 -18.02 7.06
N GLU E 31 -17.74 -18.02 8.37
CA GLU E 31 -18.19 -19.22 9.09
C GLU E 31 -19.58 -19.71 8.61
N ARG E 32 -20.57 -18.83 8.54
CA ARG E 32 -21.98 -19.26 8.36
C ARG E 32 -22.61 -19.04 7.00
N ILE E 33 -21.86 -18.49 6.04
CA ILE E 33 -22.33 -18.35 4.67
C ILE E 33 -21.31 -19.05 3.78
N PHE E 34 -20.08 -18.54 3.77
CA PHE E 34 -19.13 -19.07 2.79
C PHE E 34 -18.64 -20.47 3.11
N SER E 35 -18.54 -20.80 4.38
CA SER E 35 -18.13 -22.14 4.74
C SER E 35 -19.32 -23.16 4.79
N ARG E 36 -20.52 -22.69 4.51
CA ARG E 36 -21.72 -23.49 4.68
C ARG E 36 -22.59 -23.60 3.40
N ALA E 37 -22.57 -22.58 2.54
CA ALA E 37 -23.36 -22.55 1.31
C ALA E 37 -22.69 -23.29 0.13
N TRP E 38 -23.46 -23.47 -0.95
CA TRP E 38 -22.91 -23.96 -2.21
C TRP E 38 -22.39 -22.74 -2.99
N LEU E 39 -21.12 -22.80 -3.36
CA LEU E 39 -20.50 -21.70 -4.07
C LEU E 39 -20.20 -22.06 -5.53
N MET E 40 -20.48 -21.10 -6.42
CA MET E 40 -20.25 -21.22 -7.85
C MET E 40 -18.76 -21.34 -8.18
N LEU E 41 -18.40 -22.43 -8.87
CA LEU E 41 -17.02 -22.71 -9.27
C LEU E 41 -16.76 -22.47 -10.76
N GLY E 42 -17.81 -22.61 -11.56
CA GLY E 42 -17.73 -22.53 -13.01
C GLY E 42 -18.74 -23.44 -13.71
N HIS E 43 -18.31 -24.00 -14.83
CA HIS E 43 -19.16 -24.82 -15.69
C HIS E 43 -18.30 -25.86 -16.39
N LYS E 44 -18.91 -27.03 -16.65
CA LYS E 44 -18.22 -28.13 -17.33
C LYS E 44 -17.50 -27.65 -18.60
N SER E 45 -18.10 -26.68 -19.28
CA SER E 45 -17.55 -26.11 -20.47
C SER E 45 -16.18 -25.45 -20.31
N LEU E 46 -15.85 -25.05 -19.07
CA LEU E 46 -14.54 -24.48 -18.76
C LEU E 46 -13.43 -25.52 -18.63
N LEU E 47 -13.81 -26.78 -18.40
CA LEU E 47 -12.88 -27.91 -18.27
C LEU E 47 -13.52 -29.20 -18.88
N PRO E 48 -13.80 -29.19 -20.20
CA PRO E 48 -14.72 -30.15 -20.85
C PRO E 48 -14.22 -31.59 -21.05
N LYS E 49 -12.91 -31.79 -20.94
CA LYS E 49 -12.33 -33.11 -21.20
C LYS E 49 -11.61 -33.65 -20.00
N PRO E 50 -11.61 -34.98 -19.82
CA PRO E 50 -10.89 -35.58 -18.72
C PRO E 50 -9.45 -35.03 -18.57
N GLY E 51 -9.08 -34.69 -17.34
CA GLY E 51 -7.78 -34.08 -17.07
C GLY E 51 -7.76 -32.55 -17.11
N ASP E 52 -8.76 -31.97 -17.78
CA ASP E 52 -8.94 -30.51 -17.80
C ASP E 52 -9.19 -30.03 -16.38
N PHE E 53 -8.54 -28.93 -16.01
CA PHE E 53 -8.71 -28.33 -14.69
C PHE E 53 -8.81 -26.82 -14.85
N ILE E 54 -9.37 -26.19 -13.82
CA ILE E 54 -9.20 -24.77 -13.58
C ILE E 54 -8.82 -24.53 -12.10
N THR E 55 -8.16 -23.40 -11.84
CA THR E 55 -8.00 -22.90 -10.46
C THR E 55 -9.03 -21.81 -10.24
N THR E 56 -9.62 -21.82 -9.05
CA THR E 56 -10.60 -20.81 -8.69
C THR E 56 -10.65 -20.60 -7.17
N TYR E 57 -11.53 -19.70 -6.74
CA TYR E 57 -11.65 -19.40 -5.32
C TYR E 57 -12.98 -19.89 -4.80
N MET E 58 -12.97 -20.31 -3.56
CA MET E 58 -14.17 -20.34 -2.75
C MET E 58 -13.97 -19.35 -1.60
N ALA E 59 -14.56 -18.17 -1.77
CA ALA E 59 -14.34 -17.02 -0.88
C ALA E 59 -12.82 -16.78 -0.82
N GLU E 60 -12.17 -16.87 0.34
CA GLU E 60 -10.70 -16.64 0.40
C GLU E 60 -9.82 -17.88 0.20
N ASP E 61 -10.45 -19.04 0.00
CA ASP E 61 -9.74 -20.31 -0.18
C ASP E 61 -9.49 -20.65 -1.67
N LYS E 62 -8.27 -21.04 -1.97
CA LYS E 62 -7.90 -21.38 -3.32
C LYS E 62 -8.18 -22.86 -3.53
N ILE E 63 -8.84 -23.17 -4.64
CA ILE E 63 -9.12 -24.57 -5.01
C ILE E 63 -8.62 -24.90 -6.42
N ILE E 64 -8.37 -26.19 -6.64
CA ILE E 64 -8.13 -26.77 -7.95
C ILE E 64 -9.41 -27.57 -8.25
N LEU E 65 -9.97 -27.38 -9.44
CA LEU E 65 -11.17 -28.10 -9.88
C LEU E 65 -10.80 -28.90 -11.12
N SER E 66 -10.91 -30.24 -11.03
CA SER E 66 -10.41 -31.17 -12.05
C SER E 66 -11.47 -32.11 -12.62
N HIS E 67 -11.49 -32.21 -13.96
CA HIS E 67 -12.32 -33.17 -14.71
C HIS E 67 -11.64 -34.55 -14.60
N GLN E 68 -12.20 -35.43 -13.76
CA GLN E 68 -11.65 -36.78 -13.47
C GLN E 68 -11.70 -37.71 -14.68
N SER E 69 -10.96 -38.82 -14.60
CA SER E 69 -10.93 -39.81 -15.68
C SER E 69 -12.32 -40.32 -16.04
N ASP E 70 -13.07 -40.69 -14.99
CA ASP E 70 -14.45 -41.22 -15.10
C ASP E 70 -15.52 -40.21 -15.55
N GLY E 71 -15.10 -38.99 -15.87
CA GLY E 71 -16.05 -37.96 -16.35
C GLY E 71 -16.77 -37.20 -15.25
N THR E 72 -16.46 -37.49 -13.99
CA THR E 72 -16.96 -36.68 -12.86
C THR E 72 -15.95 -35.55 -12.52
N PHE E 73 -16.34 -34.72 -11.56
CA PHE E 73 -15.57 -33.52 -11.21
C PHE E 73 -15.28 -33.48 -9.73
N ARG E 74 -14.00 -33.32 -9.38
CA ARG E 74 -13.57 -33.17 -8.01
C ARG E 74 -12.84 -31.84 -7.82
N ALA E 75 -12.82 -31.38 -6.57
CA ALA E 75 -12.18 -30.13 -6.22
C ALA E 75 -11.50 -30.37 -4.91
N PHE E 76 -10.39 -29.68 -4.73
CA PHE E 76 -9.62 -29.80 -3.52
C PHE E 76 -8.85 -28.49 -3.25
N ILE E 77 -8.49 -28.31 -1.98
CA ILE E 77 -7.78 -27.12 -1.53
C ILE E 77 -6.41 -27.06 -2.20
N ASN E 78 -6.13 -25.92 -2.86
CA ASN E 78 -4.90 -25.73 -3.60
C ASN E 78 -3.70 -25.42 -2.66
N SER E 79 -3.46 -26.31 -1.72
CA SER E 79 -2.40 -26.18 -0.71
C SER E 79 -1.87 -27.57 -0.34
N CYS E 80 -0.55 -27.66 -0.33
CA CYS E 80 0.21 -28.86 -0.03
C CYS E 80 0.20 -29.21 1.46
N THR E 81 0.08 -30.52 1.76
CA THR E 81 0.08 -30.99 3.12
C THR E 81 1.47 -31.28 3.71
N HIS E 82 2.55 -30.91 3.02
CA HIS E 82 3.87 -30.95 3.66
C HIS E 82 4.07 -29.64 4.46
N ARG E 83 4.46 -28.56 3.77
CA ARG E 83 4.63 -27.27 4.43
C ARG E 83 3.61 -26.24 3.97
N GLY E 84 2.62 -26.64 3.16
CA GLY E 84 1.49 -25.74 2.86
C GLY E 84 1.55 -24.93 1.58
N ASN E 85 2.68 -24.99 0.87
CA ASN E 85 2.82 -24.35 -0.44
C ASN E 85 1.60 -24.52 -1.37
N GLN E 86 1.28 -23.47 -2.13
CA GLN E 86 0.25 -23.58 -3.15
C GLN E 86 0.77 -24.57 -4.21
N ILE E 87 -0.11 -25.45 -4.69
CA ILE E 87 0.33 -26.53 -5.57
C ILE E 87 0.35 -26.08 -7.01
N CYS E 88 -0.74 -25.46 -7.45
CA CYS E 88 -0.95 -25.13 -8.85
C CYS E 88 -1.09 -23.65 -9.08
N HIS E 89 -0.24 -23.13 -9.97
CA HIS E 89 -0.30 -21.70 -10.36
C HIS E 89 -0.90 -21.37 -11.73
N ALA E 90 -1.38 -22.38 -12.45
CA ALA E 90 -1.97 -22.15 -13.76
C ALA E 90 -3.46 -21.87 -13.64
N ASP E 91 -3.98 -20.97 -14.46
CA ASP E 91 -5.42 -20.64 -14.53
C ASP E 91 -6.27 -21.85 -14.97
N SER E 92 -5.70 -22.63 -15.90
CA SER E 92 -6.39 -23.72 -16.60
C SER E 92 -5.32 -24.53 -17.36
N GLY E 93 -5.71 -25.70 -17.86
CA GLY E 93 -4.77 -26.63 -18.56
C GLY E 93 -5.19 -28.09 -18.46
N ASN E 94 -4.29 -29.01 -18.82
CA ASN E 94 -4.58 -30.46 -18.67
C ASN E 94 -3.53 -31.14 -17.80
N ALA E 95 -3.97 -31.91 -16.82
CA ALA E 95 -3.05 -32.59 -15.93
C ALA E 95 -3.59 -33.89 -15.37
N LYS E 96 -2.70 -34.89 -15.36
CA LYS E 96 -3.02 -36.13 -14.72
C LYS E 96 -2.50 -36.12 -13.27
N ALA E 97 -1.67 -35.12 -12.93
CA ALA E 97 -1.11 -34.90 -11.59
C ALA E 97 -0.77 -33.42 -11.30
N PHE E 98 -0.74 -33.06 -10.02
CA PHE E 98 -0.43 -31.70 -9.57
C PHE E 98 0.77 -31.75 -8.64
N VAL E 99 1.88 -31.19 -9.08
CA VAL E 99 3.10 -31.27 -8.28
C VAL E 99 3.35 -29.99 -7.47
N CYS E 100 3.61 -30.14 -6.18
CA CYS E 100 4.00 -28.99 -5.37
C CYS E 100 5.48 -28.71 -5.61
N ASN E 101 5.84 -27.55 -6.14
CA ASN E 101 7.24 -27.34 -6.51
C ASN E 101 8.25 -27.01 -5.40
N TYR E 102 7.83 -27.11 -4.13
CA TYR E 102 8.75 -26.86 -3.02
C TYR E 102 9.64 -28.11 -2.80
N HIS E 103 9.03 -29.26 -2.49
CA HIS E 103 9.82 -30.49 -2.34
C HIS E 103 9.45 -31.59 -3.38
N GLY E 104 8.38 -31.37 -4.13
CA GLY E 104 7.99 -32.29 -5.20
C GLY E 104 6.85 -33.27 -4.90
N TRP E 105 6.16 -33.11 -3.77
CA TRP E 105 4.98 -33.96 -3.50
C TRP E 105 3.99 -33.91 -4.65
N VAL E 106 3.45 -35.07 -5.02
CA VAL E 106 2.58 -35.18 -6.20
C VAL E 106 1.15 -35.54 -5.81
N TYR E 107 0.18 -34.77 -6.32
CA TYR E 107 -1.23 -34.95 -6.01
C TYR E 107 -2.05 -35.44 -7.22
N GLY E 108 -3.03 -36.31 -6.94
CA GLY E 108 -3.94 -36.85 -7.96
C GLY E 108 -4.98 -35.82 -8.37
N GLN E 109 -5.80 -36.17 -9.36
CA GLN E 109 -6.86 -35.28 -9.84
C GLN E 109 -7.99 -35.09 -8.83
N ASP E 110 -7.92 -35.85 -7.73
CA ASP E 110 -8.92 -35.79 -6.69
C ASP E 110 -8.35 -35.21 -5.40
N GLY E 111 -7.04 -34.99 -5.38
CA GLY E 111 -6.34 -34.40 -4.22
C GLY E 111 -5.53 -35.40 -3.44
N SER E 112 -5.67 -36.69 -3.77
CA SER E 112 -4.91 -37.73 -3.09
C SER E 112 -3.45 -37.45 -3.28
N LEU E 113 -2.66 -37.71 -2.23
CA LEU E 113 -1.23 -37.67 -2.33
C LEU E 113 -0.76 -39.00 -2.92
N VAL E 114 -0.40 -39.01 -4.20
CA VAL E 114 -0.04 -40.27 -4.90
C VAL E 114 1.46 -40.62 -4.86
N ASP E 115 2.34 -39.62 -4.74
CA ASP E 115 3.77 -39.89 -4.73
C ASP E 115 4.59 -38.81 -4.05
N VAL E 116 5.60 -39.22 -3.31
CA VAL E 116 6.56 -38.27 -2.77
C VAL E 116 7.98 -38.69 -3.16
N PRO E 117 8.80 -37.72 -3.64
CA PRO E 117 10.17 -38.04 -3.98
C PRO E 117 10.89 -38.67 -2.78
N LEU E 118 11.69 -39.68 -3.08
CA LEU E 118 12.54 -40.34 -2.08
C LEU E 118 11.71 -40.91 -0.93
N GLU E 119 10.49 -41.35 -1.25
CA GLU E 119 9.60 -41.97 -0.28
C GLU E 119 10.28 -43.13 0.45
N SER E 120 10.98 -43.97 -0.32
CA SER E 120 11.64 -45.15 0.21
C SER E 120 12.97 -44.81 0.88
N ARG E 121 13.88 -44.13 0.17
CA ARG E 121 15.19 -43.77 0.72
C ARG E 121 15.14 -42.89 1.96
N CYS E 122 14.37 -41.81 1.88
CA CYS E 122 14.41 -40.75 2.90
C CYS E 122 13.28 -40.85 3.92
N TYR E 123 12.11 -41.27 3.44
CA TYR E 123 10.95 -41.44 4.31
C TYR E 123 10.85 -42.85 4.89
N HIS E 124 11.66 -43.78 4.36
CA HIS E 124 11.61 -45.19 4.79
C HIS E 124 10.19 -45.74 4.72
N ASN E 125 9.53 -45.50 3.57
CA ASN E 125 8.13 -45.86 3.32
C ASN E 125 7.22 -45.77 4.55
N LYS E 126 7.58 -44.90 5.50
CA LYS E 126 6.84 -44.76 6.77
C LYS E 126 5.78 -43.66 6.70
N LEU E 127 5.80 -42.89 5.61
CA LEU E 127 4.80 -41.85 5.39
C LEU E 127 3.44 -42.45 5.04
N ASP E 128 2.42 -42.08 5.80
CA ASP E 128 1.05 -42.51 5.46
C ASP E 128 0.37 -41.49 4.53
N LYS E 129 0.54 -41.71 3.23
CA LYS E 129 -0.05 -40.86 2.18
C LYS E 129 -1.58 -40.70 2.22
N GLN E 130 -2.29 -41.75 2.64
CA GLN E 130 -3.78 -41.72 2.64
C GLN E 130 -4.29 -40.70 3.65
N GLU E 131 -3.44 -40.39 4.63
CA GLU E 131 -3.71 -39.42 5.70
C GLU E 131 -3.36 -38.00 5.22
N LEU E 132 -2.65 -37.91 4.09
CA LEU E 132 -2.06 -36.65 3.68
C LEU E 132 -2.64 -36.01 2.43
N ALA E 133 -3.87 -36.37 2.05
CA ALA E 133 -4.46 -35.80 0.87
C ALA E 133 -4.79 -34.32 1.07
N ALA E 134 -4.62 -33.55 -0.02
CA ALA E 134 -5.11 -32.18 -0.09
C ALA E 134 -6.60 -32.18 0.20
N LYS E 135 -7.06 -31.24 1.03
CA LYS E 135 -8.43 -31.27 1.58
C LYS E 135 -9.48 -31.18 0.48
N SER E 136 -10.36 -32.18 0.42
CA SER E 136 -11.41 -32.21 -0.60
C SER E 136 -12.54 -31.23 -0.33
N VAL E 137 -13.21 -30.87 -1.41
CA VAL E 137 -14.35 -29.99 -1.36
C VAL E 137 -15.48 -30.77 -2.02
N ARG E 138 -16.66 -30.76 -1.42
CA ARG E 138 -17.84 -31.37 -2.06
C ARG E 138 -18.16 -30.66 -3.37
N VAL E 139 -18.26 -31.42 -4.45
CA VAL E 139 -18.69 -30.86 -5.71
C VAL E 139 -19.99 -31.50 -6.18
N GLU E 140 -20.94 -30.67 -6.61
CA GLU E 140 -22.13 -31.11 -7.35
C GLU E 140 -22.36 -30.16 -8.51
N THR E 141 -23.13 -30.59 -9.49
CA THR E 141 -23.34 -29.80 -10.70
C THR E 141 -24.82 -29.72 -10.97
N TYR E 142 -25.25 -28.69 -11.68
CA TYR E 142 -26.64 -28.52 -12.06
C TYR E 142 -26.71 -27.87 -13.43
N LYS E 143 -27.21 -28.62 -14.41
CA LYS E 143 -27.27 -28.18 -15.80
C LYS E 143 -25.92 -27.71 -16.34
N GLY E 144 -24.86 -28.41 -15.95
CA GLY E 144 -23.49 -28.13 -16.40
C GLY E 144 -22.73 -27.16 -15.49
N PHE E 145 -23.46 -26.33 -14.74
CA PHE E 145 -22.81 -25.44 -13.75
C PHE E 145 -22.24 -26.20 -12.56
N ILE E 146 -20.98 -25.93 -12.19
CA ILE E 146 -20.33 -26.62 -11.08
C ILE E 146 -20.30 -25.78 -9.79
N PHE E 147 -20.82 -26.36 -8.69
CA PHE E 147 -20.78 -25.75 -7.32
C PHE E 147 -19.91 -26.57 -6.38
N GLY E 148 -19.30 -25.92 -5.38
CA GLY E 148 -18.59 -26.58 -4.29
C GLY E 148 -19.11 -26.20 -2.92
N CYS E 149 -18.92 -27.05 -1.92
CA CYS E 149 -19.43 -26.81 -0.57
C CYS E 149 -18.51 -27.43 0.45
N HIS E 150 -18.27 -26.72 1.54
CA HIS E 150 -17.37 -27.22 2.57
C HIS E 150 -18.09 -28.00 3.67
N ASP E 151 -19.41 -27.91 3.68
CA ASP E 151 -20.19 -28.40 4.81
C ASP E 151 -20.82 -29.75 4.48
N PRO E 152 -20.34 -30.80 5.18
CA PRO E 152 -20.80 -32.15 4.91
C PRO E 152 -22.27 -32.31 5.36
N GLU E 153 -22.70 -31.51 6.31
CA GLU E 153 -24.10 -31.52 6.77
C GLU E 153 -25.05 -30.72 5.86
N ALA E 154 -24.48 -30.05 4.86
CA ALA E 154 -25.27 -29.20 3.94
C ALA E 154 -26.26 -29.99 3.06
N PRO E 155 -27.41 -29.38 2.71
CA PRO E 155 -28.29 -30.05 1.76
C PRO E 155 -27.64 -30.24 0.40
N SER E 156 -28.28 -31.07 -0.41
CA SER E 156 -27.90 -31.27 -1.80
C SER E 156 -27.96 -29.93 -2.55
N LEU E 157 -27.08 -29.78 -3.53
CA LEU E 157 -27.10 -28.61 -4.38
C LEU E 157 -28.50 -28.30 -4.96
N GLU E 158 -29.23 -29.32 -5.40
CA GLU E 158 -30.55 -29.02 -6.00
C GLU E 158 -31.59 -28.59 -4.97
N ASP E 159 -31.44 -29.07 -3.74
CA ASP E 159 -32.25 -28.60 -2.64
C ASP E 159 -31.88 -27.16 -2.32
N TYR E 160 -30.58 -26.87 -2.31
CA TYR E 160 -30.07 -25.51 -2.03
C TYR E 160 -30.65 -24.49 -3.01
N LEU E 161 -30.60 -24.81 -4.31
CA LEU E 161 -31.26 -23.99 -5.32
C LEU E 161 -32.78 -24.03 -5.13
N GLY E 162 -33.26 -25.20 -4.70
CA GLY E 162 -34.67 -25.40 -4.34
C GLY E 162 -35.62 -24.89 -5.40
N GLU E 163 -36.56 -24.04 -4.99
CA GLU E 163 -37.54 -23.45 -5.92
C GLU E 163 -36.98 -22.50 -6.97
N PHE E 164 -35.72 -22.07 -6.80
CA PHE E 164 -35.10 -21.20 -7.80
C PHE E 164 -34.82 -21.99 -9.09
N ARG E 165 -34.62 -23.30 -8.95
CA ARG E 165 -34.59 -24.24 -10.10
C ARG E 165 -35.67 -24.00 -11.15
N PHE E 166 -36.89 -23.69 -10.71
CA PHE E 166 -38.02 -23.41 -11.63
C PHE E 166 -37.55 -22.37 -12.64
N TYR E 167 -36.82 -21.36 -12.15
CA TYR E 167 -36.38 -20.25 -12.99
C TYR E 167 -35.09 -20.57 -13.73
N LEU E 168 -34.15 -21.22 -13.06
CA LEU E 168 -32.86 -21.56 -13.67
C LEU E 168 -33.09 -22.52 -14.85
N ASP E 169 -33.85 -23.57 -14.61
CA ASP E 169 -34.32 -24.46 -15.71
C ASP E 169 -34.72 -23.68 -16.96
N THR E 170 -35.56 -22.65 -16.82
CA THR E 170 -35.97 -21.83 -17.96
C THR E 170 -34.78 -21.39 -18.84
N ILE E 171 -33.70 -20.94 -18.20
CA ILE E 171 -32.57 -20.37 -18.95
C ILE E 171 -31.39 -21.31 -19.12
N TRP E 172 -31.04 -22.06 -18.08
CA TRP E 172 -29.89 -22.96 -18.10
C TRP E 172 -30.09 -24.23 -18.94
N GLU E 173 -31.33 -24.74 -18.95
CA GLU E 173 -31.69 -25.92 -19.75
C GLU E 173 -32.28 -25.37 -21.04
N GLY E 174 -33.30 -24.52 -20.89
CA GLY E 174 -33.83 -23.72 -21.97
C GLY E 174 -34.42 -24.57 -23.09
N GLY E 175 -34.42 -24.00 -24.28
CA GLY E 175 -35.05 -24.62 -25.48
C GLY E 175 -34.08 -25.24 -26.47
N GLY E 176 -32.79 -25.25 -26.12
CA GLY E 176 -31.74 -25.81 -26.96
C GLY E 176 -30.93 -26.85 -26.22
N ALA E 177 -29.61 -26.79 -26.37
CA ALA E 177 -28.72 -27.67 -25.61
C ALA E 177 -28.34 -27.07 -24.27
N GLY E 178 -28.85 -25.85 -24.00
CA GLY E 178 -28.59 -25.18 -22.73
C GLY E 178 -27.49 -24.12 -22.79
N LEU E 179 -27.30 -23.42 -21.67
CA LEU E 179 -26.22 -22.43 -21.53
C LEU E 179 -24.98 -22.99 -20.85
N GLU E 180 -23.84 -22.41 -21.22
CA GLU E 180 -22.58 -22.73 -20.60
C GLU E 180 -21.77 -21.43 -20.46
N LEU E 181 -20.59 -21.54 -19.87
CA LEU E 181 -19.70 -20.39 -19.66
C LEU E 181 -18.54 -20.35 -20.65
N LEU E 182 -18.25 -19.15 -21.17
CA LEU E 182 -17.08 -18.91 -22.00
C LEU E 182 -16.04 -18.05 -21.24
N GLY E 183 -14.82 -18.58 -21.09
CA GLY E 183 -13.65 -17.87 -20.56
C GLY E 183 -12.57 -17.67 -21.63
N PRO E 184 -11.32 -17.35 -21.22
CA PRO E 184 -10.88 -17.07 -19.86
C PRO E 184 -11.68 -15.90 -19.25
N PRO E 185 -11.82 -15.90 -17.91
CA PRO E 185 -12.51 -14.82 -17.24
C PRO E 185 -11.65 -13.56 -17.12
N MET E 186 -12.28 -12.38 -17.20
CA MET E 186 -11.65 -11.16 -16.69
C MET E 186 -11.60 -11.25 -15.17
N LYS E 187 -10.53 -10.74 -14.55
CA LYS E 187 -10.47 -10.69 -13.10
C LYS E 187 -10.03 -9.30 -12.68
N SER E 188 -10.70 -8.75 -11.66
CA SER E 188 -10.25 -7.46 -11.12
C SER E 188 -10.56 -7.29 -9.63
N LEU E 189 -9.82 -6.38 -9.00
CA LEU E 189 -10.09 -6.04 -7.61
C LEU E 189 -11.00 -4.82 -7.57
N LEU E 190 -11.87 -4.77 -6.56
CA LEU E 190 -12.77 -3.65 -6.34
C LEU E 190 -12.87 -3.44 -4.83
N HIS E 191 -12.76 -2.19 -4.40
CA HIS E 191 -12.65 -1.92 -2.95
C HIS E 191 -14.05 -1.73 -2.43
N CYS E 192 -14.82 -2.82 -2.46
CA CYS E 192 -16.18 -2.76 -1.90
C CYS E 192 -16.47 -4.02 -1.09
N ASN E 193 -17.46 -3.94 -0.22
CA ASN E 193 -17.98 -5.14 0.40
C ASN E 193 -18.67 -5.98 -0.67
N TRP E 194 -18.60 -7.29 -0.49
CA TRP E 194 -19.09 -8.22 -1.53
C TRP E 194 -20.59 -8.10 -1.72
N LYS E 195 -21.31 -7.64 -0.67
CA LYS E 195 -22.77 -7.50 -0.77
C LYS E 195 -23.27 -6.35 -1.60
N VAL E 196 -22.46 -5.31 -1.82
CA VAL E 196 -22.92 -4.20 -2.65
C VAL E 196 -23.14 -4.61 -4.14
N PRO E 197 -22.12 -5.25 -4.76
CA PRO E 197 -22.43 -5.67 -6.15
C PRO E 197 -23.48 -6.80 -6.21
N VAL E 198 -23.47 -7.74 -5.27
CA VAL E 198 -24.51 -8.78 -5.20
C VAL E 198 -25.96 -8.21 -5.06
N GLU E 199 -26.19 -7.28 -4.14
CA GLU E 199 -27.52 -6.68 -4.00
C GLU E 199 -27.90 -5.85 -5.22
N ASN E 200 -26.91 -5.22 -5.86
CA ASN E 200 -27.14 -4.46 -7.08
C ASN E 200 -27.71 -5.38 -8.21
N PHE E 201 -27.06 -6.52 -8.40
CA PHE E 201 -27.45 -7.49 -9.45
C PHE E 201 -28.72 -8.23 -9.10
N VAL E 202 -28.89 -8.57 -7.83
CA VAL E 202 -30.08 -9.35 -7.45
C VAL E 202 -31.35 -8.53 -7.57
N GLY E 203 -31.28 -7.22 -7.29
CA GLY E 203 -32.53 -6.49 -7.08
C GLY E 203 -32.61 -5.07 -7.52
N ASP E 204 -31.53 -4.56 -8.10
CA ASP E 204 -31.49 -3.12 -8.35
C ASP E 204 -31.81 -2.74 -9.78
N GLY E 205 -33.11 -2.72 -10.11
CA GLY E 205 -33.53 -2.17 -11.38
C GLY E 205 -33.51 -0.67 -11.32
N TYR E 206 -33.63 -0.13 -10.10
CA TYR E 206 -33.78 1.30 -9.88
C TYR E 206 -32.59 2.13 -10.42
N HIS E 207 -31.37 1.66 -10.19
CA HIS E 207 -30.20 2.46 -10.59
C HIS E 207 -29.96 2.55 -12.10
N VAL E 208 -30.57 1.64 -12.86
CA VAL E 208 -30.21 1.51 -14.28
C VAL E 208 -30.40 2.81 -15.01
N GLY E 209 -31.57 3.45 -14.84
CA GLY E 209 -31.91 4.70 -15.54
C GLY E 209 -31.12 5.93 -15.10
N TRP E 210 -30.52 5.85 -13.92
CA TRP E 210 -29.73 6.97 -13.39
C TRP E 210 -28.23 6.77 -13.59
N THR E 211 -27.69 5.72 -12.98
CA THR E 211 -26.30 5.34 -13.06
C THR E 211 -25.85 5.14 -14.52
N HIS E 212 -26.58 4.28 -15.23
CA HIS E 212 -26.21 3.91 -16.60
C HIS E 212 -26.96 4.78 -17.63
N ALA E 213 -27.26 6.02 -17.24
CA ALA E 213 -27.89 7.02 -18.14
C ALA E 213 -27.10 7.32 -19.44
N ALA E 214 -25.79 7.55 -19.31
CA ALA E 214 -24.94 7.82 -20.49
C ALA E 214 -25.06 6.68 -21.52
N ALA E 215 -24.83 5.45 -21.07
CA ALA E 215 -24.86 4.26 -21.94
C ALA E 215 -26.24 3.94 -22.52
N LEU E 216 -27.29 4.12 -21.72
CA LEU E 216 -28.67 3.85 -22.17
C LEU E 216 -29.09 4.76 -23.34
N GLY E 217 -28.88 6.07 -23.17
CA GLY E 217 -29.06 7.03 -24.27
C GLY E 217 -28.28 6.69 -25.55
N GLN E 218 -27.97 5.40 -25.76
CA GLN E 218 -27.29 4.92 -26.98
C GLN E 218 -27.89 3.63 -27.54
N GLY E 239 -42.27 -5.46 -16.27
CA GLY E 239 -41.71 -6.70 -15.74
C GLY E 239 -41.98 -7.08 -14.31
N LEU E 240 -41.16 -7.94 -13.73
CA LEU E 240 -41.38 -8.52 -12.40
C LEU E 240 -40.08 -8.70 -11.57
N GLN E 241 -40.23 -8.95 -10.25
CA GLN E 241 -39.12 -9.29 -9.36
C GLN E 241 -39.38 -10.56 -8.57
N PHE E 242 -38.36 -11.38 -8.41
CA PHE E 242 -38.48 -12.63 -7.66
C PHE E 242 -37.47 -12.81 -6.57
N THR E 243 -37.90 -13.43 -5.48
CA THR E 243 -36.98 -13.91 -4.47
C THR E 243 -37.39 -15.29 -3.96
N THR E 244 -36.45 -16.01 -3.34
CA THR E 244 -36.69 -17.37 -2.97
C THR E 244 -36.18 -17.71 -1.57
N ARG E 245 -36.55 -18.89 -1.09
CA ARG E 245 -36.25 -19.34 0.25
C ARG E 245 -34.76 -19.23 0.63
N HIS E 246 -33.87 -19.56 -0.31
CA HIS E 246 -32.45 -19.46 -0.04
C HIS E 246 -31.76 -18.23 -0.60
N GLY E 247 -32.49 -17.14 -0.76
CA GLY E 247 -31.84 -15.84 -1.03
C GLY E 247 -31.75 -15.47 -2.48
N HIS E 248 -31.75 -16.49 -3.35
CA HIS E 248 -31.71 -16.27 -4.80
C HIS E 248 -32.86 -15.43 -5.30
N GLY E 249 -32.57 -14.60 -6.28
CA GLY E 249 -33.54 -13.70 -6.81
C GLY E 249 -33.08 -13.13 -8.12
N PHE E 250 -33.99 -12.46 -8.81
CA PHE E 250 -33.70 -11.71 -9.98
C PHE E 250 -34.85 -10.77 -10.29
N GLY E 251 -34.59 -9.80 -11.15
CA GLY E 251 -35.59 -8.95 -11.74
C GLY E 251 -35.64 -9.20 -13.24
N VAL E 252 -36.84 -9.04 -13.83
CA VAL E 252 -37.01 -9.26 -15.28
C VAL E 252 -37.69 -8.10 -16.00
N ILE E 253 -37.11 -7.73 -17.14
CA ILE E 253 -37.67 -6.77 -18.09
C ILE E 253 -38.20 -7.60 -19.27
N ASP E 254 -39.52 -7.65 -19.41
CA ASP E 254 -40.17 -8.43 -20.47
C ASP E 254 -39.69 -8.10 -21.88
N ASN E 255 -39.54 -9.14 -22.71
CA ASN E 255 -39.21 -9.00 -24.15
C ASN E 255 -37.93 -8.19 -24.45
N ALA E 256 -36.89 -8.38 -23.64
CA ALA E 256 -35.71 -7.49 -23.64
C ALA E 256 -34.33 -8.14 -23.68
N ALA E 257 -34.28 -9.48 -23.69
CA ALA E 257 -33.01 -10.19 -23.65
C ALA E 257 -31.86 -9.54 -24.49
N ALA E 258 -32.09 -9.31 -25.78
CA ALA E 258 -31.08 -8.70 -26.63
C ALA E 258 -30.99 -7.16 -26.58
N ALA E 259 -31.86 -6.51 -25.79
CA ALA E 259 -31.98 -5.04 -25.79
C ALA E 259 -30.64 -4.28 -25.68
N ILE E 260 -29.66 -4.91 -25.03
CA ILE E 260 -28.35 -4.32 -24.73
C ILE E 260 -27.24 -4.96 -25.59
N HIS E 261 -27.64 -5.79 -26.56
CA HIS E 261 -26.76 -6.18 -27.67
C HIS E 261 -26.81 -5.08 -28.72
N ARG E 262 -25.66 -4.68 -29.24
CA ARG E 262 -25.64 -3.69 -30.31
C ARG E 262 -25.99 -4.33 -31.67
N LYS E 263 -25.29 -5.42 -32.01
CA LYS E 263 -25.69 -6.27 -33.12
C LYS E 263 -26.98 -7.05 -32.73
N GLY E 264 -27.65 -7.67 -33.71
CA GLY E 264 -28.81 -8.56 -33.44
C GLY E 264 -28.37 -9.72 -32.56
N ASP E 265 -28.06 -10.89 -33.11
CA ASP E 265 -28.42 -11.36 -34.47
C ASP E 265 -28.46 -12.86 -34.32
N GLY E 266 -27.30 -13.45 -34.02
CA GLY E 266 -27.19 -14.86 -33.64
C GLY E 266 -27.96 -15.17 -32.37
N TRP E 267 -27.96 -14.25 -31.42
CA TRP E 267 -28.64 -14.43 -30.13
C TRP E 267 -30.15 -14.27 -30.27
N ASN E 268 -30.56 -13.15 -30.87
CA ASN E 268 -31.95 -12.89 -31.23
C ASN E 268 -32.59 -14.12 -31.89
N LYS E 269 -31.94 -14.60 -32.94
CA LYS E 269 -32.35 -15.78 -33.69
C LYS E 269 -32.37 -17.04 -32.80
N TYR E 270 -31.35 -17.24 -31.97
CA TYR E 270 -31.33 -18.39 -31.06
C TYR E 270 -32.57 -18.46 -30.16
N LEU E 271 -33.01 -17.30 -29.67
CA LEU E 271 -34.17 -17.24 -28.78
C LEU E 271 -35.44 -17.70 -29.49
N GLU E 272 -35.79 -17.03 -30.59
CA GLU E 272 -36.91 -17.40 -31.47
C GLU E 272 -36.96 -18.89 -31.86
N ASP E 273 -35.84 -19.45 -32.32
CA ASP E 273 -35.78 -20.86 -32.69
C ASP E 273 -35.91 -21.81 -31.49
N THR E 274 -35.80 -21.28 -30.27
CA THR E 274 -35.78 -22.16 -29.10
C THR E 274 -36.94 -21.91 -28.15
N ARG E 275 -37.62 -20.78 -28.31
CA ARG E 275 -38.70 -20.40 -27.39
C ARG E 275 -39.88 -21.39 -27.37
N GLY E 276 -40.31 -21.82 -28.55
CA GLY E 276 -41.37 -22.82 -28.70
C GLY E 276 -41.18 -24.03 -27.80
N GLU E 277 -39.97 -24.56 -27.79
CA GLU E 277 -39.62 -25.70 -26.94
C GLU E 277 -39.67 -25.39 -25.43
N VAL E 278 -39.29 -24.17 -25.05
CA VAL E 278 -39.41 -23.77 -23.65
C VAL E 278 -40.90 -23.80 -23.26
N ARG E 279 -41.75 -23.17 -24.06
CA ARG E 279 -43.21 -23.24 -23.84
C ARG E 279 -43.73 -24.67 -23.62
N ARG E 280 -43.25 -25.63 -24.42
CA ARG E 280 -43.72 -27.01 -24.34
C ARG E 280 -43.26 -27.68 -23.05
N LYS E 281 -41.96 -27.61 -22.82
CA LYS E 281 -41.31 -28.20 -21.66
C LYS E 281 -41.74 -27.58 -20.33
N PHE E 282 -41.82 -26.24 -20.32
CA PHE E 282 -41.85 -25.47 -19.09
C PHE E 282 -43.12 -24.66 -18.90
N GLY E 283 -43.85 -24.41 -19.98
CA GLY E 283 -45.11 -23.67 -19.91
C GLY E 283 -44.93 -22.26 -20.45
N ALA E 284 -46.04 -21.61 -20.82
CA ALA E 284 -45.98 -20.25 -21.38
C ALA E 284 -45.54 -19.19 -20.35
N ASP E 285 -45.61 -19.53 -19.07
CA ASP E 285 -45.17 -18.58 -18.05
C ASP E 285 -43.66 -18.65 -17.75
N ARG E 286 -42.98 -19.69 -18.22
CA ARG E 286 -41.52 -19.72 -18.22
C ARG E 286 -40.95 -19.19 -19.54
N GLU E 287 -41.77 -19.22 -20.59
CA GLU E 287 -41.38 -18.67 -21.89
C GLU E 287 -41.32 -17.14 -21.88
N ARG E 288 -42.25 -16.53 -21.14
CA ARG E 288 -42.23 -15.08 -20.90
C ARG E 288 -40.86 -14.63 -20.36
N LEU E 289 -40.31 -15.40 -19.44
CA LEU E 289 -39.01 -15.13 -18.80
C LEU E 289 -37.82 -15.50 -19.68
N TYR E 290 -38.02 -16.50 -20.56
CA TYR E 290 -36.98 -16.98 -21.46
C TYR E 290 -36.57 -15.88 -22.42
N VAL E 291 -37.49 -14.97 -22.69
CA VAL E 291 -37.24 -13.90 -23.62
C VAL E 291 -37.13 -12.54 -22.91
N GLY E 292 -37.11 -12.57 -21.57
CA GLY E 292 -36.94 -11.33 -20.77
C GLY E 292 -35.47 -11.06 -20.50
N HIS E 293 -35.12 -9.82 -20.12
CA HIS E 293 -33.76 -9.55 -19.61
C HIS E 293 -33.73 -9.75 -18.08
N TRP E 294 -32.88 -10.62 -17.55
CA TRP E 294 -32.76 -10.77 -16.08
C TRP E 294 -31.52 -10.07 -15.55
N ASN E 295 -31.64 -9.42 -14.39
CA ASN E 295 -30.49 -9.25 -13.49
C ASN E 295 -30.71 -10.12 -12.26
N GLY E 296 -29.80 -11.01 -11.98
CA GLY E 296 -30.02 -11.97 -10.93
C GLY E 296 -28.81 -12.33 -10.14
N ALA E 297 -29.01 -13.11 -9.10
CA ALA E 297 -27.94 -13.58 -8.27
C ALA E 297 -28.32 -14.89 -7.66
N ILE E 298 -27.32 -15.77 -7.55
CA ILE E 298 -27.41 -17.01 -6.80
C ILE E 298 -26.67 -16.80 -5.46
N PHE E 299 -27.43 -16.84 -4.37
CA PHE E 299 -26.91 -16.64 -3.03
C PHE E 299 -25.79 -17.60 -2.70
N PRO E 300 -24.69 -17.07 -2.09
CA PRO E 300 -24.39 -15.69 -1.67
C PRO E 300 -23.81 -14.76 -2.75
N ASN E 301 -22.85 -15.26 -3.57
CA ASN E 301 -21.98 -14.33 -4.30
C ASN E 301 -21.78 -14.57 -5.83
N CYS E 302 -22.80 -15.17 -6.46
CA CYS E 302 -22.78 -15.33 -7.91
C CYS E 302 -23.85 -14.47 -8.52
N SER E 303 -23.48 -13.64 -9.49
CA SER E 303 -24.46 -12.79 -10.15
C SER E 303 -24.42 -12.98 -11.68
N PHE E 304 -25.43 -12.46 -12.37
CA PHE E 304 -25.53 -12.64 -13.82
C PHE E 304 -26.58 -11.75 -14.45
N LEU E 305 -26.42 -11.48 -15.75
CA LEU E 305 -27.45 -10.83 -16.54
C LEU E 305 -27.77 -11.82 -17.63
N TYR E 306 -29.04 -12.26 -17.68
CA TYR E 306 -29.56 -13.09 -18.78
C TYR E 306 -30.05 -12.18 -19.90
N GLY E 307 -29.54 -12.37 -21.12
CA GLY E 307 -29.86 -11.45 -22.18
C GLY E 307 -28.54 -10.86 -22.58
N THR E 308 -28.13 -9.80 -21.88
CA THR E 308 -26.75 -9.32 -21.97
C THR E 308 -25.71 -10.45 -21.84
N ASN E 309 -25.96 -11.40 -20.94
CA ASN E 309 -25.13 -12.62 -20.75
C ASN E 309 -23.72 -12.48 -20.14
N THR E 310 -23.57 -11.53 -19.22
CA THR E 310 -22.41 -11.52 -18.36
C THR E 310 -22.65 -12.43 -17.14
N PHE E 311 -21.58 -12.99 -16.58
CA PHE E 311 -21.66 -13.95 -15.49
C PHE E 311 -20.50 -13.71 -14.53
N LYS E 312 -20.83 -13.36 -13.29
CA LYS E 312 -19.82 -12.88 -12.36
C LYS E 312 -19.81 -13.62 -11.06
N ILE E 313 -18.61 -13.87 -10.52
CA ILE E 313 -18.53 -14.35 -9.16
C ILE E 313 -17.71 -13.32 -8.35
N TRP E 314 -18.25 -12.92 -7.20
CA TRP E 314 -17.65 -11.84 -6.40
C TRP E 314 -16.94 -12.46 -5.23
N HIS E 315 -15.63 -12.67 -5.34
CA HIS E 315 -14.86 -13.33 -4.29
C HIS E 315 -14.42 -12.34 -3.17
N PRO E 316 -14.91 -12.54 -1.92
CA PRO E 316 -14.49 -11.56 -0.90
C PRO E 316 -13.02 -11.62 -0.57
N ARG E 317 -12.48 -10.44 -0.27
CA ARG E 317 -11.10 -10.33 0.21
C ARG E 317 -11.14 -9.46 1.48
N GLY E 318 -11.74 -9.99 2.54
CA GLY E 318 -12.06 -9.16 3.68
C GLY E 318 -13.30 -8.32 3.45
N PRO E 319 -13.69 -7.53 4.47
CA PRO E 319 -14.95 -6.81 4.37
C PRO E 319 -14.99 -5.65 3.40
N HIS E 320 -13.82 -5.17 2.92
CA HIS E 320 -13.82 -3.94 2.15
C HIS E 320 -13.25 -4.13 0.74
N GLU E 321 -13.09 -5.38 0.29
CA GLU E 321 -12.52 -5.63 -1.06
C GLU E 321 -13.08 -6.93 -1.63
N ILE E 322 -13.17 -6.96 -2.95
CA ILE E 322 -13.47 -8.21 -3.65
C ILE E 322 -12.53 -8.40 -4.81
N GLU E 323 -12.48 -9.64 -5.31
CA GLU E 323 -11.93 -9.90 -6.62
C GLU E 323 -13.09 -10.49 -7.44
N VAL E 324 -13.44 -9.82 -8.53
CA VAL E 324 -14.55 -10.27 -9.35
C VAL E 324 -14.06 -10.93 -10.62
N TRP E 325 -14.58 -12.13 -10.88
CA TRP E 325 -14.26 -12.89 -12.13
C TRP E 325 -15.47 -12.83 -13.02
N THR E 326 -15.28 -12.44 -14.27
CA THR E 326 -16.39 -12.25 -15.20
C THR E 326 -16.23 -13.18 -16.43
N TYR E 327 -17.22 -14.06 -16.61
CA TYR E 327 -17.34 -14.92 -17.79
C TYR E 327 -18.52 -14.44 -18.67
N THR E 328 -18.67 -15.10 -19.82
CA THR E 328 -19.77 -14.86 -20.73
C THR E 328 -20.61 -16.14 -20.68
N MET E 329 -21.94 -16.00 -20.68
CA MET E 329 -22.88 -17.11 -20.91
C MET E 329 -23.20 -17.21 -22.39
N VAL E 330 -23.18 -18.44 -22.90
CA VAL E 330 -23.49 -18.68 -24.31
C VAL E 330 -24.29 -20.00 -24.42
N PRO E 331 -25.13 -20.11 -25.46
CA PRO E 331 -25.75 -21.40 -25.76
C PRO E 331 -24.65 -22.41 -26.13
N SER E 332 -24.69 -23.61 -25.56
CA SER E 332 -23.59 -24.55 -25.80
C SER E 332 -23.58 -25.09 -27.25
N ASP E 333 -24.74 -25.00 -27.90
CA ASP E 333 -24.91 -25.43 -29.28
C ASP E 333 -24.93 -24.25 -30.26
N ALA E 334 -24.58 -23.06 -29.80
CA ALA E 334 -24.47 -21.96 -30.72
C ALA E 334 -23.20 -22.15 -31.57
N ASP E 335 -23.13 -21.53 -32.74
CA ASP E 335 -21.93 -21.66 -33.57
C ASP E 335 -20.84 -20.69 -33.11
N PRO E 336 -19.56 -20.97 -33.45
CA PRO E 336 -18.45 -20.11 -33.02
C PRO E 336 -18.64 -18.60 -33.23
N ALA E 337 -19.23 -18.20 -34.36
CA ALA E 337 -19.48 -16.78 -34.62
C ALA E 337 -20.51 -16.16 -33.66
N THR E 338 -21.51 -16.94 -33.28
CA THR E 338 -22.54 -16.46 -32.36
C THR E 338 -21.97 -16.32 -30.94
N LYS E 339 -21.28 -17.35 -30.47
CA LYS E 339 -20.59 -17.30 -29.20
C LYS E 339 -19.64 -16.08 -29.16
N SER E 340 -18.87 -15.84 -30.22
CA SER E 340 -17.95 -14.71 -30.30
C SER E 340 -18.63 -13.36 -30.19
N ALA E 341 -19.74 -13.20 -30.93
CA ALA E 341 -20.56 -12.00 -30.93
C ALA E 341 -21.08 -11.67 -29.52
N ILE E 342 -21.62 -12.69 -28.84
CA ILE E 342 -22.22 -12.53 -27.49
C ILE E 342 -21.10 -12.14 -26.52
N GLN E 343 -19.97 -12.85 -26.59
CA GLN E 343 -18.77 -12.47 -25.82
C GLN E 343 -18.35 -11.02 -26.04
N ARG E 344 -18.25 -10.58 -27.30
CA ARG E 344 -17.90 -9.18 -27.57
C ARG E 344 -18.89 -8.21 -26.93
N GLU E 345 -20.19 -8.49 -27.10
CA GLU E 345 -21.21 -7.55 -26.64
C GLU E 345 -21.31 -7.60 -25.11
N ALA E 346 -21.19 -8.79 -24.52
CA ALA E 346 -21.25 -8.93 -23.07
C ALA E 346 -20.05 -8.25 -22.41
N THR E 347 -18.89 -8.33 -23.07
CA THR E 347 -17.67 -7.71 -22.55
C THR E 347 -17.65 -6.21 -22.75
N ARG E 348 -18.17 -5.75 -23.87
CA ARG E 348 -18.14 -4.32 -24.14
C ARG E 348 -19.00 -3.54 -23.17
N THR E 349 -20.02 -4.19 -22.64
CA THR E 349 -20.98 -3.53 -21.74
C THR E 349 -20.65 -3.79 -20.29
N PHE E 350 -20.30 -5.04 -19.95
CA PHE E 350 -20.03 -5.44 -18.55
C PHE E 350 -18.65 -6.00 -18.19
N GLY E 351 -17.68 -5.85 -19.09
CA GLY E 351 -16.35 -6.28 -18.79
C GLY E 351 -15.61 -5.20 -18.01
N THR E 352 -14.31 -5.39 -17.83
CA THR E 352 -13.47 -4.47 -17.04
C THR E 352 -13.47 -3.08 -17.64
N ALA E 353 -13.63 -2.98 -18.95
CA ALA E 353 -13.80 -1.71 -19.60
C ALA E 353 -15.24 -1.48 -20.05
N GLY E 354 -16.19 -2.06 -19.32
CA GLY E 354 -17.59 -2.01 -19.72
C GLY E 354 -18.23 -0.64 -19.82
N THR E 355 -18.97 -0.41 -20.90
CA THR E 355 -19.66 0.87 -21.10
C THR E 355 -20.79 1.08 -20.06
N LEU E 356 -21.23 0.01 -19.41
CA LEU E 356 -22.14 0.13 -18.27
C LEU E 356 -21.39 -0.20 -16.98
N GLU E 357 -20.69 -1.33 -16.97
CA GLU E 357 -20.01 -1.77 -15.75
C GLU E 357 -19.12 -0.64 -15.13
N SER E 358 -18.43 0.11 -15.99
CA SER E 358 -17.46 1.10 -15.52
C SER E 358 -18.19 2.19 -14.69
N ASP E 359 -19.47 2.41 -15.00
CA ASP E 359 -20.31 3.37 -14.27
C ASP E 359 -20.56 2.95 -12.81
N ASP E 360 -20.54 1.65 -12.52
CA ASP E 360 -20.96 1.17 -11.19
C ASP E 360 -19.85 1.19 -10.14
N GLY E 361 -18.62 1.44 -10.56
CA GLY E 361 -17.49 1.16 -9.68
C GLY E 361 -17.56 2.02 -8.41
N GLU E 362 -17.79 3.31 -8.60
CA GLU E 362 -17.79 4.22 -7.45
C GLU E 362 -19.02 3.97 -6.56
N ASN E 363 -20.14 3.62 -7.17
CA ASN E 363 -21.36 3.22 -6.42
C ASN E 363 -21.02 2.12 -5.40
N MET E 364 -20.29 1.10 -5.84
CA MET E 364 -19.93 0.00 -5.00
C MET E 364 -18.97 0.41 -3.91
N SER E 365 -17.88 1.09 -4.30
CA SER E 365 -16.79 1.39 -3.39
C SER E 365 -17.22 2.42 -2.34
N SER E 366 -17.91 3.45 -2.81
CA SER E 366 -18.32 4.55 -1.97
C SER E 366 -19.27 4.08 -0.85
N ALA E 367 -20.22 3.23 -1.22
CA ALA E 367 -21.23 2.71 -0.25
C ALA E 367 -20.54 1.95 0.84
N THR E 368 -19.39 1.35 0.53
CA THR E 368 -18.61 0.65 1.54
C THR E 368 -17.81 1.67 2.37
N TYR E 369 -16.98 2.43 1.71
CA TYR E 369 -15.97 3.20 2.44
C TYR E 369 -16.43 4.44 3.20
N VAL E 370 -17.65 4.97 2.91
CA VAL E 370 -18.19 6.11 3.73
C VAL E 370 -18.24 5.71 5.21
N ASN E 371 -18.38 4.40 5.43
CA ASN E 371 -18.51 3.83 6.77
C ASN E 371 -17.22 3.72 7.55
N ARG E 372 -16.11 4.16 6.96
CA ARG E 372 -14.90 4.36 7.70
C ARG E 372 -15.15 5.30 8.90
N GLY E 373 -16.01 6.30 8.73
CA GLY E 373 -16.36 7.24 9.85
C GLY E 373 -17.44 6.64 10.75
N VAL E 374 -17.20 6.68 12.04
CA VAL E 374 -18.13 6.03 13.02
C VAL E 374 -19.51 6.68 13.05
N ILE E 375 -19.57 8.00 12.84
CA ILE E 375 -20.84 8.72 12.88
C ILE E 375 -21.66 8.32 11.65
N THR E 376 -20.98 8.27 10.51
CA THR E 376 -21.61 7.81 9.26
C THR E 376 -22.11 6.39 9.40
N ARG E 377 -21.28 5.54 9.98
CA ARG E 377 -21.59 4.12 10.08
C ARG E 377 -22.83 3.83 10.96
N ASP E 378 -23.16 4.78 11.84
CA ASP E 378 -24.27 4.53 12.78
C ASP E 378 -25.59 4.91 12.09
N GLY E 379 -26.13 3.94 11.34
CA GLY E 379 -27.30 4.17 10.53
C GLY E 379 -27.68 2.86 9.84
N MET E 380 -28.89 2.86 9.33
CA MET E 380 -29.42 1.74 8.57
C MET E 380 -29.51 2.19 7.12
N MET E 381 -29.42 1.22 6.22
CA MET E 381 -29.63 1.41 4.80
C MET E 381 -31.06 0.96 4.44
N ASN E 382 -31.73 1.73 3.61
CA ASN E 382 -33.16 1.56 3.30
C ASN E 382 -33.31 0.69 2.07
N SER E 383 -34.09 -0.39 2.20
CA SER E 383 -34.54 -1.16 1.03
C SER E 383 -36.04 -1.46 1.11
N THR E 384 -36.83 -0.41 1.18
CA THR E 384 -38.29 -0.55 1.36
C THR E 384 -39.09 -0.38 0.07
N MET E 385 -38.44 -0.06 -1.06
CA MET E 385 -39.24 0.31 -2.23
C MET E 385 -40.15 -0.86 -2.63
N GLY E 386 -41.45 -0.59 -2.71
CA GLY E 386 -42.42 -1.64 -3.04
C GLY E 386 -42.73 -2.61 -1.93
N VAL E 387 -42.34 -2.32 -0.68
CA VAL E 387 -42.78 -3.20 0.42
C VAL E 387 -44.31 -3.36 0.36
N GLY E 388 -44.78 -4.58 0.53
CA GLY E 388 -46.22 -4.85 0.42
C GLY E 388 -46.80 -5.12 -0.95
N TYR E 389 -46.12 -4.67 -2.01
CA TYR E 389 -46.58 -4.87 -3.40
C TYR E 389 -45.92 -6.12 -3.96
N GLU E 390 -46.06 -7.20 -3.20
CA GLU E 390 -45.36 -8.44 -3.43
C GLU E 390 -45.99 -9.51 -2.54
N GLY E 391 -45.81 -10.78 -2.90
CA GLY E 391 -46.30 -11.89 -2.09
C GLY E 391 -46.25 -13.23 -2.83
N PRO E 392 -46.88 -14.28 -2.24
CA PRO E 392 -46.89 -15.56 -2.94
C PRO E 392 -47.68 -15.42 -4.24
N HIS E 393 -47.24 -16.08 -5.31
CA HIS E 393 -47.87 -15.89 -6.63
C HIS E 393 -48.60 -17.20 -6.96
N PRO E 394 -49.72 -17.12 -7.74
CA PRO E 394 -50.33 -18.34 -8.28
C PRO E 394 -49.28 -19.22 -8.96
N VAL E 395 -48.87 -18.83 -10.17
CA VAL E 395 -47.97 -19.62 -11.02
C VAL E 395 -46.56 -19.74 -10.45
N TYR E 396 -45.93 -18.57 -10.22
CA TYR E 396 -44.49 -18.48 -9.89
C TYR E 396 -44.16 -18.79 -8.42
N PRO E 397 -43.25 -19.75 -8.16
CA PRO E 397 -42.91 -20.05 -6.77
C PRO E 397 -42.00 -18.99 -6.13
N GLY E 398 -41.86 -19.04 -4.80
CA GLY E 398 -41.10 -18.06 -4.05
C GLY E 398 -41.98 -16.87 -3.69
N ILE E 399 -41.40 -15.68 -3.71
CA ILE E 399 -42.16 -14.46 -3.52
C ILE E 399 -41.97 -13.58 -4.74
N VAL E 400 -43.05 -12.98 -5.23
CA VAL E 400 -42.98 -12.18 -6.45
C VAL E 400 -43.45 -10.74 -6.25
N GLY E 401 -42.68 -9.82 -6.78
CA GLY E 401 -43.06 -8.41 -6.69
C GLY E 401 -43.50 -7.85 -8.01
N ILE E 402 -44.52 -7.02 -7.98
CA ILE E 402 -44.98 -6.38 -9.21
C ILE E 402 -43.93 -5.37 -9.65
N SER E 403 -43.86 -5.15 -10.96
CA SER E 403 -42.90 -4.27 -11.61
C SER E 403 -41.47 -4.82 -11.58
N PHE E 404 -40.70 -4.33 -12.53
CA PHE E 404 -39.29 -4.60 -12.58
C PHE E 404 -38.58 -3.73 -11.55
N ILE E 405 -38.95 -2.46 -11.46
CA ILE E 405 -38.32 -1.57 -10.46
C ILE E 405 -38.98 -1.69 -9.10
N GLY E 406 -38.21 -2.18 -8.14
CA GLY E 406 -38.55 -2.24 -6.72
C GLY E 406 -37.47 -2.99 -5.98
N GLU E 407 -37.69 -3.26 -4.71
CA GLU E 407 -36.62 -3.85 -3.91
C GLU E 407 -36.93 -5.19 -3.28
N THR E 408 -37.84 -5.94 -3.90
CA THR E 408 -38.24 -7.24 -3.38
C THR E 408 -37.09 -8.18 -3.18
N SER E 409 -36.18 -8.22 -4.16
CA SER E 409 -35.09 -9.15 -4.12
C SER E 409 -34.01 -8.77 -3.13
N TYR E 410 -33.90 -7.49 -2.85
CA TYR E 410 -33.06 -7.02 -1.71
C TYR E 410 -33.61 -7.55 -0.43
N ARG E 411 -34.92 -7.36 -0.26
CA ARG E 411 -35.55 -7.89 0.95
C ARG E 411 -35.37 -9.37 1.13
N GLY E 412 -35.53 -10.18 0.07
CA GLY E 412 -35.31 -11.62 0.27
C GLY E 412 -33.87 -12.00 0.46
N PHE E 413 -32.98 -11.23 -0.15
CA PHE E 413 -31.55 -11.49 -0.01
C PHE E 413 -31.14 -11.36 1.45
N TYR E 414 -31.43 -10.18 2.04
CA TYR E 414 -31.08 -9.86 3.43
C TYR E 414 -31.84 -10.70 4.44
N ARG E 415 -33.09 -11.07 4.14
CA ARG E 415 -33.79 -12.04 5.01
C ARG E 415 -33.02 -13.33 5.18
N PHE E 416 -32.49 -13.90 4.08
CA PHE E 416 -31.78 -15.17 4.18
C PHE E 416 -30.40 -14.95 4.74
N TRP E 417 -29.80 -13.81 4.40
CA TRP E 417 -28.51 -13.41 5.00
C TRP E 417 -28.71 -13.51 6.52
N LYS E 418 -29.77 -12.86 7.01
CA LYS E 418 -30.03 -12.85 8.45
C LYS E 418 -30.29 -14.26 8.98
N GLU E 419 -31.11 -15.02 8.25
CA GLU E 419 -31.34 -16.43 8.61
C GLU E 419 -30.04 -17.25 8.76
N MET E 420 -29.11 -17.15 7.81
CA MET E 420 -27.83 -17.85 7.92
C MET E 420 -26.97 -17.37 9.11
N ILE E 421 -26.88 -16.04 9.27
CA ILE E 421 -26.13 -15.45 10.39
C ILE E 421 -26.64 -15.89 11.77
N ASP E 422 -27.97 -15.96 11.93
CA ASP E 422 -28.59 -16.46 13.19
C ASP E 422 -28.41 -17.96 13.45
N ALA E 423 -28.33 -18.74 12.37
CA ALA E 423 -28.33 -20.19 12.49
C ALA E 423 -26.95 -20.76 12.77
N PRO E 424 -26.82 -21.54 13.84
CA PRO E 424 -25.54 -22.18 14.11
C PRO E 424 -25.19 -23.42 13.27
N ASP E 425 -26.15 -23.91 12.46
CA ASP E 425 -25.94 -25.07 11.57
C ASP E 425 -27.08 -25.15 10.53
N TRP E 426 -26.94 -26.00 9.51
CA TRP E 426 -27.98 -26.15 8.45
C TRP E 426 -29.32 -26.69 8.99
N ALA E 427 -29.24 -27.55 10.01
CA ALA E 427 -30.42 -28.11 10.67
C ALA E 427 -31.32 -26.96 11.09
N SER E 428 -30.73 -26.00 11.79
CA SER E 428 -31.44 -24.83 12.29
C SER E 428 -32.08 -23.98 11.20
N VAL E 429 -31.47 -23.95 10.01
CA VAL E 429 -32.07 -23.30 8.86
C VAL E 429 -33.23 -24.14 8.29
N LYS E 430 -32.98 -25.45 8.14
CA LYS E 430 -34.00 -26.39 7.65
C LYS E 430 -35.25 -26.37 8.54
N ALA E 431 -35.04 -26.18 9.84
CA ALA E 431 -36.14 -25.95 10.80
C ALA E 431 -37.18 -24.90 10.39
N ASN E 432 -36.78 -23.94 9.55
CA ASN E 432 -37.64 -22.82 9.17
C ASN E 432 -38.09 -22.78 7.69
N ASP E 433 -37.99 -23.94 7.02
CA ASP E 433 -38.39 -24.10 5.62
C ASP E 433 -39.82 -23.69 5.30
N ASP E 434 -40.74 -23.95 6.23
CA ASP E 434 -42.16 -23.68 6.04
C ASP E 434 -42.55 -22.26 6.43
N ASN E 435 -41.70 -21.63 7.25
CA ASN E 435 -41.95 -20.29 7.77
C ASN E 435 -41.23 -19.13 7.06
N TRP E 436 -40.31 -19.46 6.15
CA TRP E 436 -39.40 -18.46 5.55
C TRP E 436 -40.05 -17.15 5.08
N ASP E 437 -41.18 -17.23 4.36
CA ASP E 437 -41.76 -16.00 3.81
C ASP E 437 -42.83 -15.30 4.64
N SER E 438 -42.95 -15.63 5.93
CA SER E 438 -43.89 -14.94 6.86
C SER E 438 -43.76 -13.42 6.77
N VAL E 439 -42.51 -12.95 6.67
CA VAL E 439 -42.22 -11.51 6.67
C VAL E 439 -42.91 -10.75 5.55
N PHE E 440 -43.20 -11.42 4.43
CA PHE E 440 -43.99 -10.77 3.39
C PHE E 440 -45.47 -10.99 3.76
N THR E 441 -46.07 -9.98 4.40
CA THR E 441 -47.38 -10.11 5.03
C THR E 441 -48.58 -9.98 4.09
N ASN E 442 -48.34 -9.55 2.86
CA ASN E 442 -49.43 -9.35 1.95
C ASN E 442 -49.74 -10.64 1.17
N ARG E 443 -50.25 -11.65 1.89
CA ARG E 443 -50.48 -12.98 1.32
C ARG E 443 -51.40 -12.97 0.10
N ASN E 444 -52.37 -12.05 0.11
CA ASN E 444 -53.43 -12.01 -0.88
C ASN E 444 -53.12 -10.96 -1.95
N PHE E 445 -51.86 -10.52 -2.02
CA PHE E 445 -51.52 -9.46 -2.98
C PHE E 445 -51.85 -9.81 -4.43
N TRP E 446 -51.47 -11.01 -4.85
CA TRP E 446 -51.59 -11.37 -6.26
C TRP E 446 -53.05 -11.69 -6.68
N ASN E 447 -53.75 -12.47 -5.86
CA ASN E 447 -55.21 -12.65 -6.05
C ASN E 447 -55.94 -11.32 -6.29
N GLU E 448 -55.82 -10.38 -5.34
CA GLU E 448 -56.41 -9.05 -5.49
C GLU E 448 -56.01 -8.39 -6.81
N LYS E 449 -54.71 -8.41 -7.11
CA LYS E 449 -54.19 -7.80 -8.34
C LYS E 449 -54.81 -8.44 -9.56
N LEU E 450 -54.76 -9.77 -9.61
CA LEU E 450 -55.20 -10.54 -10.80
C LEU E 450 -56.72 -10.62 -10.97
N ASN E 451 -57.46 -10.47 -9.86
CA ASN E 451 -58.92 -10.42 -9.91
C ASN E 451 -59.46 -9.06 -10.35
N ALA E 452 -58.60 -8.03 -10.33
CA ALA E 452 -59.03 -6.65 -10.49
C ALA E 452 -59.48 -6.10 -11.88
N ALA E 453 -58.84 -6.33 -13.04
CA ALA E 453 -57.56 -7.00 -13.35
C ALA E 453 -57.57 -8.51 -13.47
N GLN F 5 12.22 -8.07 -40.20
CA GLN F 5 11.69 -6.73 -40.60
C GLN F 5 12.71 -5.61 -40.45
N VAL F 6 12.63 -4.62 -41.34
CA VAL F 6 13.64 -3.58 -41.43
C VAL F 6 13.24 -2.32 -40.61
N PRO F 7 14.14 -1.87 -39.71
CA PRO F 7 13.80 -0.65 -38.96
C PRO F 7 13.67 0.58 -39.85
N VAL F 8 12.74 1.45 -39.49
CA VAL F 8 12.55 2.68 -40.21
C VAL F 8 13.80 3.57 -40.06
N THR F 9 13.98 4.54 -40.96
CA THR F 9 15.08 5.52 -40.83
C THR F 9 14.87 6.41 -39.59
N PRO F 10 15.93 7.09 -39.12
CA PRO F 10 15.80 8.05 -38.00
C PRO F 10 14.72 9.11 -38.22
N ASP F 11 14.63 9.65 -39.42
CA ASP F 11 13.60 10.67 -39.71
C ASP F 11 12.17 10.14 -39.62
N VAL F 12 11.93 8.91 -40.09
CA VAL F 12 10.62 8.27 -39.94
C VAL F 12 10.32 7.95 -38.46
N HIS F 13 11.34 7.49 -37.74
CA HIS F 13 11.20 7.23 -36.29
C HIS F 13 10.75 8.50 -35.54
N TYR F 14 11.37 9.63 -35.86
CA TYR F 14 10.99 10.91 -35.27
C TYR F 14 9.53 11.21 -35.52
N ALA F 15 9.09 10.97 -36.76
CA ALA F 15 7.71 11.24 -37.16
C ALA F 15 6.71 10.39 -36.37
N VAL F 16 7.04 9.12 -36.19
CA VAL F 16 6.20 8.17 -35.44
C VAL F 16 6.13 8.57 -33.95
N GLU F 17 7.27 8.93 -33.37
CA GLU F 17 7.25 9.42 -31.97
C GLU F 17 6.50 10.76 -31.80
N ALA F 18 6.63 11.68 -32.75
CA ALA F 18 5.87 12.94 -32.72
C ALA F 18 4.38 12.65 -32.74
N HIS F 19 3.99 11.72 -33.60
CA HIS F 19 2.59 11.29 -33.70
C HIS F 19 2.09 10.80 -32.35
N TYR F 20 2.82 9.84 -31.77
CA TYR F 20 2.48 9.30 -30.44
C TYR F 20 2.41 10.38 -29.33
N ARG F 21 3.31 11.36 -29.34
CA ARG F 21 3.24 12.46 -28.34
C ARG F 21 1.95 13.27 -28.53
N ALA F 22 1.57 13.52 -29.78
CA ALA F 22 0.30 14.28 -30.04
C ALA F 22 -0.90 13.48 -29.58
N GLU F 23 -0.86 12.17 -29.81
CA GLU F 23 -1.93 11.29 -29.44
C GLU F 23 -2.10 11.28 -27.92
N VAL F 24 -1.00 11.07 -27.22
CA VAL F 24 -1.00 11.22 -25.75
C VAL F 24 -1.58 12.56 -25.28
N ARG F 25 -1.16 13.68 -25.87
CA ARG F 25 -1.71 14.97 -25.50
C ARG F 25 -3.24 15.03 -25.70
N LEU F 26 -3.74 14.54 -26.81
CA LEU F 26 -5.21 14.54 -26.99
C LEU F 26 -5.91 13.70 -25.91
N LEU F 27 -5.33 12.54 -25.60
CA LEU F 27 -5.96 11.65 -24.66
C LEU F 27 -5.84 12.20 -23.22
N GLN F 28 -4.80 12.98 -22.94
CA GLN F 28 -4.66 13.55 -21.59
C GLN F 28 -5.57 14.75 -21.36
N THR F 29 -5.97 15.40 -22.45
CA THR F 29 -6.72 16.66 -22.37
C THR F 29 -8.21 16.49 -22.69
N GLY F 30 -8.66 15.25 -22.78
CA GLY F 30 -10.07 14.93 -23.04
C GLY F 30 -10.50 15.22 -24.48
N GLN F 31 -9.55 15.34 -25.40
CA GLN F 31 -9.94 15.55 -26.80
C GLN F 31 -10.20 14.24 -27.53
N TYR F 32 -11.21 13.49 -27.10
CA TYR F 32 -11.37 12.10 -27.57
C TYR F 32 -11.90 12.04 -29.00
N ARG F 33 -12.71 13.04 -29.35
CA ARG F 33 -13.27 13.16 -30.68
C ARG F 33 -12.19 13.43 -31.71
N GLU F 34 -11.37 14.44 -31.41
CA GLU F 34 -10.19 14.82 -32.17
C GLU F 34 -9.22 13.63 -32.39
N TRP F 35 -8.97 12.86 -31.33
CA TRP F 35 -8.16 11.64 -31.41
C TRP F 35 -8.78 10.59 -32.33
N LEU F 36 -10.04 10.28 -32.10
CA LEU F 36 -10.70 9.23 -32.86
C LEU F 36 -10.71 9.56 -34.35
N HIS F 37 -11.06 10.81 -34.68
CA HIS F 37 -11.26 11.15 -36.09
C HIS F 37 -9.98 11.54 -36.79
N GLY F 38 -9.02 12.09 -36.04
CA GLY F 38 -7.73 12.56 -36.59
C GLY F 38 -6.64 11.50 -36.62
N MET F 39 -6.69 10.53 -35.69
CA MET F 39 -5.58 9.58 -35.50
C MET F 39 -5.94 8.10 -35.61
N VAL F 40 -7.21 7.81 -35.74
CA VAL F 40 -7.64 6.40 -35.83
C VAL F 40 -8.29 6.22 -37.22
N ALA F 41 -7.82 5.23 -37.97
CA ALA F 41 -8.34 4.93 -39.30
C ALA F 41 -9.71 4.25 -39.25
N GLU F 42 -10.54 4.47 -40.26
CA GLU F 42 -11.89 3.87 -40.28
C GLU F 42 -11.93 2.34 -40.27
N ASP F 43 -10.86 1.72 -40.75
CA ASP F 43 -10.72 0.26 -40.69
C ASP F 43 -10.07 -0.29 -39.39
N ILE F 44 -9.96 0.56 -38.37
CA ILE F 44 -9.37 0.13 -37.08
C ILE F 44 -9.88 -1.21 -36.56
N HIS F 45 -8.97 -2.04 -36.07
CA HIS F 45 -9.28 -3.12 -35.11
C HIS F 45 -8.55 -2.79 -33.78
N TYR F 46 -9.32 -2.49 -32.75
CA TYR F 46 -8.72 -2.09 -31.45
C TYR F 46 -8.94 -3.23 -30.48
N TRP F 47 -7.86 -3.82 -30.02
CA TRP F 47 -7.96 -5.15 -29.42
C TRP F 47 -7.08 -5.30 -28.17
N MET F 48 -7.70 -5.68 -27.06
CA MET F 48 -7.00 -5.99 -25.79
C MET F 48 -7.29 -7.40 -25.29
N PRO F 49 -6.49 -8.39 -25.75
CA PRO F 49 -6.73 -9.80 -25.43
C PRO F 49 -6.57 -10.09 -23.94
N ILE F 50 -7.34 -11.08 -23.48
CA ILE F 50 -7.21 -11.64 -22.16
C ILE F 50 -6.27 -12.84 -22.25
N TYR F 51 -5.16 -12.76 -21.56
CA TYR F 51 -4.21 -13.86 -21.50
C TYR F 51 -4.32 -14.57 -20.17
N GLU F 52 -4.40 -15.90 -20.19
CA GLU F 52 -4.36 -16.60 -18.94
C GLU F 52 -2.98 -17.06 -18.59
N GLN F 53 -2.80 -17.36 -17.31
CA GLN F 53 -1.59 -17.96 -16.79
C GLN F 53 -1.61 -19.44 -17.15
N ARG F 54 -0.76 -19.83 -18.10
CA ARG F 54 -0.72 -21.22 -18.59
C ARG F 54 0.67 -21.78 -18.36
N PHE F 55 0.74 -23.06 -18.02
CA PHE F 55 2.02 -23.75 -17.94
C PHE F 55 2.80 -23.63 -19.26
N VAL F 56 4.11 -23.72 -19.20
CA VAL F 56 4.96 -23.68 -20.39
C VAL F 56 4.63 -24.85 -21.34
N ARG F 57 4.37 -26.01 -20.76
CA ARG F 57 3.98 -27.25 -21.48
C ARG F 57 2.69 -27.11 -22.31
N ASP F 58 1.87 -26.10 -21.98
CA ASP F 58 0.58 -25.90 -22.63
C ASP F 58 0.79 -25.49 -24.07
N ARG F 59 0.06 -26.15 -24.98
CA ARG F 59 0.26 -26.03 -26.42
C ARG F 59 -0.83 -25.23 -27.12
N ARG F 60 -1.81 -24.76 -26.36
CA ARG F 60 -2.93 -24.02 -26.94
C ARG F 60 -2.39 -22.75 -27.58
N PRO F 61 -3.01 -22.33 -28.69
CA PRO F 61 -2.52 -21.08 -29.27
C PRO F 61 -2.80 -19.89 -28.33
N ASP F 62 -2.06 -18.80 -28.48
CA ASP F 62 -2.40 -17.56 -27.82
C ASP F 62 -3.78 -17.05 -28.33
N PRO F 63 -4.44 -16.17 -27.56
CA PRO F 63 -5.74 -15.62 -27.99
C PRO F 63 -5.76 -15.01 -29.41
N THR F 64 -6.92 -15.13 -30.06
CA THR F 64 -7.14 -14.53 -31.36
C THR F 64 -8.26 -13.50 -31.21
N PRO F 65 -8.53 -12.68 -32.23
CA PRO F 65 -9.71 -11.84 -32.11
C PRO F 65 -11.04 -12.57 -31.95
N ASP F 66 -11.07 -13.91 -32.02
CA ASP F 66 -12.29 -14.69 -31.82
C ASP F 66 -12.50 -15.08 -30.37
N ASP F 67 -11.48 -14.81 -29.56
CA ASP F 67 -11.43 -15.22 -28.17
C ASP F 67 -11.67 -14.03 -27.21
N ALA F 68 -11.68 -14.33 -25.92
CA ALA F 68 -12.01 -13.31 -24.90
C ALA F 68 -11.06 -12.11 -25.02
N ALA F 69 -11.58 -10.90 -24.82
CA ALA F 69 -10.70 -9.71 -24.81
C ALA F 69 -11.46 -8.62 -24.09
N ILE F 70 -10.75 -7.72 -23.42
CA ILE F 70 -11.42 -6.59 -22.77
C ILE F 70 -11.93 -5.54 -23.76
N TYR F 71 -11.17 -5.39 -24.85
CA TYR F 71 -11.53 -4.52 -25.99
C TYR F 71 -11.41 -5.39 -27.24
N ASN F 72 -12.41 -5.28 -28.10
CA ASN F 72 -12.42 -6.00 -29.37
C ASN F 72 -13.37 -5.22 -30.31
N ASP F 73 -12.86 -4.11 -30.80
CA ASP F 73 -13.71 -3.04 -31.38
C ASP F 73 -13.33 -2.61 -32.78
N ASP F 74 -14.35 -2.26 -33.58
CA ASP F 74 -14.14 -1.55 -34.86
C ASP F 74 -14.38 -0.05 -34.66
N PHE F 75 -14.37 0.70 -35.74
CA PHE F 75 -14.50 2.14 -35.61
C PHE F 75 -15.78 2.63 -34.90
N GLU F 76 -16.90 2.04 -35.30
CA GLU F 76 -18.21 2.38 -34.74
C GLU F 76 -18.31 2.05 -33.23
N GLU F 77 -17.74 0.93 -32.84
CA GLU F 77 -17.73 0.56 -31.42
C GLU F 77 -16.83 1.51 -30.62
N LEU F 78 -15.68 1.88 -31.17
CA LEU F 78 -14.83 2.89 -30.53
C LEU F 78 -15.55 4.22 -30.41
N LYS F 79 -16.30 4.59 -31.46
CA LYS F 79 -17.01 5.85 -31.46
C LYS F 79 -18.07 5.86 -30.35
N GLN F 80 -18.77 4.75 -30.18
CA GLN F 80 -19.69 4.58 -29.06
C GLN F 80 -18.95 4.80 -27.74
N ARG F 81 -17.75 4.22 -27.61
CA ARG F 81 -17.04 4.28 -26.34
C ARG F 81 -16.62 5.72 -26.08
N VAL F 82 -16.22 6.39 -27.15
CA VAL F 82 -15.83 7.80 -27.09
C VAL F 82 -17.04 8.68 -26.78
N GLU F 83 -18.15 8.45 -27.50
CA GLU F 83 -19.27 9.38 -27.42
C GLU F 83 -19.95 9.40 -26.05
N ARG F 84 -19.89 8.27 -25.36
CA ARG F 84 -20.42 8.08 -24.02
C ARG F 84 -19.85 9.10 -23.05
N LEU F 85 -18.59 9.44 -23.20
CA LEU F 85 -17.91 10.40 -22.35
C LEU F 85 -18.40 11.84 -22.54
N TYR F 86 -19.08 12.09 -23.66
CA TYR F 86 -19.61 13.43 -23.95
C TYR F 86 -21.06 13.59 -23.51
N SER F 87 -21.62 12.52 -22.94
CA SER F 87 -23.04 12.47 -22.58
C SER F 87 -23.38 13.45 -21.46
N GLY F 88 -22.41 13.79 -20.61
CA GLY F 88 -22.69 14.63 -19.46
C GLY F 88 -23.42 13.89 -18.33
N GLN F 89 -23.42 12.54 -18.36
CA GLN F 89 -24.03 11.72 -17.31
C GLN F 89 -23.07 10.63 -16.79
N VAL F 90 -21.79 10.82 -17.07
CA VAL F 90 -20.76 9.94 -16.55
C VAL F 90 -20.37 10.51 -15.18
N TRP F 91 -21.10 10.07 -14.16
CA TRP F 91 -21.00 10.68 -12.83
C TRP F 91 -19.58 10.54 -12.31
N MET F 92 -18.93 9.44 -12.65
CA MET F 92 -17.57 9.16 -12.19
C MET F 92 -16.56 10.15 -12.73
N GLU F 93 -16.93 10.87 -13.77
CA GLU F 93 -16.05 11.84 -14.39
C GLU F 93 -16.50 13.27 -14.09
N ASP F 94 -17.31 13.44 -13.04
CA ASP F 94 -17.69 14.76 -12.58
C ASP F 94 -17.54 14.85 -11.04
N PRO F 95 -16.55 15.63 -10.55
CA PRO F 95 -15.44 16.30 -11.27
C PRO F 95 -14.61 15.31 -12.10
N PRO F 96 -13.83 15.79 -13.09
CA PRO F 96 -13.09 14.84 -13.92
C PRO F 96 -11.81 14.23 -13.30
N SER F 97 -11.41 13.06 -13.79
CA SER F 97 -10.19 12.40 -13.31
C SER F 97 -8.98 12.91 -14.09
N LYS F 98 -7.82 12.40 -13.74
CA LYS F 98 -6.59 12.73 -14.47
C LYS F 98 -6.00 11.44 -15.02
N ILE F 99 -5.32 11.56 -16.17
CA ILE F 99 -4.61 10.40 -16.72
C ILE F 99 -3.32 10.95 -17.31
N ARG F 100 -2.24 10.21 -17.19
CA ARG F 100 -0.99 10.65 -17.83
C ARG F 100 -0.27 9.39 -18.33
N TYR F 101 0.21 9.43 -19.59
CA TYR F 101 0.78 8.28 -20.26
C TYR F 101 2.26 8.48 -20.49
N PHE F 102 3.04 7.46 -20.13
CA PHE F 102 4.47 7.50 -20.34
C PHE F 102 4.79 6.44 -21.37
N VAL F 103 5.10 6.90 -22.57
CA VAL F 103 5.34 6.04 -23.75
C VAL F 103 6.82 5.99 -24.01
N SER F 104 7.34 4.79 -24.13
CA SER F 104 8.77 4.60 -24.35
C SER F 104 9.01 3.35 -25.21
N ASN F 105 10.26 3.19 -25.61
CA ASN F 105 10.66 2.02 -26.39
C ASN F 105 9.92 1.92 -27.70
N VAL F 106 9.64 3.07 -28.32
CA VAL F 106 8.99 3.10 -29.65
C VAL F 106 9.99 2.55 -30.70
N GLU F 107 9.61 1.45 -31.31
CA GLU F 107 10.41 0.83 -32.38
C GLU F 107 9.46 0.58 -33.56
N ALA F 108 9.73 1.26 -34.69
CA ALA F 108 8.94 1.09 -35.93
C ALA F 108 9.74 0.37 -37.03
N PHE F 109 8.99 -0.38 -37.83
CA PHE F 109 9.54 -1.28 -38.83
C PHE F 109 8.74 -1.11 -40.10
N GLU F 110 9.46 -1.14 -41.23
CA GLU F 110 8.83 -1.13 -42.54
C GLU F 110 7.97 -2.39 -42.70
N ALA F 111 6.72 -2.20 -43.08
CA ALA F 111 5.80 -3.33 -43.30
C ALA F 111 5.58 -3.47 -44.81
N GLU F 112 4.37 -3.83 -45.23
CA GLU F 112 4.09 -3.87 -46.67
C GLU F 112 3.28 -2.64 -47.05
N ASN F 113 3.46 -2.17 -48.29
CA ASN F 113 2.64 -1.10 -48.87
C ASN F 113 2.80 0.25 -48.16
N GLY F 114 4.04 0.54 -47.76
CA GLY F 114 4.36 1.79 -47.03
C GLY F 114 3.81 1.92 -45.60
N GLU F 115 3.13 0.89 -45.11
CA GLU F 115 2.65 0.82 -43.73
C GLU F 115 3.78 0.52 -42.74
N LEU F 116 3.55 0.82 -41.46
CA LEU F 116 4.55 0.66 -40.40
C LEU F 116 4.02 -0.25 -39.31
N ASP F 117 4.85 -1.20 -38.86
CA ASP F 117 4.59 -1.96 -37.65
C ASP F 117 5.37 -1.28 -36.53
N VAL F 118 4.66 -0.89 -35.47
CA VAL F 118 5.28 -0.12 -34.39
C VAL F 118 5.03 -0.77 -33.01
N LEU F 119 6.11 -0.94 -32.25
CA LEU F 119 6.01 -1.47 -30.91
C LEU F 119 6.26 -0.35 -29.92
N SER F 120 5.59 -0.39 -28.76
CA SER F 120 5.92 0.59 -27.71
C SER F 120 5.54 0.04 -26.35
N ASN F 121 6.14 0.64 -25.32
CA ASN F 121 5.84 0.34 -23.90
C ASN F 121 4.98 1.50 -23.42
N ILE F 122 3.92 1.22 -22.66
CA ILE F 122 3.09 2.30 -22.09
C ILE F 122 2.92 2.08 -20.60
N LEU F 123 3.11 3.17 -19.85
CA LEU F 123 2.83 3.23 -18.41
C LEU F 123 1.73 4.27 -18.24
N VAL F 124 0.61 3.87 -17.65
CA VAL F 124 -0.55 4.76 -17.55
C VAL F 124 -0.78 5.03 -16.07
N TYR F 125 -0.74 6.31 -15.69
CA TYR F 125 -0.94 6.76 -14.30
C TYR F 125 -2.28 7.44 -14.24
N ARG F 126 -3.20 6.88 -13.45
CA ARG F 126 -4.49 7.49 -13.26
C ARG F 126 -4.71 7.98 -11.84
N ASN F 127 -5.26 9.20 -11.73
CA ASN F 127 -5.68 9.77 -10.44
C ASN F 127 -7.11 10.24 -10.55
N ARG F 128 -7.88 10.09 -9.48
CA ARG F 128 -9.23 10.64 -9.43
C ARG F 128 -9.64 10.91 -7.96
N ARG F 129 -10.66 11.74 -7.80
CA ARG F 129 -11.22 12.06 -6.46
C ARG F 129 -10.08 12.57 -5.59
N GLN F 130 -9.98 12.13 -4.33
CA GLN F 130 -9.02 12.72 -3.42
C GLN F 130 -7.70 11.98 -3.41
N THR F 131 -7.74 10.68 -3.13
CA THR F 131 -6.55 9.85 -2.93
C THR F 131 -6.48 8.62 -3.86
N GLU F 132 -7.38 8.49 -4.83
CA GLU F 132 -7.35 7.29 -5.71
C GLU F 132 -6.25 7.37 -6.76
N VAL F 133 -5.48 6.31 -6.88
CA VAL F 133 -4.34 6.29 -7.82
C VAL F 133 -4.23 4.87 -8.33
N THR F 134 -4.20 4.71 -9.65
CA THR F 134 -4.01 3.37 -10.18
C THR F 134 -2.98 3.44 -11.31
N VAL F 135 -2.29 2.34 -11.55
CA VAL F 135 -1.18 2.31 -12.53
C VAL F 135 -1.28 1.01 -13.37
N HIS F 136 -1.10 1.14 -14.69
CA HIS F 136 -1.13 0.01 -15.61
C HIS F 136 0.08 0.12 -16.51
N THR F 137 0.62 -1.05 -16.87
CA THR F 137 1.72 -1.13 -17.85
C THR F 137 1.28 -2.13 -18.90
N LEU F 138 1.55 -1.79 -20.16
CA LEU F 138 1.10 -2.59 -21.25
C LEU F 138 2.14 -2.53 -22.36
N GLY F 139 2.17 -3.58 -23.17
CA GLY F 139 2.78 -3.46 -24.49
C GLY F 139 1.77 -3.07 -25.57
N ARG F 140 2.20 -2.30 -26.56
CA ARG F 140 1.33 -1.88 -27.66
C ARG F 140 1.96 -2.27 -28.98
N GLU F 141 1.15 -2.89 -29.83
CA GLU F 141 1.61 -3.35 -31.17
C GLU F 141 0.66 -2.74 -32.20
N ASP F 142 1.15 -1.73 -32.92
CA ASP F 142 0.33 -0.97 -33.86
C ASP F 142 0.71 -1.30 -35.30
N LYS F 143 -0.25 -1.13 -36.19
CA LYS F 143 0.01 -0.90 -37.60
C LYS F 143 -0.48 0.49 -37.90
N LEU F 144 0.43 1.31 -38.41
CA LEU F 144 0.12 2.69 -38.77
C LEU F 144 0.16 2.87 -40.30
N ARG F 145 -0.64 3.80 -40.82
CA ARG F 145 -0.49 4.22 -42.21
C ARG F 145 -0.38 5.71 -42.31
N GLN F 146 0.31 6.17 -43.34
CA GLN F 146 0.44 7.58 -43.66
C GLN F 146 -0.92 8.22 -43.81
N ASP F 147 -1.05 9.42 -43.25
CA ASP F 147 -2.25 10.22 -43.43
C ASP F 147 -1.72 11.63 -43.56
N GLY F 148 -1.28 11.95 -44.78
CA GLY F 148 -0.34 13.02 -45.01
C GLY F 148 -0.91 14.33 -44.57
N ASN F 149 -0.20 15.03 -43.68
CA ASN F 149 1.11 14.62 -43.17
C ASN F 149 0.96 14.31 -41.69
N GLY F 150 1.25 13.07 -41.32
CA GLY F 150 0.89 12.46 -40.04
C GLY F 150 0.60 11.00 -40.28
N PHE F 151 -0.06 10.34 -39.31
CA PHE F 151 -0.41 8.90 -39.38
C PHE F 151 -1.83 8.63 -38.84
N LYS F 152 -2.37 7.46 -39.19
CA LYS F 152 -3.56 6.93 -38.53
C LYS F 152 -3.25 5.50 -38.14
N VAL F 153 -3.76 5.03 -37.00
CA VAL F 153 -3.57 3.64 -36.60
C VAL F 153 -4.72 2.80 -37.17
N PHE F 154 -4.38 1.71 -37.86
CA PHE F 154 -5.42 0.84 -38.37
C PHE F 154 -5.45 -0.54 -37.70
N ARG F 155 -4.39 -0.88 -36.98
CA ARG F 155 -4.43 -2.04 -36.08
C ARG F 155 -3.78 -1.66 -34.75
N ARG F 156 -4.44 -1.98 -33.65
CA ARG F 156 -3.85 -1.69 -32.33
C ARG F 156 -4.12 -2.82 -31.42
N LYS F 157 -3.04 -3.47 -30.98
CA LYS F 157 -3.12 -4.56 -30.05
C LYS F 157 -2.45 -4.20 -28.72
N LEU F 158 -3.19 -4.33 -27.63
CA LEU F 158 -2.74 -3.90 -26.28
C LEU F 158 -2.60 -5.07 -25.34
N ILE F 159 -1.39 -5.24 -24.78
CA ILE F 159 -1.06 -6.43 -24.00
C ILE F 159 -0.81 -5.99 -22.57
N LEU F 160 -1.79 -6.26 -21.70
CA LEU F 160 -1.73 -5.89 -20.30
C LEU F 160 -0.77 -6.75 -19.53
N ASP F 161 0.02 -6.16 -18.64
CA ASP F 161 0.92 -6.93 -17.81
C ASP F 161 0.28 -7.70 -16.65
N ALA F 162 -0.86 -7.24 -16.14
CA ALA F 162 -1.36 -7.86 -14.92
C ALA F 162 -2.55 -8.77 -15.20
N ARG F 163 -2.52 -9.96 -14.62
CA ARG F 163 -3.62 -10.90 -14.82
C ARG F 163 -4.92 -10.43 -14.12
N VAL F 164 -4.78 -9.95 -12.88
CA VAL F 164 -5.88 -9.33 -12.11
C VAL F 164 -5.64 -7.80 -12.10
N THR F 165 -6.58 -7.07 -12.66
CA THR F 165 -6.54 -5.62 -12.83
C THR F 165 -6.84 -5.00 -11.46
N GLN F 166 -5.94 -4.14 -10.99
CA GLN F 166 -6.09 -3.48 -9.69
C GLN F 166 -6.58 -2.06 -9.94
N ASP F 167 -7.75 -1.97 -10.57
CA ASP F 167 -8.40 -0.73 -10.88
C ASP F 167 -9.90 -1.05 -10.96
N LYS F 168 -10.74 -0.05 -10.66
CA LYS F 168 -12.20 -0.17 -10.85
C LYS F 168 -12.55 -0.51 -12.27
N ASN F 169 -11.77 0.01 -13.20
CA ASN F 169 -12.09 -0.22 -14.63
C ASN F 169 -10.85 -0.09 -15.52
N LEU F 170 -11.03 -0.43 -16.79
CA LEU F 170 -10.03 -0.21 -17.82
C LEU F 170 -10.58 0.73 -18.87
N TYR F 171 -11.32 1.75 -18.41
CA TYR F 171 -12.00 2.66 -19.33
C TYR F 171 -11.20 3.90 -19.73
N PHE F 172 -10.12 3.65 -20.47
CA PHE F 172 -9.22 4.66 -21.00
C PHE F 172 -8.63 4.14 -22.30
N PHE F 173 -8.36 5.06 -23.21
CA PHE F 173 -7.77 4.66 -24.49
C PHE F 173 -6.27 4.64 -24.42
N CYS F 174 -5.68 3.82 -25.28
CA CYS F 174 -4.25 3.67 -25.42
C CYS F 174 -3.94 3.63 -26.89
#